data_8F6C
#
_entry.id   8F6C
#
_cell.length_a   1.00
_cell.length_b   1.00
_cell.length_c   1.00
_cell.angle_alpha   90.00
_cell.angle_beta   90.00
_cell.angle_gamma   90.00
#
_symmetry.space_group_name_H-M   'P 1'
#
loop_
_entity.id
_entity.type
_entity.pdbx_description
1 polymer 'Cytochrome bo(3) ubiquinol oxidase subunit 1'
2 polymer 'Cytochrome bo(3) ubiquinol oxidase subunit 2'
3 polymer 'Cytochrome bo(3) ubiquinol oxidase subunit 3'
4 polymer 'Cytochrome bo(3) ubiquinol oxidase subunit 4'
5 non-polymer 'PROTOPORPHYRIN IX CONTAINING FE'
6 non-polymer 'HEME O'
7 non-polymer 'COPPER (II) ION'
8 non-polymer 1,2-Distearoyl-sn-glycerophosphoethanolamine
#
loop_
_entity_poly.entity_id
_entity_poly.type
_entity_poly.pdbx_seq_one_letter_code
_entity_poly.pdbx_strand_id
1 'polypeptide(L)'
;MFGKLSLDAVPFHEPIVMVTIAGIILGGLALVGLITYFGKWTYLWKEWLTSVDHKRLGIMYIIVAIVMLLRGFADAIMMR
SQQALASAGEAGFLPPHHYDQIFTAHGVIMIFFVAMPFVIGLMNLVVPLQIGARDVAFPFLNNLSFWFTVVGVILVNVSL
GVGEFAQTGWLAYPPLSGIEYSPGVGVDYWIWSLQLSGIGTTLTGINFFVTILKMRAPGMTMFKMPVFTWASLCANVLII
ASFPILTVTVALLTLDRYLGTHFFTNDMGGNMMMYINLIWAWGHPEVYILILPVFGVFSEIAATFSRKRLFGYTSLVWAT
VCITVLSFIVWLHHFFTMGAGANVNAFFGITTMIIAIPTGVKIFNWLFTMYQGRIVFHSAMLWTIGFIVTFSVGGMTGVL
LAVPGADFVLHNSLFLIAHFHNVIIGGVVFGCFAGMTYWWPKAFGFKLNETWGKRAFWFWIIGFFVAFMPLYALGFMGMT
RRLSQQIDPQFHTMLMIAASGAVLIALGILCLVIQMYVSIRDRDQNRDLTGDPWGGRTLEWATSSPPPFYNFAVVPHVHE
RDAFWEMKEKGEAYKKPDHYEEIHMPKNSGAGIVIAAFSTIFGFAMIWHIWWLAIVGFAGMIITWIVKSFDEDVDYYVPV
AEIEKLENQHFDEITKAG
;
A,E
2 'polypeptide(L)'
;GCNSALLDPKGQIGLEQRSLILTAFGLMLIVVIPAILMAVGFAWKYRASNKDAKYSPNWSHSNKVEAVVWTVPILIIIFL
AVLTWKTTHALEPSKPLAHDEKPITIEVVSMDWKWFFIYPEQGIATVNEIAFPANTPVYFKVTSNSVMNSFFIPRLGSQI
YAMAGMQTRLHLIANEPGTYDGISASYSGPGFSGMKFKAIATPDRAAFDQWVAKAKQSPNTMSDMAAFEKLAAPSEYNQV
EYFSNVKPDLFADVINKFMA
;
B,F
3 'polypeptide(L)'
;AGGTKIFGFWIYLMSDCILFSILFATYAVLVNGTAGGPTGKDIFELPFVLVETFLLLFSSITYGMAAIAMYKNNKSQVIS
WLALTWLFGAGFIGMEIYEFHHLIVNGMGPDRSGFLSAFFALVGTHGLHVTSGLIWMAVLMVQIARRGLTSTNRTRIMCL
SLFWHFLDVVWICVFTVVYLMGAM
;
C,G
4 'polypeptide(L)'
;SVKTYMTGFILSIILTVIPFWMVMTGAASPAVILGTILAMAVVQVLVHLVCFLHMNTKSDEGWNMTAFVFTVLIIAILVV
GSIWIMWNLNYNMMMH
;
D,H
#
# COMPACT_ATOMS: atom_id res chain seq x y z
N MET A 1 26.67 32.24 -39.96
CA MET A 1 27.77 32.72 -40.86
C MET A 1 28.97 31.77 -40.80
N PHE A 2 29.17 31.11 -39.66
CA PHE A 2 30.20 30.06 -39.45
C PHE A 2 29.50 28.71 -39.22
N GLY A 3 30.28 27.67 -38.90
CA GLY A 3 29.76 26.31 -38.62
C GLY A 3 29.15 25.66 -39.85
N LYS A 4 28.16 24.79 -39.66
CA LYS A 4 27.53 23.99 -40.75
C LYS A 4 26.63 24.87 -41.62
N LEU A 5 26.22 26.06 -41.15
CA LEU A 5 25.29 26.96 -41.89
C LEU A 5 25.95 27.42 -43.18
N SER A 6 25.21 27.34 -44.30
CA SER A 6 25.67 27.74 -45.66
C SER A 6 24.45 28.02 -46.54
N LEU A 7 24.68 28.31 -47.83
CA LEU A 7 23.62 28.53 -48.85
C LEU A 7 22.90 27.20 -49.15
N ASP A 8 23.54 26.06 -48.85
CA ASP A 8 23.00 24.70 -49.13
C ASP A 8 22.06 24.24 -48.01
N ALA A 9 22.00 24.97 -46.89
CA ALA A 9 21.15 24.63 -45.71
C ALA A 9 19.66 24.90 -46.03
N VAL A 10 19.34 25.78 -46.99
CA VAL A 10 17.94 26.09 -47.39
C VAL A 10 17.59 25.24 -48.61
N PRO A 11 16.45 24.49 -48.59
CA PRO A 11 16.07 23.64 -49.71
C PRO A 11 15.47 24.41 -50.90
N PHE A 12 16.32 24.87 -51.81
CA PHE A 12 15.93 25.59 -53.06
C PHE A 12 15.06 24.68 -53.93
N HIS A 13 15.49 23.43 -54.12
CA HIS A 13 14.92 22.47 -55.11
C HIS A 13 13.50 22.06 -54.73
N GLU A 14 13.26 21.71 -53.46
CA GLU A 14 11.98 21.12 -53.00
C GLU A 14 10.90 22.20 -53.03
N PRO A 15 9.83 22.04 -53.86
CA PRO A 15 8.79 23.06 -54.00
C PRO A 15 7.85 23.22 -52.79
N ILE A 16 7.50 22.11 -52.12
CA ILE A 16 6.46 22.07 -51.04
C ILE A 16 6.95 22.93 -49.88
N VAL A 17 8.18 22.68 -49.41
CA VAL A 17 8.81 23.43 -48.28
C VAL A 17 8.94 24.91 -48.67
N MET A 18 9.32 25.21 -49.91
CA MET A 18 9.53 26.61 -50.39
C MET A 18 8.18 27.35 -50.39
N VAL A 19 7.10 26.73 -50.86
CA VAL A 19 5.76 27.38 -50.91
C VAL A 19 5.25 27.55 -49.46
N THR A 20 5.55 26.61 -48.56
CA THR A 20 5.20 26.71 -47.12
C THR A 20 5.93 27.91 -46.51
N ILE A 21 7.23 28.04 -46.77
CA ILE A 21 8.09 29.16 -46.26
C ILE A 21 7.53 30.48 -46.81
N ALA A 22 7.18 30.53 -48.10
CA ALA A 22 6.63 31.72 -48.78
C ALA A 22 5.32 32.13 -48.09
N GLY A 23 4.42 31.16 -47.85
CA GLY A 23 3.15 31.37 -47.13
C GLY A 23 3.38 32.00 -45.77
N ILE A 24 4.26 31.39 -44.97
CA ILE A 24 4.57 31.83 -43.57
C ILE A 24 5.16 33.25 -43.62
N ILE A 25 6.12 33.51 -44.50
CA ILE A 25 6.88 34.80 -44.53
C ILE A 25 5.95 35.92 -45.02
N LEU A 26 5.09 35.65 -46.02
CA LEU A 26 4.11 36.65 -46.53
C LEU A 26 3.06 36.93 -45.44
N GLY A 27 2.61 35.89 -44.72
CA GLY A 27 1.71 36.03 -43.55
C GLY A 27 2.30 36.95 -42.50
N GLY A 28 3.55 36.70 -42.11
CA GLY A 28 4.31 37.51 -41.15
C GLY A 28 4.45 38.95 -41.61
N LEU A 29 4.84 39.15 -42.88
CA LEU A 29 5.03 40.50 -43.48
C LEU A 29 3.69 41.26 -43.47
N ALA A 30 2.59 40.60 -43.83
CA ALA A 30 1.23 41.20 -43.88
C ALA A 30 0.82 41.61 -42.45
N LEU A 31 1.05 40.74 -41.46
CA LEU A 31 0.71 41.01 -40.03
C LEU A 31 1.52 42.24 -39.55
N VAL A 32 2.82 42.28 -39.85
CA VAL A 32 3.74 43.40 -39.46
C VAL A 32 3.23 44.68 -40.11
N GLY A 33 2.89 44.63 -41.41
CA GLY A 33 2.34 45.76 -42.18
C GLY A 33 1.08 46.30 -41.56
N LEU A 34 0.13 45.42 -41.23
CA LEU A 34 -1.16 45.79 -40.60
C LEU A 34 -0.91 46.46 -39.24
N ILE A 35 -0.03 45.88 -38.41
CA ILE A 35 0.31 46.41 -37.06
C ILE A 35 0.91 47.81 -37.22
N THR A 36 1.85 47.99 -38.14
CA THR A 36 2.53 49.29 -38.44
C THR A 36 1.48 50.30 -38.89
N TYR A 37 0.59 49.92 -39.81
CA TYR A 37 -0.46 50.80 -40.40
C TYR A 37 -1.40 51.29 -39.29
N PHE A 38 -1.84 50.40 -38.39
CA PHE A 38 -2.74 50.75 -37.27
C PHE A 38 -1.96 51.42 -36.13
N GLY A 39 -0.62 51.30 -36.12
CA GLY A 39 0.26 51.92 -35.12
C GLY A 39 -0.02 51.41 -33.72
N LYS A 40 -0.15 50.09 -33.56
CA LYS A 40 -0.45 49.44 -32.25
C LYS A 40 0.80 48.77 -31.69
N TRP A 41 2.00 49.11 -32.20
CA TRP A 41 3.30 48.57 -31.71
C TRP A 41 3.47 48.90 -30.22
N THR A 42 3.28 50.16 -29.85
CA THR A 42 3.42 50.67 -28.46
C THR A 42 2.42 49.94 -27.55
N TYR A 43 1.15 49.86 -27.95
CA TYR A 43 0.08 49.25 -27.12
C TYR A 43 0.45 47.80 -26.81
N LEU A 44 0.85 47.03 -27.83
CA LEU A 44 1.23 45.60 -27.66
C LEU A 44 2.44 45.52 -26.73
N TRP A 45 3.42 46.42 -26.89
CA TRP A 45 4.69 46.37 -26.11
C TRP A 45 4.41 46.55 -24.61
N LYS A 46 3.56 47.51 -24.23
CA LYS A 46 3.38 47.88 -22.80
C LYS A 46 2.20 47.10 -22.18
N GLU A 47 1.31 46.51 -22.98
CA GLU A 47 0.06 45.89 -22.44
C GLU A 47 -0.01 44.39 -22.75
N TRP A 48 0.68 43.88 -23.77
CA TRP A 48 0.57 42.46 -24.18
C TRP A 48 1.94 41.76 -24.19
N LEU A 49 2.91 42.26 -24.96
CA LEU A 49 4.24 41.62 -25.13
C LEU A 49 4.96 41.49 -23.79
N THR A 50 4.84 42.48 -22.90
CA THR A 50 5.58 42.52 -21.62
C THR A 50 4.58 42.75 -20.47
N SER A 51 3.67 41.80 -20.24
CA SER A 51 2.64 41.90 -19.18
C SER A 51 2.84 40.76 -18.18
N VAL A 52 3.09 41.10 -16.91
CA VAL A 52 3.10 40.12 -15.79
C VAL A 52 1.70 39.51 -15.65
N ASP A 53 0.64 40.30 -15.90
CA ASP A 53 -0.77 39.90 -15.77
C ASP A 53 -0.98 38.46 -16.29
N HIS A 54 -1.72 37.66 -15.54
CA HIS A 54 -1.98 36.23 -15.82
C HIS A 54 -2.96 36.08 -17.00
N LYS A 55 -3.99 36.93 -17.08
CA LYS A 55 -5.06 36.84 -18.11
C LYS A 55 -4.45 37.02 -19.51
N ARG A 56 -3.59 38.04 -19.67
CA ARG A 56 -2.91 38.36 -20.96
C ARG A 56 -2.06 37.17 -21.39
N LEU A 57 -1.26 36.61 -20.47
CA LEU A 57 -0.34 35.48 -20.78
C LEU A 57 -1.17 34.24 -21.15
N GLY A 58 -2.30 34.02 -20.48
CA GLY A 58 -3.26 32.95 -20.81
C GLY A 58 -3.79 33.09 -22.23
N ILE A 59 -4.27 34.29 -22.59
CA ILE A 59 -4.83 34.61 -23.94
C ILE A 59 -3.72 34.40 -24.98
N MET A 60 -2.47 34.75 -24.66
CA MET A 60 -1.33 34.67 -25.60
C MET A 60 -0.93 33.20 -25.79
N TYR A 61 -1.00 32.37 -24.73
CA TYR A 61 -0.87 30.90 -24.82
C TYR A 61 -1.95 30.35 -25.76
N ILE A 62 -3.20 30.81 -25.63
CA ILE A 62 -4.34 30.35 -26.47
C ILE A 62 -4.02 30.71 -27.93
N ILE A 63 -3.53 31.93 -28.19
CA ILE A 63 -3.19 32.42 -29.55
C ILE A 63 -2.10 31.50 -30.15
N VAL A 64 -1.03 31.25 -29.39
CA VAL A 64 0.14 30.41 -29.84
C VAL A 64 -0.37 29.00 -30.17
N ALA A 65 -1.17 28.41 -29.28
CA ALA A 65 -1.72 27.04 -29.45
C ALA A 65 -2.57 26.98 -30.72
N ILE A 66 -3.45 27.96 -30.93
CA ILE A 66 -4.38 28.01 -32.10
C ILE A 66 -3.54 28.10 -33.39
N VAL A 67 -2.54 28.99 -33.44
CA VAL A 67 -1.75 29.22 -34.68
C VAL A 67 -0.89 27.99 -34.98
N MET A 68 -0.42 27.27 -33.94
CA MET A 68 0.40 26.04 -34.12
C MET A 68 -0.51 24.87 -34.52
N LEU A 69 -1.78 24.87 -34.10
CA LEU A 69 -2.77 23.81 -34.47
C LEU A 69 -2.90 23.76 -36.00
N LEU A 70 -2.87 24.91 -36.67
CA LEU A 70 -3.00 25.02 -38.15
C LEU A 70 -1.85 24.25 -38.82
N ARG A 71 -0.61 24.49 -38.36
CA ARG A 71 0.62 23.83 -38.90
C ARG A 71 0.54 22.33 -38.63
N GLY A 72 0.17 21.93 -37.40
CA GLY A 72 0.02 20.52 -37.00
C GLY A 72 -0.98 19.81 -37.91
N PHE A 73 -2.14 20.42 -38.12
CA PHE A 73 -3.23 19.81 -38.92
C PHE A 73 -2.86 19.78 -40.40
N ALA A 74 -2.08 20.76 -40.88
CA ALA A 74 -1.56 20.78 -42.28
C ALA A 74 -0.64 19.56 -42.46
N ASP A 75 0.24 19.29 -41.50
CA ASP A 75 1.13 18.10 -41.49
C ASP A 75 0.26 16.83 -41.49
N ALA A 76 -0.80 16.79 -40.68
CA ALA A 76 -1.73 15.64 -40.59
C ALA A 76 -2.37 15.39 -41.97
N ILE A 77 -2.88 16.44 -42.62
CA ILE A 77 -3.52 16.36 -43.97
C ILE A 77 -2.49 15.81 -44.97
N MET A 78 -1.26 16.34 -44.95
CA MET A 78 -0.19 15.93 -45.90
C MET A 78 0.12 14.45 -45.73
N MET A 79 0.26 13.99 -44.48
CA MET A 79 0.55 12.56 -44.17
C MET A 79 -0.59 11.68 -44.67
N ARG A 80 -1.85 12.07 -44.39
CA ARG A 80 -3.04 11.26 -44.73
C ARG A 80 -3.14 11.15 -46.26
N SER A 81 -2.92 12.26 -46.97
CA SER A 81 -2.93 12.32 -48.46
C SER A 81 -1.83 11.40 -49.02
N GLN A 82 -0.62 11.47 -48.45
CA GLN A 82 0.54 10.64 -48.89
C GLN A 82 0.18 9.16 -48.71
N GLN A 83 -0.39 8.79 -47.55
CA GLN A 83 -0.77 7.38 -47.23
C GLN A 83 -1.83 6.91 -48.23
N ALA A 84 -2.85 7.75 -48.50
CA ALA A 84 -3.96 7.43 -49.43
C ALA A 84 -3.41 7.19 -50.84
N LEU A 85 -2.50 8.03 -51.31
CA LEU A 85 -1.90 7.91 -52.67
C LEU A 85 -0.98 6.68 -52.72
N ALA A 86 -0.20 6.42 -51.67
CA ALA A 86 0.75 5.28 -51.62
C ALA A 86 -0.01 3.95 -51.59
N SER A 87 -1.20 3.91 -50.99
CA SER A 87 -2.04 2.69 -50.88
C SER A 87 -2.53 2.25 -52.28
N ALA A 88 -2.71 3.19 -53.20
CA ALA A 88 -3.24 2.93 -54.57
C ALA A 88 -2.11 2.50 -55.53
N GLY A 89 -0.96 2.05 -54.99
CA GLY A 89 0.21 1.60 -55.77
C GLY A 89 0.86 2.74 -56.54
N GLU A 90 0.78 3.98 -56.02
CA GLU A 90 1.42 5.18 -56.63
C GLU A 90 2.64 5.59 -55.80
N ALA A 91 3.63 6.20 -56.44
CA ALA A 91 4.87 6.72 -55.81
C ALA A 91 4.52 7.84 -54.81
N GLY A 92 3.39 8.53 -55.00
CA GLY A 92 2.96 9.64 -54.14
C GLY A 92 3.78 10.90 -54.41
N PHE A 93 3.67 11.89 -53.52
CA PHE A 93 4.31 13.22 -53.67
C PHE A 93 5.25 13.53 -52.49
N LEU A 94 5.32 12.66 -51.48
CA LEU A 94 6.19 12.87 -50.30
C LEU A 94 7.23 11.75 -50.23
N PRO A 95 8.51 12.03 -50.57
CA PRO A 95 9.60 11.08 -50.33
C PRO A 95 9.74 10.78 -48.83
N PRO A 96 10.25 9.59 -48.44
CA PRO A 96 10.48 9.26 -47.03
C PRO A 96 11.29 10.32 -46.28
N HIS A 97 12.31 10.89 -46.94
CA HIS A 97 13.16 11.98 -46.41
C HIS A 97 12.30 13.14 -45.89
N HIS A 98 11.15 13.41 -46.53
CA HIS A 98 10.22 14.51 -46.13
C HIS A 98 9.13 13.98 -45.20
N TYR A 99 8.62 12.77 -45.42
CA TYR A 99 7.53 12.15 -44.62
C TYR A 99 7.99 12.00 -43.16
N ASP A 100 9.24 11.58 -42.95
CA ASP A 100 9.82 11.35 -41.60
C ASP A 100 9.87 12.68 -40.86
N GLN A 101 10.44 13.71 -41.50
CA GLN A 101 10.46 15.11 -40.98
C GLN A 101 9.04 15.52 -40.59
N ILE A 102 8.07 15.29 -41.49
CA ILE A 102 6.68 15.79 -41.34
C ILE A 102 6.05 15.14 -40.09
N PHE A 103 6.12 13.82 -39.94
CA PHE A 103 5.42 13.12 -38.82
C PHE A 103 6.11 13.46 -37.50
N THR A 104 7.45 13.54 -37.48
CA THR A 104 8.22 13.89 -36.26
C THR A 104 7.81 15.31 -35.82
N ALA A 105 7.85 16.28 -36.75
CA ALA A 105 7.53 17.70 -36.48
C ALA A 105 6.06 17.81 -36.01
N HIS A 106 5.16 17.07 -36.68
CA HIS A 106 3.71 17.06 -36.35
C HIS A 106 3.52 16.60 -34.89
N GLY A 107 4.12 15.47 -34.52
CA GLY A 107 4.06 14.91 -33.16
C GLY A 107 4.54 15.91 -32.13
N VAL A 108 5.74 16.47 -32.36
CA VAL A 108 6.42 17.42 -31.44
C VAL A 108 5.53 18.65 -31.27
N ILE A 109 5.06 19.25 -32.37
CA ILE A 109 4.23 20.49 -32.35
C ILE A 109 2.92 20.21 -31.60
N MET A 110 2.23 19.14 -31.96
CA MET A 110 0.86 18.86 -31.46
C MET A 110 0.91 18.45 -29.98
N ILE A 111 2.03 17.90 -29.49
CA ILE A 111 2.17 17.53 -28.05
C ILE A 111 2.68 18.75 -27.26
N PHE A 112 3.78 19.38 -27.67
CA PHE A 112 4.50 20.38 -26.84
C PHE A 112 3.96 21.80 -27.07
N PHE A 113 3.44 22.11 -28.26
CA PHE A 113 3.14 23.51 -28.67
C PHE A 113 1.68 23.69 -29.10
N VAL A 114 0.80 22.72 -28.85
CA VAL A 114 -0.66 22.87 -29.13
C VAL A 114 -1.47 22.56 -27.86
N ALA A 115 -1.22 21.41 -27.22
CA ALA A 115 -1.98 20.93 -26.03
C ALA A 115 -1.54 21.71 -24.79
N MET A 116 -0.24 21.66 -24.45
CA MET A 116 0.31 22.26 -23.21
C MET A 116 0.11 23.77 -23.21
N PRO A 117 0.44 24.52 -24.29
CA PRO A 117 0.17 25.97 -24.31
C PRO A 117 -1.30 26.31 -24.03
N PHE A 118 -2.23 25.59 -24.67
CA PHE A 118 -3.69 25.86 -24.52
C PHE A 118 -4.12 25.59 -23.08
N VAL A 119 -3.70 24.44 -22.52
CA VAL A 119 -4.06 24.00 -21.13
C VAL A 119 -3.52 25.03 -20.13
N ILE A 120 -2.24 25.41 -20.26
CA ILE A 120 -1.57 26.36 -19.34
C ILE A 120 -2.18 27.75 -19.54
N GLY A 121 -2.59 28.09 -20.77
CA GLY A 121 -3.38 29.30 -21.06
C GLY A 121 -4.65 29.37 -20.23
N LEU A 122 -5.42 28.27 -20.22
CA LEU A 122 -6.67 28.15 -19.44
C LEU A 122 -6.34 28.31 -17.95
N MET A 123 -5.27 27.67 -17.47
CA MET A 123 -4.84 27.77 -16.04
C MET A 123 -4.55 29.24 -15.70
N ASN A 124 -3.68 29.89 -16.46
CA ASN A 124 -3.31 31.32 -16.25
C ASN A 124 -4.58 32.20 -16.30
N LEU A 125 -5.55 31.85 -17.15
CA LEU A 125 -6.76 32.67 -17.36
C LEU A 125 -7.66 32.62 -16.12
N VAL A 126 -7.89 31.43 -15.53
CA VAL A 126 -9.00 31.22 -14.56
C VAL A 126 -8.49 30.90 -13.14
N VAL A 127 -7.38 30.16 -12.99
CA VAL A 127 -6.93 29.62 -11.66
C VAL A 127 -6.73 30.77 -10.68
N PRO A 128 -5.99 31.86 -11.00
CA PRO A 128 -5.86 32.98 -10.07
C PRO A 128 -7.21 33.64 -9.72
N LEU A 129 -8.14 33.72 -10.68
CA LEU A 129 -9.50 34.29 -10.47
C LEU A 129 -10.31 33.39 -9.53
N GLN A 130 -10.25 32.07 -9.72
CA GLN A 130 -11.07 31.08 -8.96
C GLN A 130 -10.67 31.09 -7.48
N ILE A 131 -9.37 31.10 -7.18
CA ILE A 131 -8.83 31.04 -5.79
C ILE A 131 -9.02 32.40 -5.09
N GLY A 132 -9.43 33.43 -5.82
CA GLY A 132 -9.69 34.79 -5.27
C GLY A 132 -8.41 35.57 -5.04
N ALA A 133 -7.36 35.31 -5.84
CA ALA A 133 -6.07 36.04 -5.79
C ALA A 133 -6.08 37.14 -6.86
N ARG A 134 -5.19 38.13 -6.71
CA ARG A 134 -5.04 39.28 -7.63
C ARG A 134 -4.11 38.92 -8.79
N ASP A 135 -3.06 38.14 -8.53
CA ASP A 135 -2.11 37.66 -9.57
C ASP A 135 -1.52 36.31 -9.12
N VAL A 136 -0.49 35.83 -9.82
CA VAL A 136 0.27 34.59 -9.49
C VAL A 136 1.43 34.95 -8.55
N ALA A 137 2.03 33.93 -7.92
CA ALA A 137 3.14 34.09 -6.94
C ALA A 137 4.33 34.78 -7.61
N PHE A 138 4.67 34.38 -8.84
CA PHE A 138 5.87 34.89 -9.57
C PHE A 138 5.43 35.36 -10.97
N PRO A 139 4.92 36.61 -11.11
CA PRO A 139 4.47 37.11 -12.41
C PRO A 139 5.56 37.14 -13.50
N PHE A 140 6.73 37.70 -13.19
CA PHE A 140 7.88 37.78 -14.13
C PHE A 140 8.29 36.37 -14.57
N LEU A 141 8.24 35.39 -13.65
CA LEU A 141 8.54 33.97 -13.96
C LEU A 141 7.54 33.46 -15.00
N ASN A 142 6.25 33.83 -14.86
CA ASN A 142 5.18 33.44 -15.81
C ASN A 142 5.49 34.03 -17.19
N ASN A 143 5.87 35.32 -17.24
CA ASN A 143 6.22 36.02 -18.50
C ASN A 143 7.41 35.32 -19.17
N LEU A 144 8.43 34.99 -18.38
CA LEU A 144 9.67 34.31 -18.86
C LEU A 144 9.31 32.93 -19.41
N SER A 145 8.42 32.20 -18.72
CA SER A 145 7.93 30.86 -19.13
C SER A 145 7.25 30.97 -20.49
N PHE A 146 6.37 31.97 -20.66
CA PHE A 146 5.67 32.22 -21.94
C PHE A 146 6.70 32.41 -23.05
N TRP A 147 7.70 33.25 -22.80
CA TRP A 147 8.71 33.62 -23.84
C TRP A 147 9.59 32.43 -24.16
N PHE A 148 9.89 31.56 -23.19
CA PHE A 148 10.68 30.31 -23.41
C PHE A 148 9.88 29.36 -24.32
N THR A 149 8.57 29.22 -24.08
CA THR A 149 7.65 28.41 -24.93
C THR A 149 7.67 28.99 -26.35
N VAL A 150 7.58 30.31 -26.49
CA VAL A 150 7.61 31.03 -27.80
C VAL A 150 8.95 30.75 -28.48
N VAL A 151 10.05 30.71 -27.73
CA VAL A 151 11.42 30.42 -28.28
C VAL A 151 11.41 29.01 -28.89
N GLY A 152 10.88 28.02 -28.15
CA GLY A 152 10.73 26.64 -28.64
C GLY A 152 9.96 26.59 -29.94
N VAL A 153 8.82 27.29 -29.99
CA VAL A 153 7.93 27.40 -31.19
C VAL A 153 8.74 27.99 -32.35
N ILE A 154 9.46 29.08 -32.11
CA ILE A 154 10.27 29.80 -33.14
C ILE A 154 11.32 28.84 -33.71
N LEU A 155 12.03 28.10 -32.84
CA LEU A 155 13.09 27.14 -33.27
C LEU A 155 12.47 26.06 -34.15
N VAL A 156 11.32 25.50 -33.75
CA VAL A 156 10.64 24.42 -34.51
C VAL A 156 10.24 24.95 -35.90
N ASN A 157 9.65 26.15 -35.97
CA ASN A 157 9.19 26.75 -37.26
C ASN A 157 10.41 27.05 -38.15
N VAL A 158 11.48 27.63 -37.60
CA VAL A 158 12.67 28.05 -38.38
C VAL A 158 13.44 26.81 -38.84
N SER A 159 13.24 25.65 -38.20
CA SER A 159 13.83 24.36 -38.64
C SER A 159 13.43 24.07 -40.09
N LEU A 160 12.19 24.37 -40.48
CA LEU A 160 11.69 24.21 -41.87
C LEU A 160 12.46 25.17 -42.79
N GLY A 161 12.58 26.44 -42.39
CA GLY A 161 13.21 27.52 -43.19
C GLY A 161 14.66 27.20 -43.55
N VAL A 162 15.47 26.84 -42.56
CA VAL A 162 16.93 26.58 -42.70
C VAL A 162 17.24 25.21 -42.11
N GLY A 163 18.02 24.40 -42.84
CA GLY A 163 18.32 22.99 -42.49
C GLY A 163 17.08 22.12 -42.56
N GLU A 164 17.04 21.05 -41.75
CA GLU A 164 15.94 20.06 -41.73
C GLU A 164 15.52 19.82 -40.28
N PHE A 165 14.45 19.03 -40.08
CA PHE A 165 13.98 18.61 -38.74
C PHE A 165 14.33 17.14 -38.52
N ALA A 166 14.20 16.68 -37.26
CA ALA A 166 14.51 15.31 -36.82
C ALA A 166 13.68 14.29 -37.62
N GLN A 167 14.28 13.15 -37.97
CA GLN A 167 13.62 12.07 -38.74
C GLN A 167 13.70 10.78 -37.90
N THR A 168 13.39 10.87 -36.61
CA THR A 168 13.60 9.77 -35.63
C THR A 168 12.34 9.56 -34.79
N GLY A 169 11.19 10.07 -35.21
CA GLY A 169 9.95 10.09 -34.41
C GLY A 169 9.95 11.22 -33.39
N TRP A 170 8.80 11.45 -32.75
CA TRP A 170 8.59 12.61 -31.85
C TRP A 170 9.32 12.44 -30.51
N LEU A 171 9.88 11.26 -30.22
CA LEU A 171 10.63 11.03 -28.95
C LEU A 171 12.12 10.78 -29.21
N ALA A 172 12.55 10.61 -30.46
CA ALA A 172 13.97 10.48 -30.87
C ALA A 172 14.64 9.35 -30.09
N TYR A 173 14.24 8.10 -30.38
CA TYR A 173 14.87 6.88 -29.79
C TYR A 173 16.37 6.90 -30.10
N PRO A 174 17.21 6.46 -29.12
CA PRO A 174 18.65 6.73 -29.16
C PRO A 174 19.38 6.27 -30.44
N PRO A 175 19.31 4.98 -30.86
CA PRO A 175 20.26 4.48 -31.85
C PRO A 175 20.09 5.18 -33.20
N LEU A 176 18.85 5.54 -33.56
CA LEU A 176 18.53 6.29 -34.80
C LEU A 176 18.94 7.75 -34.63
N SER A 177 18.68 8.33 -33.45
CA SER A 177 18.91 9.77 -33.14
C SER A 177 20.36 10.01 -32.71
N GLY A 178 21.19 8.96 -32.68
CA GLY A 178 22.64 9.05 -32.42
C GLY A 178 23.39 9.80 -33.53
N ILE A 179 24.62 10.22 -33.25
CA ILE A 179 25.48 10.96 -34.21
C ILE A 179 25.91 10.03 -35.36
N GLU A 180 25.94 8.71 -35.14
CA GLU A 180 26.39 7.71 -36.16
C GLU A 180 25.33 7.56 -37.26
N TYR A 181 24.05 7.54 -36.90
CA TYR A 181 22.94 7.18 -37.83
C TYR A 181 22.10 8.41 -38.22
N SER A 182 22.24 9.54 -37.52
CA SER A 182 21.55 10.82 -37.86
C SER A 182 22.58 11.95 -37.87
N PRO A 183 23.40 12.08 -38.94
CA PRO A 183 24.37 13.16 -39.04
C PRO A 183 23.77 14.56 -39.23
N GLY A 184 22.46 14.64 -39.53
CA GLY A 184 21.72 15.91 -39.77
C GLY A 184 21.61 16.75 -38.52
N VAL A 185 21.13 17.99 -38.68
CA VAL A 185 21.01 19.01 -37.59
C VAL A 185 19.58 19.02 -37.02
N GLY A 186 18.67 18.24 -37.60
CA GLY A 186 17.26 18.14 -37.18
C GLY A 186 17.13 17.73 -35.72
N VAL A 187 17.92 16.74 -35.29
CA VAL A 187 17.88 16.19 -33.90
C VAL A 187 18.32 17.31 -32.94
N ASP A 188 19.26 18.17 -33.36
CA ASP A 188 19.72 19.33 -32.56
C ASP A 188 18.55 20.31 -32.39
N TYR A 189 17.78 20.58 -33.46
CA TYR A 189 16.56 21.42 -33.41
C TYR A 189 15.61 20.86 -32.34
N TRP A 190 15.30 19.56 -32.44
CA TRP A 190 14.43 18.81 -31.50
C TRP A 190 14.96 18.98 -30.08
N ILE A 191 16.25 18.73 -29.86
CA ILE A 191 16.92 18.78 -28.53
C ILE A 191 16.67 20.15 -27.89
N TRP A 192 17.06 21.22 -28.60
CA TRP A 192 17.12 22.58 -27.99
C TRP A 192 15.71 23.14 -27.81
N SER A 193 14.83 22.91 -28.79
CA SER A 193 13.39 23.27 -28.70
C SER A 193 12.80 22.68 -27.41
N LEU A 194 12.93 21.36 -27.23
CA LEU A 194 12.31 20.64 -26.09
C LEU A 194 13.00 21.06 -24.79
N GLN A 195 14.32 21.30 -24.80
CA GLN A 195 15.07 21.73 -23.58
C GLN A 195 14.51 23.05 -23.06
N LEU A 196 14.42 24.07 -23.94
CA LEU A 196 13.99 25.43 -23.54
C LEU A 196 12.50 25.40 -23.16
N SER A 197 11.67 24.69 -23.93
CA SER A 197 10.22 24.51 -23.63
C SER A 197 10.06 23.85 -22.25
N GLY A 198 10.88 22.83 -21.96
CA GLY A 198 10.87 22.10 -20.67
C GLY A 198 11.23 23.01 -19.52
N ILE A 199 12.25 23.86 -19.69
CA ILE A 199 12.68 24.85 -18.66
C ILE A 199 11.47 25.77 -18.37
N GLY A 200 10.84 26.32 -19.42
CA GLY A 200 9.64 27.17 -19.31
C GLY A 200 8.53 26.48 -18.54
N THR A 201 8.23 25.22 -18.89
CA THR A 201 7.12 24.43 -18.31
C THR A 201 7.41 24.14 -16.83
N THR A 202 8.67 23.83 -16.49
CA THR A 202 9.08 23.56 -15.07
C THR A 202 8.84 24.82 -14.24
N LEU A 203 9.25 25.99 -14.75
CA LEU A 203 9.05 27.30 -14.07
C LEU A 203 7.55 27.55 -13.88
N THR A 204 6.74 27.28 -14.91
CA THR A 204 5.26 27.42 -14.86
C THR A 204 4.68 26.53 -13.75
N GLY A 205 5.10 25.26 -13.71
CA GLY A 205 4.66 24.28 -12.70
C GLY A 205 4.92 24.77 -11.29
N ILE A 206 6.15 25.22 -11.03
CA ILE A 206 6.58 25.73 -9.70
C ILE A 206 5.70 26.95 -9.36
N ASN A 207 5.53 27.86 -10.31
CA ASN A 207 4.77 29.13 -10.13
C ASN A 207 3.34 28.80 -9.68
N PHE A 208 2.64 27.95 -10.44
CA PHE A 208 1.21 27.60 -10.17
C PHE A 208 1.10 26.84 -8.85
N PHE A 209 2.02 25.90 -8.58
CA PHE A 209 1.99 25.07 -7.34
C PHE A 209 2.08 25.98 -6.12
N VAL A 210 2.96 26.99 -6.16
CA VAL A 210 3.13 27.97 -5.05
C VAL A 210 1.89 28.86 -4.98
N THR A 211 1.39 29.33 -6.13
CA THR A 211 0.24 30.28 -6.21
C THR A 211 -1.00 29.65 -5.55
N ILE A 212 -1.33 28.41 -5.93
CA ILE A 212 -2.57 27.71 -5.47
C ILE A 212 -2.53 27.56 -3.95
N LEU A 213 -1.42 27.09 -3.38
CA LEU A 213 -1.32 26.79 -1.92
C LEU A 213 -1.24 28.09 -1.11
N LYS A 214 -0.44 29.07 -1.55
CA LYS A 214 -0.01 30.21 -0.68
C LYS A 214 -0.96 31.40 -0.81
N MET A 215 -1.57 31.64 -1.98
CA MET A 215 -2.33 32.89 -2.27
C MET A 215 -3.83 32.59 -2.41
N ARG A 216 -4.38 31.68 -1.61
CA ARG A 216 -5.84 31.41 -1.55
C ARG A 216 -6.52 32.55 -0.80
N ALA A 217 -7.75 32.88 -1.20
CA ALA A 217 -8.62 33.87 -0.53
C ALA A 217 -8.88 33.41 0.91
N PRO A 218 -8.86 34.32 1.92
CA PRO A 218 -9.08 33.93 3.31
C PRO A 218 -10.45 33.28 3.53
N GLY A 219 -10.48 32.22 4.34
CA GLY A 219 -11.70 31.45 4.66
C GLY A 219 -11.97 30.33 3.66
N MET A 220 -11.18 30.24 2.57
CA MET A 220 -11.29 29.15 1.57
C MET A 220 -10.28 28.05 1.92
N THR A 221 -10.73 27.01 2.62
CA THR A 221 -9.89 25.82 2.98
C THR A 221 -9.62 25.02 1.71
N MET A 222 -8.75 24.01 1.80
CA MET A 222 -8.33 23.16 0.65
C MET A 222 -9.56 22.44 0.07
N PHE A 223 -10.44 21.90 0.93
CA PHE A 223 -11.63 21.11 0.51
C PHE A 223 -12.82 22.03 0.18
N LYS A 224 -12.60 23.33 -0.05
CA LYS A 224 -13.65 24.27 -0.51
C LYS A 224 -13.27 24.90 -1.86
N MET A 225 -12.11 24.54 -2.45
CA MET A 225 -11.67 25.09 -3.76
C MET A 225 -12.55 24.52 -4.87
N PRO A 226 -12.73 25.23 -6.00
CA PRO A 226 -13.32 24.63 -7.19
C PRO A 226 -12.47 23.46 -7.72
N VAL A 227 -13.11 22.48 -8.36
CA VAL A 227 -12.48 21.20 -8.77
C VAL A 227 -11.37 21.49 -9.78
N PHE A 228 -11.55 22.49 -10.65
CA PHE A 228 -10.53 22.86 -11.68
C PHE A 228 -9.22 23.26 -10.99
N THR A 229 -9.29 23.97 -9.86
CA THR A 229 -8.08 24.37 -9.07
C THR A 229 -7.39 23.11 -8.54
N TRP A 230 -8.16 22.12 -8.06
CA TRP A 230 -7.63 20.80 -7.61
C TRP A 230 -6.88 20.12 -8.77
N ALA A 231 -7.52 20.04 -9.93
CA ALA A 231 -6.97 19.38 -11.14
C ALA A 231 -5.68 20.11 -11.58
N SER A 232 -5.70 21.44 -11.56
CA SER A 232 -4.54 22.30 -11.92
C SER A 232 -3.38 22.03 -10.95
N LEU A 233 -3.66 21.97 -9.65
CA LEU A 233 -2.66 21.71 -8.59
C LEU A 233 -2.01 20.34 -8.86
N CYS A 234 -2.82 19.32 -9.13
CA CYS A 234 -2.36 17.93 -9.43
C CYS A 234 -1.46 17.95 -10.68
N ALA A 235 -1.89 18.64 -11.75
CA ALA A 235 -1.16 18.75 -13.03
C ALA A 235 0.20 19.43 -12.79
N ASN A 236 0.24 20.47 -11.96
CA ASN A 236 1.47 21.24 -11.66
C ASN A 236 2.41 20.38 -10.82
N VAL A 237 1.87 19.59 -9.88
CA VAL A 237 2.66 18.59 -9.08
C VAL A 237 3.33 17.62 -10.07
N LEU A 238 2.56 17.11 -11.04
CA LEU A 238 3.07 16.18 -12.08
C LEU A 238 4.18 16.88 -12.89
N ILE A 239 3.98 18.14 -13.27
CA ILE A 239 4.98 18.92 -14.08
C ILE A 239 6.28 18.98 -13.28
N ILE A 240 6.22 19.42 -12.03
CA ILE A 240 7.42 19.60 -11.14
C ILE A 240 8.14 18.25 -11.00
N ALA A 241 7.40 17.17 -10.75
CA ALA A 241 7.98 15.83 -10.45
C ALA A 241 8.42 15.11 -11.74
N SER A 242 8.04 15.58 -12.92
CA SER A 242 8.23 14.85 -14.21
C SER A 242 9.29 15.53 -15.10
N PHE A 243 9.17 16.85 -15.34
CA PHE A 243 9.92 17.57 -16.41
C PHE A 243 11.44 17.49 -16.21
N PRO A 244 11.98 17.48 -14.97
CA PRO A 244 13.41 17.17 -14.78
C PRO A 244 13.91 15.90 -15.48
N ILE A 245 13.08 14.86 -15.54
CA ILE A 245 13.42 13.56 -16.21
C ILE A 245 13.68 13.86 -17.69
N LEU A 246 12.77 14.61 -18.34
CA LEU A 246 12.93 15.03 -19.77
C LEU A 246 14.21 15.85 -19.92
N THR A 247 14.43 16.83 -19.04
CA THR A 247 15.61 17.74 -19.10
C THR A 247 16.88 16.90 -19.08
N VAL A 248 17.00 15.97 -18.11
CA VAL A 248 18.21 15.12 -17.91
C VAL A 248 18.38 14.22 -19.14
N THR A 249 17.29 13.62 -19.64
CA THR A 249 17.32 12.64 -20.75
C THR A 249 17.83 13.35 -22.02
N VAL A 250 17.28 14.53 -22.32
CA VAL A 250 17.65 15.31 -23.54
C VAL A 250 19.09 15.81 -23.37
N ALA A 251 19.49 16.20 -22.15
CA ALA A 251 20.86 16.65 -21.84
C ALA A 251 21.85 15.49 -22.10
N LEU A 252 21.50 14.27 -21.69
CA LEU A 252 22.35 13.07 -21.91
C LEU A 252 22.48 12.79 -23.41
N LEU A 253 21.37 12.86 -24.16
CA LEU A 253 21.37 12.59 -25.62
C LEU A 253 22.24 13.65 -26.32
N THR A 254 22.14 14.92 -25.93
CA THR A 254 22.89 16.03 -26.57
C THR A 254 24.37 15.93 -26.17
N LEU A 255 24.69 15.43 -24.97
CA LEU A 255 26.09 15.12 -24.57
C LEU A 255 26.64 14.04 -25.51
N ASP A 256 25.83 13.00 -25.79
CA ASP A 256 26.20 11.89 -26.71
C ASP A 256 26.44 12.47 -28.11
N ARG A 257 25.58 13.39 -28.56
CA ARG A 257 25.64 13.94 -29.94
C ARG A 257 26.80 14.93 -30.10
N TYR A 258 27.18 15.66 -29.06
CA TYR A 258 28.15 16.79 -29.16
C TYR A 258 29.57 16.33 -28.75
N LEU A 259 29.73 15.80 -27.53
CA LEU A 259 31.05 15.45 -26.95
C LEU A 259 31.44 14.00 -27.28
N GLY A 260 30.60 13.28 -28.04
CA GLY A 260 30.88 11.91 -28.50
C GLY A 260 30.99 10.91 -27.36
N THR A 261 30.16 11.08 -26.33
CA THR A 261 30.08 10.17 -25.15
C THR A 261 29.37 8.88 -25.57
N HIS A 262 29.16 7.94 -24.64
CA HIS A 262 28.59 6.60 -24.92
C HIS A 262 27.48 6.27 -23.92
N PHE A 263 26.54 7.19 -23.72
CA PHE A 263 25.36 6.97 -22.84
C PHE A 263 24.42 5.93 -23.49
N PHE A 264 24.06 6.15 -24.75
CA PHE A 264 23.00 5.37 -25.44
C PHE A 264 23.51 4.79 -26.77
N THR A 265 24.81 4.85 -27.05
CA THR A 265 25.42 4.23 -28.26
C THR A 265 25.32 2.71 -28.15
N ASN A 266 25.30 2.02 -29.29
CA ASN A 266 25.19 0.55 -29.38
C ASN A 266 26.56 -0.10 -29.11
N ASP A 267 27.62 0.68 -28.93
CA ASP A 267 29.01 0.16 -28.74
C ASP A 267 29.69 0.88 -27.58
N MET A 268 30.86 0.37 -27.18
CA MET A 268 31.69 0.91 -26.07
C MET A 268 30.88 0.91 -24.77
N GLY A 269 30.06 -0.14 -24.58
CA GLY A 269 29.31 -0.42 -23.34
C GLY A 269 28.15 0.53 -23.07
N GLY A 270 27.71 1.29 -24.07
CA GLY A 270 26.52 2.16 -23.96
C GLY A 270 25.25 1.32 -23.84
N ASN A 271 24.32 1.74 -22.98
CA ASN A 271 23.02 1.04 -22.75
C ASN A 271 21.91 1.88 -23.38
N MET A 272 21.54 1.55 -24.63
CA MET A 272 20.55 2.30 -25.44
C MET A 272 19.17 2.24 -24.75
N MET A 273 18.77 1.06 -24.26
CA MET A 273 17.43 0.81 -23.66
C MET A 273 17.15 1.87 -22.57
N MET A 274 18.18 2.24 -21.81
CA MET A 274 18.10 3.25 -20.71
C MET A 274 17.28 4.45 -21.18
N TYR A 275 17.67 5.08 -22.30
CA TYR A 275 17.00 6.29 -22.84
C TYR A 275 15.49 6.04 -22.86
N ILE A 276 15.05 4.97 -23.51
CA ILE A 276 13.60 4.65 -23.70
C ILE A 276 12.95 4.71 -22.31
N ASN A 277 13.47 3.94 -21.36
CA ASN A 277 12.96 3.90 -19.96
C ASN A 277 12.81 5.34 -19.47
N LEU A 278 13.92 6.11 -19.47
CA LEU A 278 13.94 7.50 -18.94
C LEU A 278 12.83 8.31 -19.65
N ILE A 279 12.78 8.29 -20.98
CA ILE A 279 11.83 9.15 -21.74
C ILE A 279 10.41 8.75 -21.32
N TRP A 280 10.13 7.45 -21.21
CA TRP A 280 8.77 6.98 -20.83
C TRP A 280 8.52 7.23 -19.35
N ALA A 281 9.57 7.20 -18.51
CA ALA A 281 9.49 7.62 -17.09
C ALA A 281 8.96 9.06 -17.04
N TRP A 282 9.33 9.89 -18.02
CA TRP A 282 8.77 11.25 -18.20
C TRP A 282 7.49 11.19 -19.05
N GLY A 283 7.43 10.28 -20.02
CA GLY A 283 6.42 10.25 -21.09
C GLY A 283 5.00 10.14 -20.56
N HIS A 284 4.75 9.20 -19.64
CA HIS A 284 3.38 8.85 -19.21
C HIS A 284 2.79 9.90 -18.26
N PRO A 285 3.54 10.45 -17.27
CA PRO A 285 3.02 11.60 -16.51
C PRO A 285 2.57 12.77 -17.39
N GLU A 286 3.31 13.06 -18.47
CA GLU A 286 3.04 14.17 -19.41
C GLU A 286 1.56 14.11 -19.84
N VAL A 287 1.07 12.93 -20.24
CA VAL A 287 -0.30 12.79 -20.83
C VAL A 287 -1.33 13.16 -19.76
N TYR A 288 -1.09 12.84 -18.48
CA TYR A 288 -1.99 13.19 -17.37
C TYR A 288 -1.95 14.71 -17.14
N ILE A 289 -0.78 15.32 -17.32
CA ILE A 289 -0.63 16.81 -17.31
C ILE A 289 -1.60 17.39 -18.36
N LEU A 290 -1.77 16.71 -19.50
CA LEU A 290 -2.70 17.15 -20.57
C LEU A 290 -4.15 16.86 -20.19
N ILE A 291 -4.43 15.79 -19.41
CA ILE A 291 -5.83 15.29 -19.22
C ILE A 291 -6.43 15.74 -17.88
N LEU A 292 -5.63 16.14 -16.90
CA LEU A 292 -6.17 16.46 -15.53
C LEU A 292 -6.91 17.79 -15.57
N PRO A 293 -6.31 18.92 -16.04
CA PRO A 293 -7.03 20.20 -16.07
C PRO A 293 -8.35 20.15 -16.85
N VAL A 294 -8.36 19.52 -18.03
CA VAL A 294 -9.57 19.44 -18.91
C VAL A 294 -10.70 18.75 -18.13
N PHE A 295 -10.40 17.69 -17.36
CA PHE A 295 -11.37 17.03 -16.45
C PHE A 295 -12.03 18.11 -15.57
N GLY A 296 -11.21 18.89 -14.86
CA GLY A 296 -11.67 20.05 -14.07
C GLY A 296 -12.62 20.93 -14.86
N VAL A 297 -12.21 21.33 -16.07
CA VAL A 297 -13.03 22.18 -16.97
C VAL A 297 -14.42 21.54 -17.09
N PHE A 298 -14.47 20.26 -17.47
CA PHE A 298 -15.75 19.52 -17.68
C PHE A 298 -16.55 19.56 -16.37
N SER A 299 -15.92 19.25 -15.23
CA SER A 299 -16.55 19.34 -13.89
C SER A 299 -17.21 20.72 -13.75
N GLU A 300 -16.45 21.79 -13.98
CA GLU A 300 -16.95 23.18 -13.90
C GLU A 300 -18.18 23.31 -14.82
N ILE A 301 -18.05 22.90 -16.08
CA ILE A 301 -19.16 22.97 -17.08
C ILE A 301 -20.33 22.13 -16.55
N ALA A 302 -20.07 20.92 -16.08
CA ALA A 302 -21.10 20.00 -15.52
C ALA A 302 -21.85 20.72 -14.39
N ALA A 303 -21.14 21.51 -13.58
CA ALA A 303 -21.74 22.31 -12.48
C ALA A 303 -22.58 23.44 -13.07
N THR A 304 -22.06 24.16 -14.07
CA THR A 304 -22.66 25.42 -14.59
C THR A 304 -23.95 25.13 -15.36
N PHE A 305 -23.94 24.16 -16.28
CA PHE A 305 -25.00 23.98 -17.31
C PHE A 305 -26.08 23.00 -16.85
N SER A 306 -25.81 22.13 -15.87
CA SER A 306 -26.82 21.22 -15.28
C SER A 306 -27.69 21.98 -14.28
N ARG A 307 -27.31 23.20 -13.88
CA ARG A 307 -28.08 24.10 -12.98
C ARG A 307 -28.28 23.40 -11.63
N LYS A 308 -27.30 22.62 -11.17
CA LYS A 308 -27.33 21.90 -9.88
C LYS A 308 -25.90 21.69 -9.36
N ARG A 309 -25.75 21.49 -8.06
CA ARG A 309 -24.43 21.30 -7.38
C ARG A 309 -23.76 20.04 -7.94
N LEU A 310 -22.44 20.10 -8.13
CA LEU A 310 -21.61 18.98 -8.66
C LEU A 310 -21.69 17.80 -7.68
N PHE A 311 -21.74 16.59 -8.23
CA PHE A 311 -21.93 15.32 -7.46
C PHE A 311 -20.56 14.73 -7.11
N GLY A 312 -20.40 14.33 -5.84
CA GLY A 312 -19.21 13.59 -5.33
C GLY A 312 -17.94 14.42 -5.43
N TYR A 313 -17.95 15.63 -4.86
CA TYR A 313 -16.78 16.55 -4.81
C TYR A 313 -15.60 15.83 -4.14
N THR A 314 -15.84 15.22 -2.98
CA THR A 314 -14.82 14.47 -2.20
C THR A 314 -14.29 13.31 -3.06
N SER A 315 -15.20 12.57 -3.70
CA SER A 315 -14.86 11.42 -4.58
C SER A 315 -14.01 11.91 -5.75
N LEU A 316 -14.37 13.04 -6.36
CA LEU A 316 -13.63 13.63 -7.53
C LEU A 316 -12.21 14.01 -7.10
N VAL A 317 -12.06 14.70 -5.97
CA VAL A 317 -10.73 15.22 -5.51
C VAL A 317 -9.85 14.03 -5.12
N TRP A 318 -10.41 13.01 -4.44
CA TRP A 318 -9.66 11.78 -4.07
C TRP A 318 -9.28 11.00 -5.33
N ALA A 319 -10.14 10.97 -6.35
CA ALA A 319 -9.88 10.29 -7.64
C ALA A 319 -8.70 10.96 -8.36
N THR A 320 -8.67 12.30 -8.41
CA THR A 320 -7.60 13.05 -9.12
C THR A 320 -6.29 12.89 -8.35
N VAL A 321 -6.33 12.87 -7.01
CA VAL A 321 -5.13 12.63 -6.15
C VAL A 321 -4.62 11.22 -6.42
N CYS A 322 -5.50 10.22 -6.50
CA CYS A 322 -5.15 8.81 -6.79
C CYS A 322 -4.48 8.72 -8.16
N ILE A 323 -5.02 9.41 -9.16
CA ILE A 323 -4.46 9.46 -10.55
C ILE A 323 -3.04 10.04 -10.48
N THR A 324 -2.85 11.15 -9.75
CA THR A 324 -1.54 11.83 -9.59
C THR A 324 -0.54 10.85 -8.96
N VAL A 325 -0.94 10.11 -7.93
CA VAL A 325 -0.06 9.15 -7.20
C VAL A 325 0.30 7.99 -8.15
N LEU A 326 -0.69 7.44 -8.86
CA LEU A 326 -0.53 6.21 -9.69
C LEU A 326 0.21 6.50 -11.00
N SER A 327 0.29 7.77 -11.45
CA SER A 327 0.85 8.13 -12.78
C SER A 327 2.38 8.09 -12.79
N PHE A 328 3.04 7.57 -11.74
CA PHE A 328 4.52 7.47 -11.66
C PHE A 328 5.01 6.02 -11.68
N ILE A 329 4.11 5.02 -11.59
CA ILE A 329 4.51 3.60 -11.36
C ILE A 329 4.00 2.72 -12.51
N VAL A 330 3.77 3.30 -13.68
CA VAL A 330 3.03 2.62 -14.79
C VAL A 330 3.75 2.76 -16.14
N TRP A 331 4.88 3.47 -16.21
CA TRP A 331 5.48 3.92 -17.51
C TRP A 331 5.91 2.72 -18.36
N LEU A 332 6.35 1.61 -17.75
CA LEU A 332 6.87 0.42 -18.49
C LEU A 332 5.83 -0.11 -19.48
N HIS A 333 4.53 0.16 -19.26
CA HIS A 333 3.44 -0.29 -20.17
C HIS A 333 3.65 0.22 -21.60
N HIS A 334 4.62 1.11 -21.83
CA HIS A 334 4.96 1.61 -23.19
C HIS A 334 5.83 0.62 -23.97
N PHE A 335 6.54 -0.32 -23.32
CA PHE A 335 7.50 -1.23 -24.01
C PHE A 335 7.46 -2.63 -23.42
N PHE A 336 6.27 -3.22 -23.30
CA PHE A 336 6.08 -4.66 -22.96
C PHE A 336 6.83 -5.55 -23.97
N THR A 337 6.97 -5.08 -25.21
CA THR A 337 7.62 -5.82 -26.33
C THR A 337 9.15 -5.63 -26.29
N MET A 338 9.70 -4.90 -25.32
CA MET A 338 11.18 -4.75 -25.12
C MET A 338 11.79 -6.13 -24.82
N GLY A 339 11.08 -6.96 -24.05
CA GLY A 339 11.47 -8.34 -23.70
C GLY A 339 11.77 -8.52 -22.21
N ALA A 340 11.24 -7.66 -21.34
CA ALA A 340 11.38 -7.77 -19.87
C ALA A 340 10.66 -9.02 -19.37
N GLY A 341 11.06 -9.53 -18.21
CA GLY A 341 10.51 -10.75 -17.56
C GLY A 341 9.00 -10.70 -17.41
N ALA A 342 8.36 -11.87 -17.35
CA ALA A 342 6.90 -12.05 -17.18
C ALA A 342 6.41 -11.31 -15.92
N ASN A 343 7.18 -11.38 -14.84
CA ASN A 343 6.86 -10.75 -13.52
C ASN A 343 6.69 -9.23 -13.72
N VAL A 344 7.67 -8.59 -14.34
CA VAL A 344 7.72 -7.10 -14.50
C VAL A 344 6.56 -6.68 -15.41
N ASN A 345 6.38 -7.37 -16.55
CA ASN A 345 5.30 -7.07 -17.53
C ASN A 345 3.94 -7.19 -16.84
N ALA A 346 3.70 -8.29 -16.11
CA ALA A 346 2.42 -8.56 -15.42
C ALA A 346 2.16 -7.46 -14.37
N PHE A 347 3.16 -7.13 -13.56
CA PHE A 347 3.05 -6.11 -12.48
C PHE A 347 2.68 -4.75 -13.08
N PHE A 348 3.40 -4.32 -14.13
CA PHE A 348 3.21 -3.00 -14.76
C PHE A 348 1.84 -2.97 -15.49
N GLY A 349 1.44 -4.09 -16.10
CA GLY A 349 0.10 -4.24 -16.70
C GLY A 349 -1.00 -4.03 -15.68
N ILE A 350 -0.88 -4.71 -14.53
CA ILE A 350 -1.89 -4.65 -13.41
C ILE A 350 -1.97 -3.20 -12.90
N THR A 351 -0.83 -2.57 -12.64
CA THR A 351 -0.78 -1.19 -12.06
C THR A 351 -1.28 -0.17 -13.09
N THR A 352 -1.08 -0.41 -14.39
CA THR A 352 -1.62 0.46 -15.47
C THR A 352 -3.13 0.29 -15.53
N MET A 353 -3.62 -0.94 -15.30
CA MET A 353 -5.08 -1.24 -15.29
C MET A 353 -5.73 -0.56 -14.07
N ILE A 354 -5.03 -0.49 -12.93
CA ILE A 354 -5.58 0.03 -11.64
C ILE A 354 -6.02 1.50 -11.82
N ILE A 355 -5.22 2.32 -12.52
CA ILE A 355 -5.46 3.79 -12.66
C ILE A 355 -6.78 4.04 -13.43
N ALA A 356 -7.35 3.04 -14.08
CA ALA A 356 -8.64 3.13 -14.81
C ALA A 356 -9.80 3.45 -13.84
N ILE A 357 -9.74 3.00 -12.59
CA ILE A 357 -10.88 3.09 -11.63
C ILE A 357 -11.21 4.55 -11.33
N PRO A 358 -10.24 5.41 -10.90
CA PRO A 358 -10.56 6.81 -10.62
C PRO A 358 -11.17 7.59 -11.80
N THR A 359 -10.70 7.34 -13.02
CA THR A 359 -11.21 8.00 -14.26
C THR A 359 -12.67 7.61 -14.45
N GLY A 360 -12.99 6.32 -14.29
CA GLY A 360 -14.36 5.80 -14.33
C GLY A 360 -15.24 6.45 -13.28
N VAL A 361 -14.72 6.59 -12.05
CA VAL A 361 -15.42 7.24 -10.92
C VAL A 361 -15.75 8.68 -11.34
N LYS A 362 -14.78 9.41 -11.91
CA LYS A 362 -14.96 10.83 -12.35
C LYS A 362 -16.04 10.91 -13.42
N ILE A 363 -16.02 9.99 -14.40
CA ILE A 363 -17.02 9.96 -15.52
C ILE A 363 -18.42 9.74 -14.92
N PHE A 364 -18.54 8.81 -13.98
CA PHE A 364 -19.84 8.47 -13.32
C PHE A 364 -20.31 9.65 -12.48
N ASN A 365 -19.40 10.38 -11.81
CA ASN A 365 -19.74 11.59 -11.01
C ASN A 365 -20.32 12.65 -11.96
N TRP A 366 -19.73 12.85 -13.14
CA TRP A 366 -20.26 13.79 -14.17
C TRP A 366 -21.64 13.33 -14.63
N LEU A 367 -21.81 12.03 -14.89
CA LEU A 367 -23.10 11.44 -15.36
C LEU A 367 -24.19 11.70 -14.32
N PHE A 368 -23.89 11.50 -13.03
CA PHE A 368 -24.86 11.70 -11.92
C PHE A 368 -25.00 13.19 -11.60
N THR A 369 -24.06 14.04 -12.03
CA THR A 369 -24.22 15.52 -12.00
C THR A 369 -25.27 15.91 -13.04
N MET A 370 -25.37 15.17 -14.14
CA MET A 370 -26.39 15.38 -15.20
C MET A 370 -27.67 14.61 -14.86
N TYR A 371 -27.76 13.94 -13.70
CA TYR A 371 -28.81 12.94 -13.39
C TYR A 371 -30.19 13.62 -13.38
N GLN A 372 -30.43 14.53 -12.44
CA GLN A 372 -31.76 15.18 -12.23
C GLN A 372 -31.62 16.70 -12.29
N GLY A 373 -30.68 17.19 -13.11
CA GLY A 373 -30.47 18.63 -13.36
C GLY A 373 -31.23 19.10 -14.59
N ARG A 374 -31.38 20.42 -14.75
CA ARG A 374 -31.89 21.07 -15.98
C ARG A 374 -30.69 21.35 -16.90
N ILE A 375 -30.52 20.54 -17.95
CA ILE A 375 -29.38 20.61 -18.89
C ILE A 375 -29.74 21.59 -20.02
N VAL A 376 -28.88 22.58 -20.25
CA VAL A 376 -28.99 23.52 -21.40
C VAL A 376 -28.00 23.08 -22.48
N PHE A 377 -28.48 22.81 -23.70
CA PHE A 377 -27.65 22.36 -24.84
C PHE A 377 -26.87 23.55 -25.43
N HIS A 378 -25.96 24.11 -24.63
CA HIS A 378 -24.96 25.12 -25.09
C HIS A 378 -23.80 24.38 -25.78
N SER A 379 -22.92 25.13 -26.46
CA SER A 379 -21.70 24.60 -27.13
C SER A 379 -20.86 23.80 -26.12
N ALA A 380 -20.59 24.37 -24.94
CA ALA A 380 -19.75 23.77 -23.87
C ALA A 380 -20.35 22.43 -23.44
N MET A 381 -21.67 22.38 -23.24
CA MET A 381 -22.38 21.16 -22.77
C MET A 381 -22.30 20.08 -23.86
N LEU A 382 -22.45 20.46 -25.13
CA LEU A 382 -22.29 19.53 -26.28
C LEU A 382 -20.85 18.98 -26.28
N TRP A 383 -19.85 19.82 -26.07
CA TRP A 383 -18.43 19.42 -25.97
C TRP A 383 -18.26 18.39 -24.84
N THR A 384 -18.89 18.64 -23.68
CA THR A 384 -18.80 17.76 -22.49
C THR A 384 -19.41 16.39 -22.80
N ILE A 385 -20.60 16.36 -23.42
CA ILE A 385 -21.33 15.09 -23.74
C ILE A 385 -20.49 14.30 -24.75
N GLY A 386 -20.02 14.97 -25.81
CA GLY A 386 -19.12 14.39 -26.82
C GLY A 386 -17.86 13.82 -26.20
N PHE A 387 -17.26 14.56 -25.27
CA PHE A 387 -16.05 14.15 -24.52
C PHE A 387 -16.32 12.85 -23.77
N ILE A 388 -17.42 12.78 -23.02
CA ILE A 388 -17.79 11.58 -22.22
C ILE A 388 -17.90 10.39 -23.19
N VAL A 389 -18.69 10.53 -24.25
CA VAL A 389 -19.01 9.44 -25.22
C VAL A 389 -17.70 8.94 -25.85
N THR A 390 -16.85 9.85 -26.32
CA THR A 390 -15.58 9.52 -27.04
C THR A 390 -14.58 8.92 -26.05
N PHE A 391 -14.38 9.56 -24.89
CA PHE A 391 -13.32 9.20 -23.91
C PHE A 391 -13.61 7.83 -23.29
N SER A 392 -14.89 7.45 -23.17
CA SER A 392 -15.30 6.10 -22.68
C SER A 392 -14.71 5.02 -23.61
N VAL A 393 -14.91 5.19 -24.92
CA VAL A 393 -14.39 4.24 -25.96
C VAL A 393 -12.86 4.27 -25.94
N GLY A 394 -12.27 5.47 -25.85
CA GLY A 394 -10.81 5.67 -25.77
C GLY A 394 -10.20 4.88 -24.62
N GLY A 395 -10.78 5.05 -23.43
CA GLY A 395 -10.37 4.37 -22.19
C GLY A 395 -10.54 2.87 -22.29
N MET A 396 -11.64 2.42 -22.91
CA MET A 396 -11.92 0.98 -23.16
C MET A 396 -10.76 0.40 -23.96
N THR A 397 -10.43 1.01 -25.11
CA THR A 397 -9.34 0.58 -26.01
C THR A 397 -8.01 0.63 -25.26
N GLY A 398 -7.82 1.63 -24.39
CA GLY A 398 -6.60 1.81 -23.57
C GLY A 398 -6.38 0.66 -22.61
N VAL A 399 -7.41 0.30 -21.84
CA VAL A 399 -7.33 -0.79 -20.83
C VAL A 399 -7.16 -2.12 -21.58
N LEU A 400 -7.76 -2.25 -22.76
CA LEU A 400 -7.55 -3.42 -23.66
C LEU A 400 -6.08 -3.49 -24.06
N LEU A 401 -5.48 -2.35 -24.41
CA LEU A 401 -4.07 -2.26 -24.88
C LEU A 401 -3.11 -2.50 -23.70
N ALA A 402 -3.53 -2.17 -22.46
CA ALA A 402 -2.68 -2.25 -21.25
C ALA A 402 -2.34 -3.71 -20.91
N VAL A 403 -3.14 -4.69 -21.40
CA VAL A 403 -2.86 -6.13 -21.19
C VAL A 403 -1.66 -6.51 -22.06
N PRO A 404 -0.56 -7.05 -21.48
CA PRO A 404 0.62 -7.43 -22.26
C PRO A 404 0.35 -8.40 -23.41
N GLY A 405 -0.58 -9.35 -23.21
CA GLY A 405 -1.00 -10.32 -24.24
C GLY A 405 -1.49 -9.62 -25.49
N ALA A 406 -2.42 -8.67 -25.34
CA ALA A 406 -2.97 -7.85 -26.44
C ALA A 406 -1.88 -6.92 -26.98
N ASP A 407 -1.06 -6.35 -26.09
CA ASP A 407 0.00 -5.38 -26.44
C ASP A 407 1.07 -6.06 -27.32
N PHE A 408 1.26 -7.38 -27.19
CA PHE A 408 2.27 -8.14 -27.97
C PHE A 408 1.95 -8.11 -29.47
N VAL A 409 0.72 -7.80 -29.88
CA VAL A 409 0.38 -7.67 -31.34
C VAL A 409 -0.16 -6.27 -31.68
N LEU A 410 -0.68 -5.50 -30.70
CA LEU A 410 -1.30 -4.18 -30.97
C LEU A 410 -0.30 -3.03 -30.74
N HIS A 411 0.95 -3.33 -30.40
CA HIS A 411 2.00 -2.32 -30.10
C HIS A 411 2.54 -1.75 -31.41
N ASN A 412 2.61 -0.42 -31.52
CA ASN A 412 3.11 0.33 -32.70
C ASN A 412 2.21 0.11 -33.93
N SER A 413 1.13 -0.67 -33.80
CA SER A 413 0.10 -0.82 -34.87
C SER A 413 -0.80 0.42 -34.84
N LEU A 414 -1.59 0.61 -35.91
CA LEU A 414 -2.51 1.77 -36.04
C LEU A 414 -3.60 1.70 -34.96
N PHE A 415 -3.74 0.58 -34.25
CA PHE A 415 -4.62 0.47 -33.05
C PHE A 415 -4.10 1.41 -31.96
N LEU A 416 -2.78 1.46 -31.75
CA LEU A 416 -2.14 2.34 -30.74
C LEU A 416 -2.38 3.80 -31.12
N ILE A 417 -2.23 4.14 -32.40
CA ILE A 417 -2.42 5.54 -32.90
C ILE A 417 -3.90 5.89 -32.71
N ALA A 418 -4.81 4.96 -33.05
CA ALA A 418 -6.27 5.13 -32.85
C ALA A 418 -6.54 5.42 -31.36
N HIS A 419 -5.92 4.67 -30.44
CA HIS A 419 -6.04 4.89 -28.97
C HIS A 419 -5.62 6.33 -28.62
N PHE A 420 -4.37 6.70 -28.91
CA PHE A 420 -3.77 7.92 -28.31
C PHE A 420 -4.45 9.15 -28.94
N HIS A 421 -4.68 9.13 -30.26
CA HIS A 421 -5.45 10.19 -30.97
C HIS A 421 -6.88 10.25 -30.42
N ASN A 422 -7.50 9.10 -30.17
CA ASN A 422 -8.90 9.00 -29.68
C ASN A 422 -8.99 9.72 -28.33
N VAL A 423 -8.15 9.33 -27.38
CA VAL A 423 -8.18 9.88 -25.98
C VAL A 423 -7.77 11.36 -25.99
N ILE A 424 -6.76 11.74 -26.80
CA ILE A 424 -6.32 13.17 -26.92
C ILE A 424 -7.48 14.01 -27.45
N ILE A 425 -8.07 13.61 -28.58
CA ILE A 425 -9.16 14.40 -29.25
C ILE A 425 -10.37 14.42 -28.32
N GLY A 426 -10.69 13.29 -27.69
CA GLY A 426 -11.83 13.14 -26.76
C GLY A 426 -11.71 14.06 -25.56
N GLY A 427 -10.55 14.06 -24.90
CA GLY A 427 -10.32 14.80 -23.64
C GLY A 427 -9.74 16.18 -23.88
N VAL A 428 -8.53 16.24 -24.44
CA VAL A 428 -7.64 17.44 -24.37
C VAL A 428 -8.24 18.56 -25.23
N VAL A 429 -8.36 18.35 -26.54
CA VAL A 429 -8.81 19.42 -27.48
C VAL A 429 -10.30 19.72 -27.25
N PHE A 430 -11.10 18.73 -26.87
CA PHE A 430 -12.55 18.93 -26.55
C PHE A 430 -12.68 19.84 -25.34
N GLY A 431 -11.95 19.53 -24.26
CA GLY A 431 -11.87 20.39 -23.05
C GLY A 431 -11.31 21.77 -23.39
N CYS A 432 -10.33 21.83 -24.29
CA CYS A 432 -9.70 23.10 -24.75
C CYS A 432 -10.78 24.00 -25.37
N PHE A 433 -11.52 23.50 -26.37
CA PHE A 433 -12.58 24.26 -27.07
C PHE A 433 -13.71 24.58 -26.09
N ALA A 434 -14.07 23.64 -25.21
CA ALA A 434 -15.15 23.82 -24.21
C ALA A 434 -14.79 24.96 -23.26
N GLY A 435 -13.54 24.98 -22.75
CA GLY A 435 -13.02 26.05 -21.88
C GLY A 435 -12.95 27.37 -22.60
N MET A 436 -12.50 27.36 -23.86
CA MET A 436 -12.32 28.58 -24.70
C MET A 436 -13.69 29.25 -24.89
N THR A 437 -14.72 28.47 -25.24
CA THR A 437 -16.10 28.98 -25.45
C THR A 437 -16.75 29.32 -24.10
N TYR A 438 -16.37 28.62 -23.02
CA TYR A 438 -16.96 28.81 -21.67
C TYR A 438 -16.35 30.05 -20.99
N TRP A 439 -15.05 30.32 -21.20
CA TRP A 439 -14.33 31.43 -20.52
C TRP A 439 -14.04 32.59 -21.47
N TRP A 440 -14.63 32.60 -22.68
CA TRP A 440 -14.40 33.68 -23.69
C TRP A 440 -14.89 35.02 -23.14
N PRO A 441 -16.10 35.13 -22.55
CA PRO A 441 -16.55 36.40 -21.98
C PRO A 441 -15.61 36.98 -20.91
N LYS A 442 -14.97 36.14 -20.10
CA LYS A 442 -14.03 36.59 -19.04
C LYS A 442 -12.70 37.05 -19.65
N ALA A 443 -12.45 36.81 -20.94
CA ALA A 443 -11.19 37.20 -21.62
C ALA A 443 -11.39 38.44 -22.50
N PHE A 444 -12.58 38.67 -23.06
CA PHE A 444 -12.81 39.75 -24.06
C PHE A 444 -14.08 40.58 -23.77
N GLY A 445 -15.09 40.01 -23.09
CA GLY A 445 -16.29 40.76 -22.65
C GLY A 445 -17.50 40.50 -23.52
N PHE A 446 -17.37 39.68 -24.57
CA PHE A 446 -18.49 39.27 -25.47
C PHE A 446 -18.50 37.75 -25.62
N LYS A 447 -19.63 37.22 -26.11
CA LYS A 447 -19.88 35.76 -26.24
C LYS A 447 -19.52 35.30 -27.66
N LEU A 448 -19.28 34.00 -27.83
CA LEU A 448 -19.05 33.38 -29.16
C LEU A 448 -20.40 33.10 -29.83
N ASN A 449 -20.42 33.13 -31.18
CA ASN A 449 -21.59 32.76 -32.00
C ASN A 449 -21.88 31.26 -31.77
N GLU A 450 -23.11 30.94 -31.36
CA GLU A 450 -23.50 29.57 -30.93
C GLU A 450 -23.64 28.66 -32.15
N THR A 451 -24.19 29.17 -33.25
CA THR A 451 -24.48 28.38 -34.49
C THR A 451 -23.18 27.79 -35.04
N TRP A 452 -22.17 28.64 -35.26
CA TRP A 452 -20.84 28.24 -35.80
C TRP A 452 -20.14 27.28 -34.82
N GLY A 453 -20.26 27.55 -33.52
CA GLY A 453 -19.71 26.69 -32.44
C GLY A 453 -20.28 25.27 -32.52
N LYS A 454 -21.61 25.16 -32.63
CA LYS A 454 -22.33 23.87 -32.72
C LYS A 454 -21.91 23.15 -34.02
N ARG A 455 -21.83 23.88 -35.14
CA ARG A 455 -21.39 23.34 -36.45
C ARG A 455 -19.98 22.76 -36.30
N ALA A 456 -19.06 23.52 -35.69
CA ALA A 456 -17.65 23.12 -35.48
C ALA A 456 -17.59 21.85 -34.62
N PHE A 457 -18.38 21.79 -33.54
CA PHE A 457 -18.41 20.63 -32.61
C PHE A 457 -18.88 19.39 -33.38
N TRP A 458 -20.00 19.49 -34.13
CA TRP A 458 -20.58 18.36 -34.90
C TRP A 458 -19.56 17.88 -35.94
N PHE A 459 -18.96 18.81 -36.69
CA PHE A 459 -17.92 18.49 -37.71
C PHE A 459 -16.75 17.76 -37.03
N TRP A 460 -16.26 18.29 -35.91
CA TRP A 460 -15.10 17.71 -35.16
C TRP A 460 -15.41 16.27 -34.76
N ILE A 461 -16.54 16.03 -34.09
CA ILE A 461 -16.89 14.68 -33.53
C ILE A 461 -17.10 13.69 -34.69
N ILE A 462 -17.89 14.05 -35.70
CA ILE A 462 -18.23 13.16 -36.85
C ILE A 462 -16.94 12.86 -37.61
N GLY A 463 -16.15 13.90 -37.93
CA GLY A 463 -14.86 13.79 -38.63
C GLY A 463 -13.90 12.90 -37.88
N PHE A 464 -13.81 13.06 -36.56
CA PHE A 464 -12.91 12.27 -35.67
C PHE A 464 -13.28 10.79 -35.77
N PHE A 465 -14.56 10.46 -35.62
CA PHE A 465 -15.06 9.06 -35.75
C PHE A 465 -14.66 8.52 -37.13
N VAL A 466 -15.01 9.24 -38.20
CA VAL A 466 -14.81 8.78 -39.60
C VAL A 466 -13.30 8.61 -39.87
N ALA A 467 -12.44 9.45 -39.26
CA ALA A 467 -10.98 9.46 -39.52
C ALA A 467 -10.26 8.37 -38.70
N PHE A 468 -10.73 8.04 -37.48
CA PHE A 468 -9.93 7.22 -36.52
C PHE A 468 -10.55 5.85 -36.23
N MET A 469 -11.84 5.62 -36.51
CA MET A 469 -12.45 4.28 -36.35
C MET A 469 -11.82 3.29 -37.34
N PRO A 470 -11.61 3.63 -38.63
CA PRO A 470 -10.86 2.75 -39.54
C PRO A 470 -9.45 2.39 -39.08
N LEU A 471 -8.79 3.25 -38.30
CA LEU A 471 -7.42 2.99 -37.78
C LEU A 471 -7.44 1.81 -36.80
N TYR A 472 -8.53 1.63 -36.05
CA TYR A 472 -8.73 0.43 -35.19
C TYR A 472 -8.68 -0.83 -36.05
N ALA A 473 -9.47 -0.86 -37.13
CA ALA A 473 -9.55 -1.99 -38.09
C ALA A 473 -8.18 -2.22 -38.73
N LEU A 474 -7.49 -1.14 -39.12
CA LEU A 474 -6.15 -1.22 -39.78
C LEU A 474 -5.13 -1.81 -38.81
N GLY A 475 -5.14 -1.35 -37.55
CA GLY A 475 -4.32 -1.91 -36.46
C GLY A 475 -4.58 -3.41 -36.29
N PHE A 476 -5.85 -3.81 -36.35
CA PHE A 476 -6.27 -5.24 -36.29
C PHE A 476 -5.72 -5.99 -37.51
N MET A 477 -5.66 -5.34 -38.67
CA MET A 477 -5.23 -5.97 -39.96
C MET A 477 -3.70 -6.12 -40.00
N GLY A 478 -2.96 -5.49 -39.08
CA GLY A 478 -1.51 -5.68 -38.89
C GLY A 478 -0.68 -4.57 -39.52
N MET A 479 -1.31 -3.52 -40.07
CA MET A 479 -0.59 -2.35 -40.64
C MET A 479 0.01 -1.53 -39.48
N THR A 480 1.33 -1.34 -39.52
CA THR A 480 2.13 -0.66 -38.46
C THR A 480 2.17 0.85 -38.72
N ARG A 481 2.73 1.59 -37.77
CA ARG A 481 2.83 3.08 -37.82
C ARG A 481 3.95 3.50 -38.78
N ARG A 482 3.87 4.75 -39.26
CA ARG A 482 4.97 5.47 -39.95
C ARG A 482 5.33 4.75 -41.25
N LEU A 483 4.32 4.29 -42.01
CA LEU A 483 4.51 3.70 -43.37
C LEU A 483 4.28 4.79 -44.41
N SER A 484 5.18 4.89 -45.39
CA SER A 484 5.23 6.01 -46.37
C SER A 484 5.07 5.51 -47.80
N GLN A 485 5.77 4.43 -48.19
CA GLN A 485 5.88 4.00 -49.61
C GLN A 485 5.49 2.52 -49.74
N GLN A 486 4.90 2.15 -50.89
CA GLN A 486 4.48 0.76 -51.24
C GLN A 486 3.63 0.17 -50.11
N ILE A 487 2.63 0.91 -49.64
CA ILE A 487 1.66 0.41 -48.61
C ILE A 487 0.83 -0.71 -49.26
N ASP A 488 0.59 -1.79 -48.51
CA ASP A 488 -0.20 -2.97 -48.96
C ASP A 488 -1.56 -2.48 -49.43
N PRO A 489 -1.97 -2.76 -50.71
CA PRO A 489 -3.26 -2.30 -51.22
C PRO A 489 -4.50 -2.71 -50.40
N GLN A 490 -4.42 -3.81 -49.63
CA GLN A 490 -5.51 -4.28 -48.74
C GLN A 490 -5.85 -3.22 -47.69
N PHE A 491 -4.95 -2.28 -47.39
CA PHE A 491 -5.17 -1.19 -46.42
C PHE A 491 -5.70 0.08 -47.11
N HIS A 492 -5.98 0.03 -48.42
CA HIS A 492 -6.38 1.23 -49.22
C HIS A 492 -7.72 1.77 -48.71
N THR A 493 -8.78 0.95 -48.79
CA THR A 493 -10.19 1.35 -48.54
C THR A 493 -10.29 2.14 -47.23
N MET A 494 -9.89 1.50 -46.12
CA MET A 494 -9.97 2.11 -44.76
C MET A 494 -9.25 3.47 -44.78
N LEU A 495 -8.03 3.51 -45.32
CA LEU A 495 -7.22 4.76 -45.35
C LEU A 495 -7.99 5.84 -46.14
N MET A 496 -8.63 5.48 -47.26
CA MET A 496 -9.46 6.43 -48.05
C MET A 496 -10.54 7.01 -47.14
N ILE A 497 -11.24 6.14 -46.39
CA ILE A 497 -12.30 6.57 -45.41
C ILE A 497 -11.64 7.53 -44.42
N ALA A 498 -10.46 7.19 -43.88
CA ALA A 498 -9.71 8.05 -42.94
C ALA A 498 -9.49 9.42 -43.59
N ALA A 499 -9.06 9.45 -44.86
CA ALA A 499 -8.83 10.69 -45.63
C ALA A 499 -10.11 11.54 -45.59
N SER A 500 -11.27 10.93 -45.88
CA SER A 500 -12.59 11.61 -45.81
C SER A 500 -12.74 12.25 -44.43
N GLY A 501 -12.57 11.46 -43.37
CA GLY A 501 -12.61 11.94 -41.97
C GLY A 501 -11.74 13.18 -41.80
N ALA A 502 -10.50 13.13 -42.28
CA ALA A 502 -9.51 14.23 -42.18
C ALA A 502 -10.15 15.52 -42.69
N VAL A 503 -10.67 15.52 -43.92
CA VAL A 503 -11.22 16.76 -44.55
C VAL A 503 -12.42 17.24 -43.73
N LEU A 504 -13.22 16.32 -43.19
CA LEU A 504 -14.35 16.67 -42.27
C LEU A 504 -13.80 17.49 -41.10
N ILE A 505 -12.75 17.00 -40.44
CA ILE A 505 -12.11 17.71 -39.29
C ILE A 505 -11.64 19.08 -39.80
N ALA A 506 -11.07 19.13 -41.01
CA ALA A 506 -10.63 20.39 -41.67
C ALA A 506 -11.80 21.40 -41.64
N LEU A 507 -12.97 21.00 -42.13
CA LEU A 507 -14.18 21.88 -42.16
C LEU A 507 -14.43 22.40 -40.73
N GLY A 508 -14.42 21.52 -39.74
CA GLY A 508 -14.56 21.88 -38.32
C GLY A 508 -13.63 23.02 -37.95
N ILE A 509 -12.33 22.84 -38.21
CA ILE A 509 -11.29 23.86 -37.92
C ILE A 509 -11.69 25.15 -38.66
N LEU A 510 -12.01 25.07 -39.95
CA LEU A 510 -12.45 26.25 -40.74
C LEU A 510 -13.63 26.91 -40.01
N CYS A 511 -14.65 26.12 -39.65
CA CYS A 511 -15.84 26.60 -38.90
C CYS A 511 -15.37 27.39 -37.68
N LEU A 512 -14.48 26.81 -36.86
CA LEU A 512 -13.93 27.47 -35.65
C LEU A 512 -13.42 28.86 -36.03
N VAL A 513 -12.54 28.96 -37.03
CA VAL A 513 -11.95 30.25 -37.50
C VAL A 513 -13.11 31.22 -37.78
N ILE A 514 -14.06 30.80 -38.63
CA ILE A 514 -15.22 31.63 -39.04
C ILE A 514 -15.93 32.10 -37.77
N GLN A 515 -16.21 31.19 -36.83
CA GLN A 515 -16.86 31.51 -35.52
C GLN A 515 -16.13 32.71 -34.92
N MET A 516 -14.83 32.57 -34.65
CA MET A 516 -14.01 33.64 -34.00
C MET A 516 -14.24 34.94 -34.78
N TYR A 517 -14.07 34.91 -36.10
CA TYR A 517 -14.23 36.10 -36.98
C TYR A 517 -15.57 36.78 -36.68
N VAL A 518 -16.68 36.03 -36.81
CA VAL A 518 -18.05 36.60 -36.66
C VAL A 518 -18.21 37.05 -35.20
N SER A 519 -17.66 36.30 -34.24
CA SER A 519 -17.69 36.67 -32.80
C SER A 519 -16.99 38.02 -32.61
N ILE A 520 -15.90 38.27 -33.34
CA ILE A 520 -15.19 39.59 -33.31
C ILE A 520 -16.06 40.62 -34.03
N ARG A 521 -16.67 40.26 -35.16
CA ARG A 521 -17.44 41.22 -36.01
C ARG A 521 -18.67 41.74 -35.25
N ASP A 522 -19.42 40.85 -34.59
CA ASP A 522 -20.71 41.19 -33.94
C ASP A 522 -20.52 41.28 -32.41
N ARG A 523 -19.38 41.80 -31.96
CA ARG A 523 -19.06 41.94 -30.51
C ARG A 523 -20.01 42.95 -29.86
N ASP A 524 -20.46 43.96 -30.60
CA ASP A 524 -21.30 45.08 -30.07
C ASP A 524 -22.70 44.57 -29.69
N GLN A 525 -23.13 43.41 -30.20
CA GLN A 525 -24.50 42.88 -29.97
C GLN A 525 -24.49 41.71 -28.97
N ASN A 526 -23.33 41.10 -28.69
CA ASN A 526 -23.26 39.88 -27.82
C ASN A 526 -22.36 40.17 -26.61
N ARG A 527 -22.38 41.39 -26.09
CA ARG A 527 -21.57 41.82 -24.92
C ARG A 527 -22.11 41.15 -23.65
N ASP A 528 -21.21 40.83 -22.70
CA ASP A 528 -21.56 40.24 -21.38
C ASP A 528 -21.66 41.39 -20.36
N LEU A 529 -22.86 41.90 -20.14
CA LEU A 529 -23.10 43.11 -19.31
C LEU A 529 -22.87 42.79 -17.84
N THR A 530 -23.54 41.76 -17.33
CA THR A 530 -23.68 41.46 -15.87
C THR A 530 -22.42 40.78 -15.31
N GLY A 531 -21.54 40.24 -16.17
CA GLY A 531 -20.33 39.50 -15.73
C GLY A 531 -20.63 38.06 -15.33
N ASP A 532 -21.90 37.64 -15.40
CA ASP A 532 -22.33 36.26 -15.05
C ASP A 532 -23.22 35.73 -16.18
N PRO A 533 -22.65 35.35 -17.34
CA PRO A 533 -23.42 34.94 -18.50
C PRO A 533 -24.22 33.64 -18.29
N TRP A 534 -23.60 32.59 -17.73
CA TRP A 534 -24.25 31.27 -17.55
C TRP A 534 -24.50 30.95 -16.08
N GLY A 535 -24.39 31.92 -15.16
CA GLY A 535 -24.66 31.71 -13.72
C GLY A 535 -23.67 30.75 -13.09
N GLY A 536 -22.36 30.96 -13.34
CA GLY A 536 -21.28 30.08 -12.85
C GLY A 536 -21.19 30.10 -11.33
N ARG A 537 -20.76 28.98 -10.74
CA ARG A 537 -20.74 28.76 -9.27
C ARG A 537 -19.52 29.47 -8.65
N THR A 538 -18.40 29.50 -9.37
CA THR A 538 -17.07 29.92 -8.82
C THR A 538 -16.96 31.44 -8.79
N LEU A 539 -15.97 31.94 -8.04
CA LEU A 539 -15.74 33.40 -7.77
C LEU A 539 -15.42 34.15 -9.06
N GLU A 540 -14.88 33.49 -10.09
CA GLU A 540 -14.40 34.15 -11.34
C GLU A 540 -15.52 34.98 -11.99
N TRP A 541 -16.79 34.59 -11.82
CA TRP A 541 -17.96 35.25 -12.45
C TRP A 541 -18.44 36.45 -11.62
N ALA A 542 -17.85 36.72 -10.45
CA ALA A 542 -18.20 37.87 -9.59
C ALA A 542 -17.72 39.18 -10.24
N THR A 543 -16.63 39.13 -11.00
CA THR A 543 -15.97 40.31 -11.62
C THR A 543 -16.67 40.69 -12.93
N SER A 544 -16.37 41.89 -13.43
CA SER A 544 -16.84 42.38 -14.76
C SER A 544 -16.25 41.50 -15.86
N SER A 545 -16.96 41.37 -16.98
CA SER A 545 -16.57 40.48 -18.12
C SER A 545 -15.20 40.87 -18.66
N PRO A 546 -14.82 42.17 -18.79
CA PRO A 546 -13.40 42.54 -18.82
C PRO A 546 -12.88 42.68 -17.40
N PRO A 547 -12.14 41.70 -16.83
CA PRO A 547 -11.65 41.80 -15.45
C PRO A 547 -10.58 42.88 -15.36
N PRO A 548 -10.57 43.74 -14.31
CA PRO A 548 -9.50 44.71 -14.14
C PRO A 548 -8.16 44.00 -13.88
N PHE A 549 -7.05 44.64 -14.22
CA PHE A 549 -5.66 44.12 -14.03
C PHE A 549 -5.50 43.63 -12.58
N TYR A 550 -6.14 44.32 -11.63
CA TYR A 550 -6.42 43.79 -10.26
C TYR A 550 -7.72 42.98 -10.35
N ASN A 551 -7.67 41.69 -10.00
CA ASN A 551 -8.83 40.76 -10.14
C ASN A 551 -9.98 41.24 -9.26
N PHE A 552 -9.71 41.61 -8.01
CA PHE A 552 -10.74 42.03 -7.02
C PHE A 552 -10.31 43.31 -6.34
N ALA A 553 -11.20 44.31 -6.32
CA ALA A 553 -11.05 45.59 -5.57
C ALA A 553 -10.87 45.27 -4.08
N VAL A 554 -11.70 44.37 -3.55
CA VAL A 554 -11.56 43.81 -2.17
C VAL A 554 -11.54 42.29 -2.29
N VAL A 555 -10.55 41.64 -1.64
CA VAL A 555 -10.38 40.16 -1.68
C VAL A 555 -11.62 39.54 -1.02
N PRO A 556 -12.38 38.69 -1.74
CA PRO A 556 -13.64 38.16 -1.22
C PRO A 556 -13.44 37.21 -0.03
N HIS A 557 -14.43 37.16 0.88
CA HIS A 557 -14.48 36.24 2.04
C HIS A 557 -15.38 35.05 1.68
N VAL A 558 -14.85 33.83 1.81
CA VAL A 558 -15.54 32.57 1.39
C VAL A 558 -15.83 31.73 2.63
N HIS A 559 -17.04 31.19 2.74
CA HIS A 559 -17.50 30.33 3.86
C HIS A 559 -17.93 28.94 3.38
N GLU A 560 -18.21 28.77 2.08
CA GLU A 560 -18.84 27.53 1.52
C GLU A 560 -18.04 27.06 0.30
N ARG A 561 -18.49 25.96 -0.32
CA ARG A 561 -17.82 25.31 -1.47
C ARG A 561 -17.96 26.22 -2.71
N ASP A 562 -19.18 26.44 -3.20
CA ASP A 562 -19.46 27.33 -4.34
C ASP A 562 -19.72 28.73 -3.81
N ALA A 563 -18.67 29.57 -3.81
CA ALA A 563 -18.67 30.92 -3.18
C ALA A 563 -19.71 31.82 -3.86
N PHE A 564 -19.65 31.97 -5.19
CA PHE A 564 -20.48 32.93 -5.94
C PHE A 564 -21.95 32.50 -5.91
N TRP A 565 -22.22 31.19 -6.02
CA TRP A 565 -23.59 30.64 -5.96
C TRP A 565 -24.20 30.95 -4.59
N GLU A 566 -23.44 30.73 -3.51
CA GLU A 566 -23.90 31.00 -2.12
C GLU A 566 -24.13 32.51 -1.95
N MET A 567 -23.24 33.36 -2.51
CA MET A 567 -23.38 34.84 -2.45
C MET A 567 -24.69 35.25 -3.14
N LYS A 568 -25.00 34.66 -4.30
CA LYS A 568 -26.24 34.96 -5.06
C LYS A 568 -27.46 34.49 -4.28
N GLU A 569 -27.41 33.28 -3.68
CA GLU A 569 -28.52 32.69 -2.91
C GLU A 569 -28.82 33.55 -1.68
N LYS A 570 -27.78 33.99 -0.96
CA LYS A 570 -27.93 34.81 0.28
C LYS A 570 -28.46 36.21 -0.06
N GLY A 571 -28.32 36.66 -1.32
CA GLY A 571 -28.82 37.96 -1.80
C GLY A 571 -27.78 39.06 -1.67
N GLU A 572 -26.55 38.75 -1.25
CA GLU A 572 -25.41 39.70 -1.22
C GLU A 572 -24.40 39.27 -2.28
N ALA A 573 -24.63 39.70 -3.53
CA ALA A 573 -23.80 39.36 -4.71
C ALA A 573 -23.13 40.61 -5.29
N TYR A 574 -23.83 41.75 -5.33
CA TYR A 574 -23.32 43.04 -5.84
C TYR A 574 -23.61 44.12 -4.80
N LYS A 575 -22.73 44.24 -3.80
CA LYS A 575 -22.83 45.24 -2.70
C LYS A 575 -21.62 46.17 -2.76
N LYS A 576 -21.86 47.48 -2.76
CA LYS A 576 -20.81 48.54 -2.79
C LYS A 576 -20.04 48.51 -1.47
N PRO A 577 -18.71 48.26 -1.48
CA PRO A 577 -17.89 48.40 -0.27
C PRO A 577 -17.91 49.84 0.26
N ASP A 578 -17.82 49.99 1.59
CA ASP A 578 -17.82 51.30 2.31
C ASP A 578 -16.74 52.21 1.74
N HIS A 579 -15.52 51.70 1.56
CA HIS A 579 -14.34 52.45 1.05
C HIS A 579 -13.37 51.49 0.36
N TYR A 580 -12.62 51.99 -0.63
CA TYR A 580 -11.57 51.24 -1.38
C TYR A 580 -10.20 51.66 -0.85
N GLU A 581 -9.24 50.74 -0.92
CA GLU A 581 -7.86 50.91 -0.39
C GLU A 581 -6.85 50.80 -1.53
N GLU A 582 -5.70 51.47 -1.39
CA GLU A 582 -4.58 51.45 -2.36
C GLU A 582 -4.13 49.99 -2.53
N ILE A 583 -4.00 49.52 -3.77
CA ILE A 583 -3.71 48.08 -4.07
C ILE A 583 -2.27 47.95 -4.55
N HIS A 584 -1.50 47.07 -3.90
CA HIS A 584 -0.09 46.75 -4.28
C HIS A 584 -0.11 45.80 -5.49
N MET A 585 0.52 46.21 -6.60
CA MET A 585 0.58 45.42 -7.85
C MET A 585 2.01 45.38 -8.38
N PRO A 586 2.39 44.33 -9.16
CA PRO A 586 3.69 44.27 -9.81
C PRO A 586 3.75 45.03 -11.15
N LYS A 587 4.88 45.69 -11.43
CA LYS A 587 5.10 46.45 -12.68
C LYS A 587 5.33 45.49 -13.85
N ASN A 588 5.03 45.95 -15.07
CA ASN A 588 5.37 45.24 -16.33
C ASN A 588 6.89 45.26 -16.53
N SER A 589 7.48 44.12 -16.88
CA SER A 589 8.95 43.95 -17.09
C SER A 589 9.22 43.53 -18.54
N GLY A 590 10.28 44.11 -19.14
CA GLY A 590 10.67 43.87 -20.55
C GLY A 590 11.84 42.92 -20.69
N ALA A 591 12.36 42.37 -19.58
CA ALA A 591 13.57 41.52 -19.58
C ALA A 591 13.26 40.11 -20.09
N GLY A 592 12.00 39.65 -19.95
CA GLY A 592 11.56 38.33 -20.43
C GLY A 592 11.84 38.12 -21.90
N ILE A 593 11.43 39.08 -22.74
CA ILE A 593 11.60 39.01 -24.23
C ILE A 593 13.11 39.08 -24.55
N VAL A 594 13.90 39.85 -23.81
CA VAL A 594 15.37 39.99 -24.04
C VAL A 594 16.03 38.64 -23.76
N ILE A 595 15.69 38.00 -22.62
CA ILE A 595 16.22 36.67 -22.23
C ILE A 595 15.79 35.65 -23.30
N ALA A 596 14.55 35.76 -23.79
CA ALA A 596 13.98 34.87 -24.83
C ALA A 596 14.82 34.99 -26.11
N ALA A 597 15.10 36.22 -26.55
CA ALA A 597 15.87 36.50 -27.78
C ALA A 597 17.29 35.93 -27.64
N PHE A 598 17.93 36.14 -26.49
CA PHE A 598 19.29 35.63 -26.20
C PHE A 598 19.28 34.09 -26.20
N SER A 599 18.25 33.47 -25.61
CA SER A 599 18.08 31.99 -25.58
C SER A 599 17.88 31.47 -27.01
N THR A 600 17.11 32.18 -27.84
CA THR A 600 16.87 31.82 -29.27
C THR A 600 18.22 31.81 -30.00
N ILE A 601 19.02 32.88 -29.83
CA ILE A 601 20.37 33.03 -30.47
C ILE A 601 21.24 31.86 -30.00
N PHE A 602 21.28 31.59 -28.69
CA PHE A 602 22.11 30.53 -28.08
C PHE A 602 21.73 29.16 -28.68
N GLY A 603 20.43 28.85 -28.71
CA GLY A 603 19.89 27.59 -29.25
C GLY A 603 20.26 27.42 -30.71
N PHE A 604 20.02 28.45 -31.53
CA PHE A 604 20.28 28.44 -32.99
C PHE A 604 21.78 28.22 -33.23
N ALA A 605 22.64 28.89 -32.47
CA ALA A 605 24.11 28.78 -32.58
C ALA A 605 24.55 27.37 -32.19
N MET A 606 23.95 26.80 -31.12
CA MET A 606 24.24 25.41 -30.66
C MET A 606 23.88 24.43 -31.78
N ILE A 607 22.74 24.63 -32.45
CA ILE A 607 22.24 23.72 -33.53
C ILE A 607 23.24 23.75 -34.70
N TRP A 608 23.71 24.93 -35.11
CA TRP A 608 24.57 25.13 -36.30
C TRP A 608 26.05 25.19 -35.92
N HIS A 609 26.41 24.84 -34.69
CA HIS A 609 27.83 24.72 -34.22
C HIS A 609 28.56 26.06 -34.40
N ILE A 610 27.89 27.18 -34.14
CA ILE A 610 28.51 28.53 -34.13
C ILE A 610 28.87 28.82 -32.66
N TRP A 611 30.06 28.41 -32.24
CA TRP A 611 30.46 28.32 -30.81
C TRP A 611 30.48 29.72 -30.18
N TRP A 612 31.12 30.68 -30.85
CA TRP A 612 31.26 32.09 -30.35
C TRP A 612 29.87 32.70 -30.16
N LEU A 613 28.94 32.49 -31.10
CA LEU A 613 27.57 33.07 -31.04
C LEU A 613 26.81 32.44 -29.87
N ALA A 614 26.99 31.14 -29.63
CA ALA A 614 26.36 30.41 -28.49
C ALA A 614 26.90 30.98 -27.17
N ILE A 615 28.22 31.20 -27.08
CA ILE A 615 28.87 31.80 -25.87
C ILE A 615 28.27 33.20 -25.66
N VAL A 616 28.16 34.00 -26.72
CA VAL A 616 27.60 35.40 -26.68
C VAL A 616 26.16 35.32 -26.14
N GLY A 617 25.35 34.41 -26.69
CA GLY A 617 23.93 34.22 -26.30
C GLY A 617 23.79 33.85 -24.83
N PHE A 618 24.58 32.86 -24.37
CA PHE A 618 24.55 32.37 -22.97
C PHE A 618 24.98 33.50 -22.03
N ALA A 619 26.06 34.22 -22.38
CA ALA A 619 26.57 35.37 -21.60
C ALA A 619 25.50 36.45 -21.52
N GLY A 620 24.83 36.74 -22.63
CA GLY A 620 23.71 37.71 -22.72
C GLY A 620 22.58 37.35 -21.78
N MET A 621 22.16 36.07 -21.79
CA MET A 621 21.11 35.52 -20.89
C MET A 621 21.49 35.79 -19.43
N ILE A 622 22.70 35.36 -19.04
CA ILE A 622 23.20 35.45 -17.63
C ILE A 622 23.32 36.92 -17.24
N ILE A 623 23.87 37.78 -18.11
CA ILE A 623 24.08 39.23 -17.83
C ILE A 623 22.71 39.91 -17.66
N THR A 624 21.73 39.62 -18.54
CA THR A 624 20.37 40.22 -18.46
C THR A 624 19.73 39.81 -17.12
N TRP A 625 19.84 38.53 -16.75
CA TRP A 625 19.30 37.99 -15.47
C TRP A 625 19.95 38.73 -14.29
N ILE A 626 21.27 38.86 -14.29
CA ILE A 626 22.04 39.54 -13.20
C ILE A 626 21.60 41.02 -13.13
N VAL A 627 21.52 41.71 -14.27
CA VAL A 627 21.15 43.16 -14.32
C VAL A 627 19.75 43.33 -13.75
N LYS A 628 18.79 42.47 -14.15
CA LYS A 628 17.39 42.56 -13.65
C LYS A 628 17.35 42.19 -12.16
N SER A 629 18.36 41.45 -11.64
CA SER A 629 18.45 41.13 -10.20
C SER A 629 18.82 42.37 -9.37
N PHE A 630 19.24 43.48 -10.00
CA PHE A 630 19.74 44.69 -9.29
C PHE A 630 18.58 45.63 -8.93
N ASP A 631 17.77 46.05 -9.92
CA ASP A 631 16.73 47.10 -9.73
C ASP A 631 15.68 46.62 -8.74
N GLU A 632 15.16 47.53 -7.92
CA GLU A 632 14.19 47.22 -6.82
C GLU A 632 12.80 47.78 -7.15
N ASP A 633 12.68 48.75 -8.05
CA ASP A 633 11.39 49.36 -8.46
C ASP A 633 10.66 48.39 -9.40
N VAL A 634 10.10 47.33 -8.84
CA VAL A 634 9.43 46.21 -9.59
C VAL A 634 7.91 46.24 -9.33
N ASP A 635 7.46 47.00 -8.33
CA ASP A 635 6.04 47.03 -7.89
C ASP A 635 5.59 48.48 -7.72
N TYR A 636 4.29 48.73 -7.88
CA TYR A 636 3.67 50.08 -7.71
C TYR A 636 2.36 49.93 -6.93
N TYR A 637 1.71 51.06 -6.66
CA TYR A 637 0.46 51.16 -5.86
C TYR A 637 -0.65 51.80 -6.71
N VAL A 638 -1.75 51.08 -6.88
CA VAL A 638 -2.95 51.56 -7.62
C VAL A 638 -3.75 52.41 -6.63
N PRO A 639 -4.00 53.70 -6.95
CA PRO A 639 -4.71 54.59 -6.02
C PRO A 639 -6.21 54.30 -5.93
N VAL A 640 -6.87 54.92 -4.95
CA VAL A 640 -8.30 54.67 -4.59
C VAL A 640 -9.19 55.22 -5.72
N ALA A 641 -8.80 56.34 -6.34
CA ALA A 641 -9.57 57.05 -7.39
C ALA A 641 -9.91 56.11 -8.55
N GLU A 642 -8.88 55.47 -9.13
CA GLU A 642 -9.01 54.59 -10.32
C GLU A 642 -9.88 53.38 -9.98
N ILE A 643 -9.64 52.75 -8.83
CA ILE A 643 -10.40 51.55 -8.35
C ILE A 643 -11.87 51.95 -8.21
N GLU A 644 -12.14 53.09 -7.56
CA GLU A 644 -13.52 53.62 -7.33
C GLU A 644 -14.20 53.87 -8.68
N LYS A 645 -13.48 54.45 -9.65
CA LYS A 645 -14.03 54.79 -10.99
C LYS A 645 -14.46 53.50 -11.69
N LEU A 646 -13.57 52.50 -11.76
CA LEU A 646 -13.83 51.21 -12.46
C LEU A 646 -14.99 50.48 -11.76
N GLU A 647 -14.99 50.44 -10.42
CA GLU A 647 -16.05 49.74 -9.63
C GLU A 647 -17.40 50.44 -9.86
N ASN A 648 -17.43 51.78 -9.87
CA ASN A 648 -18.66 52.58 -10.11
C ASN A 648 -19.19 52.28 -11.52
N GLN A 649 -18.30 52.24 -12.52
CA GLN A 649 -18.66 51.93 -13.94
C GLN A 649 -19.30 50.54 -13.98
N HIS A 650 -18.67 49.54 -13.36
CA HIS A 650 -19.15 48.13 -13.34
C HIS A 650 -20.52 48.06 -12.66
N PHE A 651 -20.71 48.75 -11.53
CA PHE A 651 -21.98 48.73 -10.76
C PHE A 651 -23.07 49.45 -11.55
N ASP A 652 -22.73 50.52 -12.27
CA ASP A 652 -23.67 51.23 -13.18
C ASP A 652 -24.14 50.27 -14.27
N GLU A 653 -23.20 49.50 -14.85
CA GLU A 653 -23.51 48.46 -15.87
C GLU A 653 -24.46 47.42 -15.26
N ILE A 654 -24.19 46.97 -14.03
CA ILE A 654 -25.04 45.97 -13.30
C ILE A 654 -26.44 46.54 -13.15
N THR A 655 -26.56 47.79 -12.66
CA THR A 655 -27.86 48.45 -12.35
C THR A 655 -28.66 48.62 -13.64
N LYS A 656 -28.03 49.13 -14.71
CA LYS A 656 -28.70 49.40 -16.01
C LYS A 656 -29.16 48.07 -16.63
N ALA A 657 -28.30 47.04 -16.62
CA ALA A 657 -28.60 45.70 -17.18
C ALA A 657 -29.65 45.00 -16.31
N GLY A 658 -29.52 45.08 -14.98
CA GLY A 658 -30.41 44.46 -14.00
C GLY A 658 -31.75 45.17 -13.92
N GLY B 1 -12.53 -6.21 -38.28
CA GLY B 1 -12.57 -7.12 -39.46
C GLY B 1 -12.69 -8.58 -39.07
N CYS B 2 -13.73 -9.26 -39.56
CA CYS B 2 -13.99 -10.71 -39.34
C CYS B 2 -12.83 -11.54 -39.90
N ASN B 3 -12.35 -11.18 -41.10
CA ASN B 3 -11.26 -11.91 -41.81
C ASN B 3 -9.92 -11.18 -41.59
N SER B 4 -9.77 -10.45 -40.49
CA SER B 4 -8.55 -9.67 -40.15
C SER B 4 -7.41 -10.62 -39.79
N ALA B 5 -6.18 -10.10 -39.76
CA ALA B 5 -4.95 -10.87 -39.44
C ALA B 5 -4.98 -11.35 -37.98
N LEU B 6 -5.44 -10.49 -37.06
CA LEU B 6 -5.42 -10.79 -35.59
C LEU B 6 -6.72 -11.50 -35.19
N LEU B 7 -7.86 -11.17 -35.81
CA LEU B 7 -9.18 -11.78 -35.46
C LEU B 7 -9.40 -13.09 -36.22
N ASP B 8 -8.56 -13.40 -37.22
CA ASP B 8 -8.54 -14.73 -37.90
C ASP B 8 -7.08 -15.18 -37.99
N PRO B 9 -6.43 -15.55 -36.86
CA PRO B 9 -5.03 -15.95 -36.87
C PRO B 9 -4.85 -17.39 -37.36
N LYS B 10 -3.62 -17.76 -37.70
CA LYS B 10 -3.26 -19.12 -38.17
C LYS B 10 -2.32 -19.81 -37.18
N GLY B 11 -1.61 -19.04 -36.32
CA GLY B 11 -0.74 -19.58 -35.26
C GLY B 11 -1.49 -19.78 -33.95
N GLN B 12 -0.96 -20.65 -33.09
CA GLN B 12 -1.54 -20.96 -31.75
C GLN B 12 -1.51 -19.68 -30.90
N ILE B 13 -0.32 -19.08 -30.73
CA ILE B 13 -0.11 -17.89 -29.86
C ILE B 13 -1.12 -16.81 -30.27
N GLY B 14 -1.30 -16.61 -31.59
CA GLY B 14 -2.37 -15.77 -32.17
C GLY B 14 -3.75 -16.14 -31.62
N LEU B 15 -4.04 -17.43 -31.51
CA LEU B 15 -5.37 -17.93 -31.05
C LEU B 15 -5.60 -17.56 -29.58
N GLU B 16 -4.64 -17.83 -28.67
CA GLU B 16 -4.81 -17.46 -27.23
C GLU B 16 -4.89 -15.94 -27.12
N GLN B 17 -4.12 -15.19 -27.91
CA GLN B 17 -4.10 -13.71 -27.87
C GLN B 17 -5.47 -13.17 -28.32
N ARG B 18 -6.04 -13.74 -29.38
CA ARG B 18 -7.39 -13.34 -29.89
C ARG B 18 -8.44 -13.62 -28.80
N SER B 19 -8.39 -14.81 -28.19
CA SER B 19 -9.31 -15.22 -27.10
C SER B 19 -9.21 -14.20 -25.94
N LEU B 20 -7.99 -13.84 -25.56
CA LEU B 20 -7.71 -12.86 -24.47
C LEU B 20 -8.30 -11.50 -24.84
N ILE B 21 -8.08 -11.04 -26.08
CA ILE B 21 -8.62 -9.74 -26.59
C ILE B 21 -10.14 -9.74 -26.45
N LEU B 22 -10.81 -10.82 -26.92
CA LEU B 22 -12.29 -10.93 -26.92
C LEU B 22 -12.80 -10.94 -25.47
N THR B 23 -12.16 -11.69 -24.56
CA THR B 23 -12.57 -11.79 -23.14
C THR B 23 -12.46 -10.41 -22.48
N ALA B 24 -11.35 -9.70 -22.71
CA ALA B 24 -11.10 -8.34 -22.18
C ALA B 24 -12.18 -7.39 -22.71
N PHE B 25 -12.45 -7.44 -24.02
CA PHE B 25 -13.47 -6.61 -24.71
C PHE B 25 -14.82 -6.82 -24.01
N GLY B 26 -15.22 -8.07 -23.81
CA GLY B 26 -16.47 -8.47 -23.14
C GLY B 26 -16.56 -7.90 -21.72
N LEU B 27 -15.48 -8.03 -20.95
CA LEU B 27 -15.44 -7.58 -19.53
C LEU B 27 -15.58 -6.06 -19.46
N MET B 28 -14.90 -5.31 -20.34
CA MET B 28 -14.93 -3.83 -20.33
C MET B 28 -16.28 -3.31 -20.86
N LEU B 29 -16.94 -4.05 -21.76
CA LEU B 29 -18.23 -3.63 -22.36
C LEU B 29 -19.28 -3.44 -21.24
N ILE B 30 -19.30 -4.35 -20.26
CA ILE B 30 -20.34 -4.43 -19.19
C ILE B 30 -20.40 -3.09 -18.43
N VAL B 31 -19.29 -2.31 -18.41
CA VAL B 31 -19.24 -1.00 -17.70
C VAL B 31 -19.27 0.15 -18.71
N VAL B 32 -18.58 0.03 -19.86
CA VAL B 32 -18.43 1.13 -20.86
C VAL B 32 -19.80 1.42 -21.49
N ILE B 33 -20.52 0.38 -21.95
CA ILE B 33 -21.81 0.54 -22.69
C ILE B 33 -22.81 1.29 -21.79
N PRO B 34 -23.03 0.91 -20.51
CA PRO B 34 -23.90 1.69 -19.63
C PRO B 34 -23.50 3.17 -19.48
N ALA B 35 -22.20 3.48 -19.50
CA ALA B 35 -21.69 4.87 -19.35
C ALA B 35 -22.23 5.72 -20.51
N ILE B 36 -22.06 5.25 -21.75
CA ILE B 36 -22.49 5.97 -22.99
C ILE B 36 -24.02 6.02 -23.01
N LEU B 37 -24.68 4.90 -22.68
CA LEU B 37 -26.17 4.80 -22.67
C LEU B 37 -26.74 5.82 -21.68
N MET B 38 -26.18 5.89 -20.46
CA MET B 38 -26.64 6.82 -19.41
C MET B 38 -26.34 8.27 -19.83
N ALA B 39 -25.20 8.51 -20.50
CA ALA B 39 -24.82 9.85 -21.01
C ALA B 39 -25.95 10.35 -21.92
N VAL B 40 -26.31 9.56 -22.93
CA VAL B 40 -27.34 9.90 -23.95
C VAL B 40 -28.70 10.01 -23.24
N GLY B 41 -29.02 9.05 -22.37
CA GLY B 41 -30.29 8.98 -21.62
C GLY B 41 -30.52 10.22 -20.76
N PHE B 42 -29.50 10.63 -20.00
CA PHE B 42 -29.59 11.80 -19.09
C PHE B 42 -29.57 13.09 -19.89
N ALA B 43 -28.87 13.13 -21.03
CA ALA B 43 -28.85 14.29 -21.95
C ALA B 43 -30.28 14.53 -22.48
N TRP B 44 -30.97 13.47 -22.92
CA TRP B 44 -32.30 13.57 -23.57
C TRP B 44 -33.40 13.75 -22.52
N LYS B 45 -33.51 12.82 -21.57
CA LYS B 45 -34.66 12.72 -20.62
C LYS B 45 -34.71 13.96 -19.72
N TYR B 46 -33.58 14.47 -19.26
CA TYR B 46 -33.50 15.55 -18.25
C TYR B 46 -33.01 16.85 -18.89
N ARG B 47 -33.45 17.15 -20.11
CA ARG B 47 -33.13 18.44 -20.80
C ARG B 47 -33.98 19.56 -20.16
N ALA B 48 -33.59 20.81 -20.39
CA ALA B 48 -34.26 22.03 -19.89
C ALA B 48 -35.71 22.10 -20.40
N SER B 49 -35.96 21.58 -21.61
CA SER B 49 -37.28 21.61 -22.29
C SER B 49 -38.33 20.80 -21.51
N ASN B 50 -37.95 19.64 -20.94
CA ASN B 50 -38.87 18.72 -20.23
C ASN B 50 -39.40 19.40 -18.96
N LYS B 51 -40.69 19.23 -18.67
CA LYS B 51 -41.37 19.79 -17.47
C LYS B 51 -41.67 18.69 -16.44
N ASP B 52 -41.93 17.45 -16.89
CA ASP B 52 -42.31 16.31 -16.02
C ASP B 52 -41.07 15.73 -15.31
N ALA B 53 -39.86 16.01 -15.81
CA ALA B 53 -38.58 15.50 -15.27
C ALA B 53 -38.37 16.02 -13.85
N LYS B 54 -37.94 15.15 -12.93
CA LYS B 54 -37.73 15.48 -11.48
C LYS B 54 -36.49 16.37 -11.36
N TYR B 55 -36.62 17.52 -10.68
CA TYR B 55 -35.55 18.52 -10.49
C TYR B 55 -35.05 18.44 -9.04
N SER B 56 -33.75 18.19 -8.86
CA SER B 56 -33.10 18.01 -7.53
C SER B 56 -31.86 18.91 -7.46
N PRO B 57 -32.01 20.23 -7.24
CA PRO B 57 -30.87 21.15 -7.24
C PRO B 57 -30.07 21.20 -5.92
N ASN B 58 -30.34 20.28 -4.99
CA ASN B 58 -29.63 20.21 -3.68
C ASN B 58 -29.15 18.78 -3.37
N TRP B 59 -29.59 17.77 -4.13
CA TRP B 59 -29.11 16.36 -4.02
C TRP B 59 -27.70 16.29 -4.63
N SER B 60 -26.66 16.43 -3.81
CA SER B 60 -25.25 16.62 -4.24
C SER B 60 -24.33 15.49 -3.76
N HIS B 61 -24.84 14.52 -2.98
CA HIS B 61 -24.08 13.35 -2.50
C HIS B 61 -25.04 12.18 -2.23
N SER B 62 -24.60 10.96 -2.53
CA SER B 62 -25.37 9.70 -2.28
C SER B 62 -24.41 8.55 -2.01
N ASN B 63 -24.54 7.94 -0.82
CA ASN B 63 -23.63 6.89 -0.30
C ASN B 63 -23.82 5.64 -1.15
N LYS B 64 -25.08 5.28 -1.43
CA LYS B 64 -25.48 4.15 -2.31
C LYS B 64 -24.86 4.34 -3.71
N VAL B 65 -25.04 5.51 -4.31
CA VAL B 65 -24.58 5.80 -5.70
C VAL B 65 -23.04 5.71 -5.72
N GLU B 66 -22.38 6.32 -4.73
CA GLU B 66 -20.89 6.35 -4.63
C GLU B 66 -20.37 4.92 -4.49
N ALA B 67 -20.99 4.10 -3.64
CA ALA B 67 -20.60 2.68 -3.41
C ALA B 67 -20.70 1.92 -4.73
N VAL B 68 -21.84 2.06 -5.44
CA VAL B 68 -22.09 1.39 -6.75
C VAL B 68 -21.02 1.84 -7.75
N VAL B 69 -20.74 3.15 -7.80
CA VAL B 69 -19.76 3.76 -8.75
C VAL B 69 -18.37 3.18 -8.49
N TRP B 70 -17.94 3.08 -7.22
CA TRP B 70 -16.58 2.63 -6.85
C TRP B 70 -16.43 1.11 -7.07
N THR B 71 -17.46 0.33 -6.74
CA THR B 71 -17.36 -1.15 -6.59
C THR B 71 -17.12 -1.81 -7.95
N VAL B 72 -17.95 -1.52 -8.95
CA VAL B 72 -18.04 -2.31 -10.21
C VAL B 72 -16.71 -2.21 -10.97
N PRO B 73 -16.15 -1.00 -11.23
CA PRO B 73 -14.80 -0.89 -11.79
C PRO B 73 -13.73 -1.72 -11.05
N ILE B 74 -13.73 -1.68 -9.71
CA ILE B 74 -12.76 -2.42 -8.85
C ILE B 74 -12.88 -3.92 -9.16
N LEU B 75 -14.10 -4.46 -9.17
CA LEU B 75 -14.34 -5.91 -9.43
C LEU B 75 -13.89 -6.28 -10.84
N ILE B 76 -14.25 -5.47 -11.85
CA ILE B 76 -13.89 -5.72 -13.27
C ILE B 76 -12.36 -5.72 -13.40
N ILE B 77 -11.68 -4.74 -12.81
CA ILE B 77 -10.19 -4.63 -12.83
C ILE B 77 -9.59 -5.85 -12.12
N ILE B 78 -10.17 -6.31 -11.01
CA ILE B 78 -9.68 -7.50 -10.24
C ILE B 78 -9.71 -8.73 -11.16
N PHE B 79 -10.86 -9.00 -11.78
CA PHE B 79 -11.04 -10.19 -12.66
C PHE B 79 -10.08 -10.10 -13.86
N LEU B 80 -10.06 -8.96 -14.55
CA LEU B 80 -9.23 -8.78 -15.77
C LEU B 80 -7.74 -8.78 -15.40
N ALA B 81 -7.37 -8.35 -14.18
CA ALA B 81 -5.97 -8.33 -13.69
C ALA B 81 -5.51 -9.76 -13.40
N VAL B 82 -6.38 -10.59 -12.81
CA VAL B 82 -6.11 -12.04 -12.58
C VAL B 82 -5.87 -12.70 -13.95
N LEU B 83 -6.75 -12.44 -14.91
CA LEU B 83 -6.65 -12.95 -16.31
C LEU B 83 -5.33 -12.45 -16.93
N THR B 84 -5.00 -11.17 -16.72
CA THR B 84 -3.78 -10.52 -17.25
C THR B 84 -2.54 -11.24 -16.70
N TRP B 85 -2.48 -11.46 -15.39
CA TRP B 85 -1.35 -12.17 -14.72
C TRP B 85 -1.18 -13.55 -15.35
N LYS B 86 -2.25 -14.33 -15.43
CA LYS B 86 -2.23 -15.74 -15.93
C LYS B 86 -1.70 -15.73 -17.38
N THR B 87 -2.28 -14.90 -18.25
CA THR B 87 -1.97 -14.86 -19.70
C THR B 87 -0.53 -14.36 -19.89
N THR B 88 -0.13 -13.30 -19.18
CA THR B 88 1.22 -12.68 -19.29
C THR B 88 2.29 -13.72 -18.91
N HIS B 89 2.06 -14.47 -17.82
CA HIS B 89 2.98 -15.55 -17.37
C HIS B 89 2.89 -16.76 -18.33
N ALA B 90 1.83 -16.88 -19.12
CA ALA B 90 1.60 -18.01 -20.05
C ALA B 90 1.89 -17.64 -21.51
N LEU B 91 2.13 -16.37 -21.83
CA LEU B 91 2.36 -15.94 -23.25
C LEU B 91 3.69 -15.17 -23.37
N GLU B 92 4.66 -15.42 -22.50
CA GLU B 92 6.02 -14.82 -22.57
C GLU B 92 6.71 -15.35 -23.82
N PRO B 93 7.09 -14.48 -24.80
CA PRO B 93 7.90 -14.92 -25.94
C PRO B 93 9.18 -15.69 -25.55
N SER B 94 9.84 -15.28 -24.46
CA SER B 94 11.02 -15.97 -23.89
C SER B 94 10.57 -17.20 -23.07
N LYS B 95 9.83 -18.11 -23.70
CA LYS B 95 9.31 -19.35 -23.05
C LYS B 95 9.11 -20.43 -24.11
N PRO B 96 9.75 -21.61 -23.99
CA PRO B 96 9.61 -22.67 -24.99
C PRO B 96 8.18 -23.22 -25.05
N LEU B 97 7.68 -23.47 -26.26
CA LEU B 97 6.33 -24.05 -26.52
C LEU B 97 6.33 -25.52 -26.10
N ALA B 98 5.19 -25.99 -25.55
CA ALA B 98 4.94 -27.40 -25.18
C ALA B 98 4.41 -28.14 -26.41
N HIS B 99 5.26 -28.95 -27.06
CA HIS B 99 4.91 -29.76 -28.26
C HIS B 99 5.89 -30.93 -28.41
N ASP B 100 5.44 -32.01 -29.05
CA ASP B 100 6.22 -33.26 -29.24
C ASP B 100 7.42 -33.00 -30.15
N GLU B 101 7.19 -32.30 -31.28
CA GLU B 101 8.23 -32.01 -32.31
C GLU B 101 9.30 -31.09 -31.70
N LYS B 102 10.57 -31.38 -32.01
CA LYS B 102 11.73 -30.55 -31.56
C LYS B 102 11.68 -29.19 -32.25
N PRO B 103 11.92 -28.08 -31.52
CA PRO B 103 11.87 -26.75 -32.13
C PRO B 103 13.00 -26.53 -33.16
N ILE B 104 12.71 -25.74 -34.21
CA ILE B 104 13.72 -25.39 -35.25
C ILE B 104 14.24 -23.99 -34.95
N THR B 105 15.57 -23.87 -34.81
CA THR B 105 16.25 -22.60 -34.44
C THR B 105 16.46 -21.75 -35.69
N ILE B 106 15.96 -20.52 -35.68
CA ILE B 106 16.20 -19.49 -36.73
C ILE B 106 16.82 -18.26 -36.06
N GLU B 107 17.91 -17.76 -36.62
CA GLU B 107 18.60 -16.52 -36.14
C GLU B 107 18.17 -15.37 -37.04
N VAL B 108 17.71 -14.25 -36.46
CA VAL B 108 17.16 -13.10 -37.23
C VAL B 108 18.04 -11.87 -36.98
N VAL B 109 18.98 -11.60 -37.89
CA VAL B 109 19.81 -10.37 -37.85
C VAL B 109 19.08 -9.29 -38.67
N SER B 110 18.88 -8.11 -38.09
CA SER B 110 18.12 -6.99 -38.69
C SER B 110 19.09 -5.94 -39.25
N MET B 111 19.49 -6.10 -40.51
CA MET B 111 20.33 -5.11 -41.23
C MET B 111 19.49 -3.86 -41.54
N ASP B 112 20.15 -2.78 -41.94
CA ASP B 112 19.50 -1.50 -42.34
C ASP B 112 18.58 -1.75 -43.55
N TRP B 113 17.27 -1.60 -43.35
CA TRP B 113 16.22 -1.61 -44.40
C TRP B 113 16.15 -2.97 -45.11
N LYS B 114 16.46 -4.05 -44.41
CA LYS B 114 16.33 -5.44 -44.92
C LYS B 114 16.35 -6.42 -43.74
N TRP B 115 15.93 -7.67 -43.99
CA TRP B 115 15.88 -8.75 -42.98
C TRP B 115 16.86 -9.86 -43.40
N PHE B 116 17.66 -10.35 -42.45
CA PHE B 116 18.63 -11.46 -42.65
C PHE B 116 18.28 -12.61 -41.70
N PHE B 117 18.24 -13.84 -42.23
CA PHE B 117 17.89 -15.06 -41.44
C PHE B 117 18.98 -16.11 -41.66
N ILE B 118 19.33 -16.82 -40.58
CA ILE B 118 20.38 -17.89 -40.58
C ILE B 118 19.75 -19.16 -40.00
N TYR B 119 19.91 -20.28 -40.69
CA TYR B 119 19.58 -21.64 -40.20
C TYR B 119 20.90 -22.33 -39.85
N PRO B 120 21.35 -22.29 -38.57
CA PRO B 120 22.66 -22.84 -38.21
C PRO B 120 22.70 -24.37 -38.31
N GLU B 121 21.64 -25.06 -37.85
CA GLU B 121 21.49 -26.54 -37.90
C GLU B 121 21.52 -26.98 -39.38
N GLN B 122 20.79 -26.29 -40.26
CA GLN B 122 20.75 -26.55 -41.72
C GLN B 122 21.95 -25.87 -42.40
N GLY B 123 22.55 -24.87 -41.75
CA GLY B 123 23.75 -24.15 -42.23
C GLY B 123 23.46 -23.40 -43.54
N ILE B 124 22.36 -22.66 -43.60
CA ILE B 124 21.98 -21.81 -44.78
C ILE B 124 21.68 -20.39 -44.31
N ALA B 125 21.63 -19.43 -45.24
CA ALA B 125 21.29 -18.02 -44.98
C ALA B 125 20.30 -17.53 -46.03
N THR B 126 19.37 -16.65 -45.63
CA THR B 126 18.33 -16.07 -46.51
C THR B 126 18.17 -14.57 -46.24
N VAL B 127 17.68 -13.84 -47.23
CA VAL B 127 17.35 -12.38 -47.13
C VAL B 127 15.90 -12.20 -47.55
N ASN B 128 15.06 -11.75 -46.60
CA ASN B 128 13.63 -11.38 -46.82
C ASN B 128 12.79 -12.62 -47.12
N GLU B 129 13.11 -13.77 -46.53
CA GLU B 129 12.27 -15.00 -46.63
C GLU B 129 12.68 -16.03 -45.57
N ILE B 130 11.71 -16.72 -44.98
CA ILE B 130 11.90 -17.88 -44.07
C ILE B 130 10.95 -19.00 -44.49
N ALA B 131 11.25 -20.23 -44.04
CA ALA B 131 10.41 -21.42 -44.25
C ALA B 131 10.57 -22.37 -43.05
N PHE B 132 9.47 -23.02 -42.67
CA PHE B 132 9.43 -23.99 -41.54
C PHE B 132 8.19 -24.87 -41.68
N PRO B 133 8.27 -26.19 -41.40
CA PRO B 133 7.10 -27.08 -41.50
C PRO B 133 5.99 -26.67 -40.53
N ALA B 134 4.73 -26.86 -40.96
CA ALA B 134 3.52 -26.57 -40.16
C ALA B 134 3.46 -27.49 -38.94
N ASN B 135 2.81 -27.04 -37.88
CA ASN B 135 2.61 -27.79 -36.60
C ASN B 135 3.97 -28.17 -36.02
N THR B 136 4.96 -27.28 -36.11
CA THR B 136 6.32 -27.46 -35.54
C THR B 136 6.74 -26.17 -34.86
N PRO B 137 7.15 -26.20 -33.57
CA PRO B 137 7.63 -25.00 -32.89
C PRO B 137 8.86 -24.40 -33.58
N VAL B 138 8.91 -23.06 -33.66
CA VAL B 138 10.04 -22.30 -34.27
C VAL B 138 10.60 -21.35 -33.21
N TYR B 139 11.91 -21.43 -32.98
CA TYR B 139 12.65 -20.67 -31.94
C TYR B 139 13.48 -19.59 -32.63
N PHE B 140 13.03 -18.33 -32.52
CA PHE B 140 13.70 -17.16 -33.13
C PHE B 140 14.65 -16.53 -32.10
N LYS B 141 15.93 -16.44 -32.46
CA LYS B 141 16.96 -15.63 -31.74
C LYS B 141 17.19 -14.36 -32.55
N VAL B 142 16.66 -13.23 -32.08
CA VAL B 142 16.57 -11.97 -32.88
C VAL B 142 17.57 -10.96 -32.33
N THR B 143 18.39 -10.39 -33.22
CA THR B 143 19.29 -9.25 -32.92
C THR B 143 19.29 -8.25 -34.09
N SER B 144 19.79 -7.04 -33.84
CA SER B 144 19.92 -5.97 -34.85
C SER B 144 21.40 -5.72 -35.15
N ASN B 145 21.76 -5.74 -36.43
CA ASN B 145 23.10 -5.31 -36.91
C ASN B 145 23.22 -3.79 -36.72
N SER B 146 22.10 -3.06 -36.60
CA SER B 146 22.09 -1.58 -36.57
C SER B 146 20.97 -1.07 -35.65
N VAL B 147 20.43 0.13 -35.95
CA VAL B 147 19.29 0.79 -35.27
C VAL B 147 18.20 -0.22 -34.90
N MET B 148 17.55 0.00 -33.76
CA MET B 148 16.44 -0.83 -33.19
C MET B 148 15.42 -1.14 -34.30
N ASN B 149 14.95 -2.39 -34.34
CA ASN B 149 13.83 -2.83 -35.22
C ASN B 149 12.87 -3.68 -34.38
N SER B 150 11.80 -4.18 -35.00
CA SER B 150 10.79 -5.03 -34.32
C SER B 150 10.35 -6.18 -35.24
N PHE B 151 10.82 -7.39 -34.94
CA PHE B 151 10.41 -8.63 -35.66
C PHE B 151 8.94 -8.89 -35.34
N PHE B 152 8.11 -9.07 -36.37
CA PHE B 152 6.64 -9.23 -36.21
C PHE B 152 6.03 -9.99 -37.40
N ILE B 153 5.32 -11.08 -37.10
CA ILE B 153 4.46 -11.83 -38.06
C ILE B 153 3.04 -11.79 -37.50
N PRO B 154 2.17 -10.87 -37.99
CA PRO B 154 0.86 -10.62 -37.36
C PRO B 154 -0.02 -11.86 -37.18
N ARG B 155 -0.08 -12.72 -38.20
CA ARG B 155 -0.97 -13.91 -38.22
C ARG B 155 -0.46 -14.95 -37.22
N LEU B 156 0.87 -15.15 -37.14
CA LEU B 156 1.47 -16.22 -36.31
C LEU B 156 1.34 -15.88 -34.82
N GLY B 157 1.63 -14.64 -34.42
CA GLY B 157 1.45 -14.19 -33.01
C GLY B 157 2.35 -13.02 -32.63
N SER B 158 2.96 -13.09 -31.44
CA SER B 158 3.61 -11.97 -30.72
C SER B 158 4.80 -11.42 -31.51
N GLN B 159 5.10 -10.13 -31.31
CA GLN B 159 6.28 -9.43 -31.89
C GLN B 159 7.38 -9.32 -30.83
N ILE B 160 8.56 -8.87 -31.24
CA ILE B 160 9.70 -8.59 -30.31
C ILE B 160 10.59 -7.49 -30.90
N TYR B 161 11.46 -6.91 -30.08
CA TYR B 161 12.46 -5.91 -30.52
C TYR B 161 13.76 -6.62 -30.93
N ALA B 162 14.46 -6.01 -31.88
CA ALA B 162 15.85 -6.34 -32.29
C ALA B 162 16.74 -5.14 -31.95
N MET B 163 17.71 -5.33 -31.05
CA MET B 163 18.62 -4.26 -30.59
C MET B 163 20.07 -4.73 -30.78
N ALA B 164 20.97 -3.78 -31.05
CA ALA B 164 22.40 -4.05 -31.36
C ALA B 164 23.07 -4.73 -30.15
N GLY B 165 23.76 -5.85 -30.41
CA GLY B 165 24.58 -6.58 -29.43
C GLY B 165 23.75 -7.29 -28.36
N MET B 166 22.46 -7.51 -28.61
CA MET B 166 21.53 -8.17 -27.65
C MET B 166 20.71 -9.22 -28.40
N GLN B 167 20.75 -10.47 -27.91
CA GLN B 167 19.92 -11.60 -28.41
C GLN B 167 18.61 -11.62 -27.62
N THR B 168 17.47 -11.62 -28.32
CA THR B 168 16.12 -11.73 -27.71
C THR B 168 15.43 -12.99 -28.25
N ARG B 169 14.77 -13.73 -27.36
CA ARG B 169 14.16 -15.05 -27.68
C ARG B 169 12.67 -14.86 -28.00
N LEU B 170 12.17 -15.65 -28.95
CA LEU B 170 10.73 -15.70 -29.33
C LEU B 170 10.39 -17.11 -29.82
N HIS B 171 9.13 -17.52 -29.64
CA HIS B 171 8.61 -18.84 -30.06
C HIS B 171 7.32 -18.65 -30.85
N LEU B 172 7.19 -19.32 -32.00
CA LEU B 172 5.97 -19.27 -32.86
C LEU B 172 5.75 -20.64 -33.52
N ILE B 173 4.49 -21.08 -33.55
CA ILE B 173 4.05 -22.34 -34.22
C ILE B 173 2.87 -22.01 -35.13
N ALA B 174 2.87 -22.60 -36.34
CA ALA B 174 1.82 -22.41 -37.37
C ALA B 174 0.93 -23.65 -37.41
N ASN B 175 -0.37 -23.48 -37.23
CA ASN B 175 -1.37 -24.58 -37.22
C ASN B 175 -1.79 -24.91 -38.66
N GLU B 176 -1.78 -23.92 -39.56
CA GLU B 176 -2.25 -24.08 -40.96
C GLU B 176 -1.10 -23.77 -41.92
N PRO B 177 -0.78 -24.66 -42.88
CA PRO B 177 0.25 -24.38 -43.87
C PRO B 177 -0.18 -23.24 -44.83
N GLY B 178 0.78 -22.43 -45.27
CA GLY B 178 0.57 -21.32 -46.24
C GLY B 178 1.62 -20.24 -46.13
N THR B 179 1.40 -19.12 -46.82
CA THR B 179 2.31 -17.94 -46.87
C THR B 179 1.73 -16.84 -45.99
N TYR B 180 2.52 -16.30 -45.07
CA TYR B 180 2.13 -15.21 -44.15
C TYR B 180 3.09 -14.02 -44.30
N ASP B 181 2.56 -12.80 -44.17
CA ASP B 181 3.34 -11.54 -44.30
C ASP B 181 4.04 -11.26 -42.96
N GLY B 182 5.26 -10.71 -43.04
CA GLY B 182 6.07 -10.29 -41.89
C GLY B 182 6.66 -8.91 -42.11
N ILE B 183 6.52 -8.01 -41.14
CA ILE B 183 6.95 -6.59 -41.25
C ILE B 183 7.85 -6.23 -40.07
N SER B 184 8.34 -4.99 -40.05
CA SER B 184 9.02 -4.35 -38.90
C SER B 184 8.03 -3.40 -38.22
N ALA B 185 7.91 -3.50 -36.89
CA ALA B 185 6.98 -2.68 -36.08
C ALA B 185 7.73 -1.58 -35.32
N SER B 186 8.95 -1.23 -35.74
CA SER B 186 9.75 -0.12 -35.16
C SER B 186 10.43 0.66 -36.29
N TYR B 187 10.15 1.96 -36.39
CA TYR B 187 10.65 2.85 -37.46
C TYR B 187 12.18 2.96 -37.36
N SER B 188 12.89 2.47 -38.38
CA SER B 188 14.37 2.38 -38.43
C SER B 188 14.98 3.42 -39.38
N GLY B 189 14.17 4.13 -40.18
CA GLY B 189 14.69 5.19 -41.09
C GLY B 189 13.94 5.23 -42.43
N PRO B 190 14.52 5.89 -43.47
CA PRO B 190 13.86 6.06 -44.75
C PRO B 190 13.36 4.76 -45.41
N GLY B 191 14.15 3.69 -45.30
CA GLY B 191 13.85 2.37 -45.92
C GLY B 191 13.04 1.46 -45.01
N PHE B 192 12.46 1.99 -43.92
CA PHE B 192 11.70 1.19 -42.91
C PHE B 192 10.49 0.52 -43.57
N SER B 193 9.81 1.24 -44.47
CA SER B 193 8.68 0.74 -45.30
C SER B 193 9.13 -0.49 -46.11
N GLY B 194 10.39 -0.51 -46.55
CA GLY B 194 10.98 -1.60 -47.35
C GLY B 194 10.95 -2.95 -46.64
N MET B 195 11.20 -2.96 -45.32
CA MET B 195 11.31 -4.19 -44.51
C MET B 195 10.01 -5.00 -44.61
N LYS B 196 10.01 -6.03 -45.46
CA LYS B 196 8.85 -6.95 -45.69
C LYS B 196 9.39 -8.32 -46.09
N PHE B 197 8.91 -9.39 -45.46
CA PHE B 197 9.33 -10.78 -45.75
C PHE B 197 8.10 -11.72 -45.72
N LYS B 198 8.31 -12.95 -46.17
CA LYS B 198 7.25 -13.99 -46.27
C LYS B 198 7.67 -15.20 -45.43
N ALA B 199 6.77 -15.68 -44.57
CA ALA B 199 6.95 -16.94 -43.80
C ALA B 199 6.14 -18.03 -44.47
N ILE B 200 6.83 -19.08 -44.97
CA ILE B 200 6.18 -20.22 -45.67
C ILE B 200 6.11 -21.40 -44.71
N ALA B 201 4.91 -21.68 -44.18
CA ALA B 201 4.60 -22.89 -43.40
C ALA B 201 4.30 -24.03 -44.37
N THR B 202 5.27 -24.89 -44.63
CA THR B 202 5.14 -25.99 -45.63
C THR B 202 4.16 -27.02 -45.08
N PRO B 203 3.34 -27.67 -45.92
CA PRO B 203 2.42 -28.72 -45.47
C PRO B 203 3.11 -29.88 -44.73
N ASP B 204 4.32 -30.26 -45.16
CA ASP B 204 5.07 -31.40 -44.57
C ASP B 204 6.57 -31.05 -44.47
N ARG B 205 7.35 -31.94 -43.85
CA ARG B 205 8.82 -31.78 -43.67
C ARG B 205 9.49 -31.79 -45.04
N ALA B 206 9.07 -32.70 -45.94
CA ALA B 206 9.73 -32.96 -47.24
C ALA B 206 9.84 -31.65 -48.05
N ALA B 207 8.79 -30.84 -48.07
CA ALA B 207 8.77 -29.52 -48.75
C ALA B 207 9.83 -28.61 -48.12
N PHE B 208 9.98 -28.63 -46.79
CA PHE B 208 10.98 -27.83 -46.05
C PHE B 208 12.40 -28.27 -46.46
N ASP B 209 12.64 -29.58 -46.58
CA ASP B 209 13.95 -30.13 -47.00
C ASP B 209 14.22 -29.71 -48.44
N GLN B 210 13.20 -29.73 -49.31
CA GLN B 210 13.31 -29.31 -50.74
C GLN B 210 13.72 -27.83 -50.80
N TRP B 211 13.08 -26.98 -49.98
CA TRP B 211 13.38 -25.53 -49.89
C TRP B 211 14.83 -25.33 -49.41
N VAL B 212 15.25 -26.10 -48.39
CA VAL B 212 16.63 -26.03 -47.81
C VAL B 212 17.63 -26.43 -48.90
N ALA B 213 17.35 -27.50 -49.65
CA ALA B 213 18.21 -27.99 -50.76
C ALA B 213 18.30 -26.91 -51.85
N LYS B 214 17.19 -26.27 -52.18
CA LYS B 214 17.14 -25.18 -53.20
C LYS B 214 18.05 -24.02 -52.74
N ALA B 215 17.96 -23.63 -51.46
CA ALA B 215 18.81 -22.59 -50.84
C ALA B 215 20.28 -23.04 -50.89
N LYS B 216 20.55 -24.34 -50.69
CA LYS B 216 21.92 -24.91 -50.72
C LYS B 216 22.54 -24.78 -52.13
N GLN B 217 21.72 -24.67 -53.18
CA GLN B 217 22.20 -24.59 -54.58
C GLN B 217 22.58 -23.15 -54.95
N SER B 218 22.41 -22.16 -54.06
CA SER B 218 22.79 -20.75 -54.29
C SER B 218 24.29 -20.65 -54.57
N PRO B 219 24.72 -19.96 -55.65
CA PRO B 219 26.15 -19.75 -55.92
C PRO B 219 26.87 -18.93 -54.83
N ASN B 220 26.13 -18.09 -54.11
CA ASN B 220 26.69 -17.13 -53.11
C ASN B 220 26.90 -17.86 -51.77
N THR B 221 27.97 -17.49 -51.06
CA THR B 221 28.36 -18.07 -49.75
C THR B 221 28.62 -16.93 -48.74
N MET B 222 28.27 -17.18 -47.48
CA MET B 222 28.50 -16.24 -46.35
C MET B 222 29.42 -16.94 -45.35
N SER B 223 30.74 -16.92 -45.62
CA SER B 223 31.77 -17.66 -44.85
C SER B 223 32.61 -16.72 -43.97
N ASP B 224 32.64 -15.41 -44.26
CA ASP B 224 33.51 -14.43 -43.56
C ASP B 224 32.72 -13.15 -43.25
N MET B 225 33.21 -12.40 -42.26
CA MET B 225 32.62 -11.11 -41.82
C MET B 225 32.68 -10.07 -42.96
N ALA B 226 33.67 -10.16 -43.85
CA ALA B 226 33.83 -9.22 -44.99
C ALA B 226 32.61 -9.33 -45.91
N ALA B 227 32.17 -10.55 -46.23
CA ALA B 227 30.96 -10.82 -47.06
C ALA B 227 29.71 -10.29 -46.34
N PHE B 228 29.63 -10.51 -45.03
CA PHE B 228 28.50 -10.05 -44.18
C PHE B 228 28.41 -8.52 -44.25
N GLU B 229 29.55 -7.84 -44.09
CA GLU B 229 29.64 -6.34 -44.11
C GLU B 229 29.29 -5.84 -45.51
N LYS B 230 29.73 -6.55 -46.56
CA LYS B 230 29.43 -6.20 -47.97
C LYS B 230 27.91 -6.25 -48.19
N LEU B 231 27.24 -7.29 -47.66
CA LEU B 231 25.76 -7.40 -47.72
C LEU B 231 25.12 -6.32 -46.84
N ALA B 232 25.75 -5.97 -45.71
CA ALA B 232 25.22 -5.03 -44.70
C ALA B 232 25.26 -3.57 -45.19
N ALA B 233 25.75 -3.30 -46.40
CA ALA B 233 25.75 -1.96 -47.03
C ALA B 233 24.31 -1.42 -47.05
N PRO B 234 24.10 -0.12 -46.75
CA PRO B 234 22.76 0.48 -46.81
C PRO B 234 22.10 0.30 -48.19
N SER B 235 21.02 -0.48 -48.24
CA SER B 235 20.22 -0.78 -49.46
C SER B 235 18.74 -0.79 -49.11
N GLU B 236 17.87 -0.59 -50.12
CA GLU B 236 16.41 -0.39 -49.93
C GLU B 236 15.64 -1.35 -50.84
N TYR B 237 14.55 -1.93 -50.32
CA TYR B 237 13.65 -2.88 -51.04
C TYR B 237 14.47 -4.05 -51.58
N ASN B 238 15.30 -4.66 -50.74
CA ASN B 238 16.17 -5.80 -51.11
C ASN B 238 15.28 -7.00 -51.48
N GLN B 239 15.62 -7.68 -52.59
CA GLN B 239 14.91 -8.88 -53.08
C GLN B 239 15.28 -10.09 -52.21
N VAL B 240 14.53 -11.18 -52.34
CA VAL B 240 14.80 -12.46 -51.61
C VAL B 240 16.13 -13.02 -52.13
N GLU B 241 17.07 -13.31 -51.22
CA GLU B 241 18.40 -13.87 -51.56
C GLU B 241 18.67 -15.14 -50.74
N TYR B 242 19.58 -15.98 -51.25
CA TYR B 242 19.99 -17.27 -50.63
C TYR B 242 21.52 -17.32 -50.55
N PHE B 243 22.04 -18.02 -49.53
CA PHE B 243 23.49 -18.25 -49.31
C PHE B 243 23.69 -19.67 -48.78
N SER B 244 24.53 -20.45 -49.47
CA SER B 244 24.72 -21.90 -49.23
C SER B 244 25.57 -22.13 -47.98
N ASN B 245 26.81 -21.63 -47.98
CA ASN B 245 27.83 -21.88 -46.93
C ASN B 245 27.76 -20.74 -45.90
N VAL B 246 27.59 -21.09 -44.62
CA VAL B 246 27.47 -20.12 -43.50
C VAL B 246 28.54 -20.46 -42.45
N LYS B 247 29.19 -19.44 -41.89
CA LYS B 247 30.16 -19.58 -40.77
C LYS B 247 29.43 -20.23 -39.60
N PRO B 248 30.01 -21.27 -38.95
CA PRO B 248 29.36 -21.95 -37.83
C PRO B 248 28.80 -21.02 -36.74
N ASP B 249 29.58 -20.00 -36.35
CA ASP B 249 29.18 -18.99 -35.33
C ASP B 249 29.23 -17.60 -35.99
N LEU B 250 28.15 -17.23 -36.68
CA LEU B 250 27.98 -15.90 -37.34
C LEU B 250 27.17 -14.97 -36.42
N PHE B 251 26.11 -15.48 -35.81
CA PHE B 251 25.21 -14.74 -34.88
C PHE B 251 26.03 -14.22 -33.70
N ALA B 252 26.86 -15.10 -33.11
CA ALA B 252 27.79 -14.80 -32.00
C ALA B 252 28.73 -13.65 -32.39
N ASP B 253 29.32 -13.72 -33.60
CA ASP B 253 30.26 -12.69 -34.10
C ASP B 253 29.51 -11.37 -34.32
N VAL B 254 28.27 -11.43 -34.84
CA VAL B 254 27.43 -10.23 -35.07
C VAL B 254 27.18 -9.54 -33.73
N ILE B 255 26.83 -10.30 -32.68
CA ILE B 255 26.59 -9.74 -31.31
C ILE B 255 27.93 -9.19 -30.77
N ASN B 256 29.02 -9.94 -30.90
CA ASN B 256 30.35 -9.58 -30.32
C ASN B 256 30.96 -8.39 -31.07
N LYS B 257 30.44 -8.03 -32.26
CA LYS B 257 30.82 -6.78 -32.97
C LYS B 257 30.72 -5.57 -32.03
N PHE B 258 29.72 -5.55 -31.14
CA PHE B 258 29.46 -4.45 -30.18
C PHE B 258 30.04 -4.78 -28.80
N MET B 259 30.78 -5.89 -28.68
CA MET B 259 31.43 -6.34 -27.42
C MET B 259 30.39 -6.41 -26.30
N ALA B 260 29.43 -7.34 -26.44
CA ALA B 260 28.34 -7.59 -25.47
C ALA B 260 27.93 -9.07 -25.52
N ALA C 1 5.74 37.98 2.06
CA ALA C 1 6.32 38.06 0.69
C ALA C 1 7.51 37.10 0.56
N GLY C 2 8.46 37.18 1.50
CA GLY C 2 9.65 36.31 1.56
C GLY C 2 9.27 34.84 1.64
N GLY C 3 8.22 34.51 2.41
CA GLY C 3 7.70 33.15 2.60
C GLY C 3 7.41 32.45 1.28
N THR C 4 6.66 33.11 0.40
CA THR C 4 6.24 32.57 -0.92
C THR C 4 7.48 32.27 -1.76
N LYS C 5 8.45 33.20 -1.81
CA LYS C 5 9.70 33.06 -2.61
C LYS C 5 10.52 31.89 -2.08
N ILE C 6 10.67 31.78 -0.75
CA ILE C 6 11.45 30.69 -0.09
C ILE C 6 10.77 29.35 -0.40
N PHE C 7 9.44 29.27 -0.30
CA PHE C 7 8.64 28.04 -0.56
C PHE C 7 8.83 27.65 -2.03
N GLY C 8 8.79 28.62 -2.95
CA GLY C 8 9.00 28.41 -4.39
C GLY C 8 10.38 27.83 -4.66
N PHE C 9 11.41 28.38 -4.01
CA PHE C 9 12.81 27.92 -4.17
C PHE C 9 12.93 26.50 -3.58
N TRP C 10 12.22 26.21 -2.49
CA TRP C 10 12.18 24.86 -1.88
C TRP C 10 11.60 23.85 -2.88
N ILE C 11 10.51 24.21 -3.56
CA ILE C 11 9.86 23.34 -4.58
C ILE C 11 10.82 23.17 -5.77
N TYR C 12 11.54 24.22 -6.17
CA TYR C 12 12.58 24.13 -7.23
C TYR C 12 13.68 23.15 -6.81
N LEU C 13 14.10 23.19 -5.54
CA LEU C 13 15.14 22.26 -5.01
C LEU C 13 14.60 20.82 -5.04
N MET C 14 13.30 20.62 -4.81
CA MET C 14 12.68 19.27 -4.86
C MET C 14 12.72 18.78 -6.31
N SER C 15 12.40 19.65 -7.28
CA SER C 15 12.53 19.39 -8.73
C SER C 15 13.99 18.99 -9.05
N ASP C 16 14.95 19.72 -8.47
CA ASP C 16 16.41 19.48 -8.67
C ASP C 16 16.80 18.15 -8.04
N CYS C 17 16.18 17.77 -6.92
CA CYS C 17 16.36 16.44 -6.27
C CYS C 17 15.99 15.34 -7.29
N ILE C 18 14.85 15.50 -7.97
CA ILE C 18 14.37 14.56 -9.03
C ILE C 18 15.43 14.54 -10.14
N LEU C 19 15.91 15.73 -10.55
CA LEU C 19 16.92 15.90 -11.63
C LEU C 19 18.17 15.06 -11.30
N PHE C 20 18.68 15.17 -10.08
CA PHE C 20 19.92 14.47 -9.64
C PHE C 20 19.65 12.96 -9.46
N SER C 21 18.45 12.59 -9.01
CA SER C 21 18.07 11.16 -8.82
C SER C 21 18.12 10.44 -10.16
N ILE C 22 17.69 11.09 -11.24
CA ILE C 22 17.71 10.51 -12.62
C ILE C 22 19.17 10.24 -13.01
N LEU C 23 20.07 11.20 -12.78
CA LEU C 23 21.53 11.04 -13.08
C LEU C 23 22.12 9.90 -12.24
N PHE C 24 21.71 9.79 -10.96
CA PHE C 24 22.16 8.72 -10.04
C PHE C 24 21.76 7.36 -10.60
N ALA C 25 20.50 7.21 -11.04
CA ALA C 25 19.96 5.96 -11.64
C ALA C 25 20.76 5.63 -12.91
N THR C 26 21.02 6.63 -13.76
CA THR C 26 21.78 6.47 -15.03
C THR C 26 23.18 5.94 -14.71
N TYR C 27 23.86 6.54 -13.72
CA TYR C 27 25.23 6.14 -13.30
C TYR C 27 25.19 4.71 -12.75
N ALA C 28 24.19 4.37 -11.92
CA ALA C 28 24.04 3.05 -11.28
C ALA C 28 23.89 1.97 -12.35
N VAL C 29 23.15 2.26 -13.42
CA VAL C 29 22.93 1.31 -14.55
C VAL C 29 24.25 1.13 -15.32
N LEU C 30 24.99 2.23 -15.55
CA LEU C 30 26.20 2.23 -16.41
C LEU C 30 27.49 2.17 -15.56
N VAL C 31 27.40 1.71 -14.30
CA VAL C 31 28.60 1.64 -13.39
C VAL C 31 29.60 0.60 -13.95
N ASN C 32 29.10 -0.50 -14.53
CA ASN C 32 29.95 -1.59 -15.10
C ASN C 32 30.06 -1.42 -16.63
N GLY C 33 29.64 -0.26 -17.17
CA GLY C 33 29.59 0.01 -18.62
C GLY C 33 30.96 -0.10 -19.28
N THR C 34 32.02 0.33 -18.58
CA THR C 34 33.40 0.41 -19.12
C THR C 34 33.83 -0.95 -19.70
N ALA C 35 34.35 -0.95 -20.92
CA ALA C 35 34.85 -2.13 -21.65
C ALA C 35 36.26 -1.82 -22.17
N GLY C 36 37.26 -2.61 -21.74
CA GLY C 36 38.68 -2.40 -22.05
C GLY C 36 39.13 -0.99 -21.70
N GLY C 37 38.74 -0.50 -20.52
CA GLY C 37 39.04 0.86 -20.03
C GLY C 37 39.18 0.92 -18.51
N PRO C 38 39.53 2.10 -17.94
CA PRO C 38 39.68 2.23 -16.49
C PRO C 38 38.36 1.98 -15.74
N THR C 39 38.45 1.36 -14.56
CA THR C 39 37.31 1.07 -13.66
C THR C 39 37.34 2.06 -12.49
N GLY C 40 36.38 1.95 -11.57
CA GLY C 40 36.29 2.77 -10.35
C GLY C 40 37.56 2.65 -9.51
N LYS C 41 38.06 1.43 -9.32
CA LYS C 41 39.22 1.12 -8.47
C LYS C 41 40.50 1.72 -9.06
N ASP C 42 40.59 1.87 -10.38
CA ASP C 42 41.85 2.22 -11.09
C ASP C 42 42.14 3.73 -11.03
N ILE C 43 41.12 4.59 -10.99
CA ILE C 43 41.30 6.06 -11.18
C ILE C 43 40.91 6.87 -9.94
N PHE C 44 40.03 6.35 -9.06
CA PHE C 44 39.50 7.12 -7.90
C PHE C 44 40.58 7.19 -6.81
N GLU C 45 41.09 8.40 -6.56
CA GLU C 45 42.00 8.73 -5.44
C GLU C 45 41.15 9.21 -4.26
N LEU C 46 41.13 8.43 -3.17
CA LEU C 46 40.26 8.68 -1.99
C LEU C 46 40.72 9.91 -1.20
N PRO C 47 42.04 10.13 -0.94
CA PRO C 47 42.50 11.35 -0.28
C PRO C 47 42.00 12.65 -0.94
N PHE C 48 42.01 12.72 -2.27
CA PHE C 48 41.56 13.89 -3.07
C PHE C 48 40.07 14.15 -2.77
N VAL C 49 39.27 13.08 -2.78
CA VAL C 49 37.80 13.15 -2.54
C VAL C 49 37.57 13.58 -1.08
N LEU C 50 38.38 13.08 -0.14
CA LEU C 50 38.29 13.44 1.30
C LEU C 50 38.55 14.94 1.46
N VAL C 51 39.58 15.48 0.78
CA VAL C 51 39.95 16.92 0.84
C VAL C 51 38.78 17.73 0.26
N GLU C 52 38.23 17.30 -0.89
CA GLU C 52 37.07 17.95 -1.55
C GLU C 52 35.90 18.02 -0.57
N THR C 53 35.56 16.89 0.09
CA THR C 53 34.42 16.76 1.02
C THR C 53 34.61 17.72 2.19
N PHE C 54 35.80 17.74 2.81
CA PHE C 54 36.10 18.61 3.97
C PHE C 54 36.00 20.07 3.57
N LEU C 55 36.51 20.46 2.40
CA LEU C 55 36.49 21.88 1.96
C LEU C 55 35.04 22.30 1.68
N LEU C 56 34.22 21.45 1.06
CA LEU C 56 32.80 21.79 0.79
C LEU C 56 32.03 21.88 2.12
N LEU C 57 32.34 21.00 3.08
CA LEU C 57 31.71 21.02 4.44
C LEU C 57 32.10 22.33 5.14
N PHE C 58 33.37 22.77 5.02
CA PHE C 58 33.85 24.06 5.58
C PHE C 58 33.07 25.20 4.94
N SER C 59 32.83 25.13 3.62
CA SER C 59 32.02 26.10 2.86
C SER C 59 30.61 26.18 3.50
N SER C 60 29.97 25.04 3.72
CA SER C 60 28.60 24.95 4.31
C SER C 60 28.59 25.60 5.69
N ILE C 61 29.57 25.27 6.54
CA ILE C 61 29.64 25.79 7.94
C ILE C 61 29.83 27.31 7.91
N THR C 62 30.74 27.81 7.05
CA THR C 62 31.02 29.26 6.94
C THR C 62 29.75 29.99 6.46
N TYR C 63 29.01 29.41 5.50
CA TYR C 63 27.76 30.04 5.00
C TYR C 63 26.70 30.07 6.12
N GLY C 64 26.63 29.00 6.92
CA GLY C 64 25.76 28.92 8.11
C GLY C 64 26.07 30.05 9.08
N MET C 65 27.36 30.28 9.33
CA MET C 65 27.84 31.39 10.20
C MET C 65 27.43 32.73 9.59
N ALA C 66 27.47 32.85 8.25
CA ALA C 66 27.02 34.05 7.52
C ALA C 66 25.53 34.28 7.79
N ALA C 67 24.70 33.23 7.74
CA ALA C 67 23.25 33.29 7.99
C ALA C 67 22.99 33.76 9.42
N ILE C 68 23.74 33.21 10.39
CA ILE C 68 23.65 33.59 11.83
C ILE C 68 23.98 35.08 11.97
N ALA C 69 25.07 35.54 11.34
CA ALA C 69 25.53 36.94 11.37
C ALA C 69 24.45 37.85 10.76
N MET C 70 23.77 37.40 9.70
CA MET C 70 22.67 38.16 9.04
C MET C 70 21.50 38.30 10.02
N TYR C 71 21.18 37.23 10.75
CA TYR C 71 20.21 37.26 11.87
C TYR C 71 20.69 38.23 12.96
N LYS C 72 22.00 38.45 13.08
CA LYS C 72 22.60 39.37 14.10
C LYS C 72 22.65 40.81 13.56
N ASN C 73 22.15 41.07 12.34
CA ASN C 73 22.01 42.42 11.74
C ASN C 73 23.39 43.08 11.61
N ASN C 74 24.42 42.31 11.24
CA ASN C 74 25.79 42.82 10.98
C ASN C 74 26.13 42.61 9.50
N LYS C 75 26.72 43.63 8.86
CA LYS C 75 27.06 43.62 7.41
C LYS C 75 28.46 43.02 7.22
N SER C 76 29.46 43.53 7.94
CA SER C 76 30.89 43.18 7.78
C SER C 76 31.09 41.68 8.00
N GLN C 77 30.47 41.13 9.05
CA GLN C 77 30.56 39.69 9.42
C GLN C 77 30.01 38.84 8.28
N VAL C 78 28.83 39.22 7.74
CA VAL C 78 28.17 38.49 6.62
C VAL C 78 29.09 38.53 5.40
N ILE C 79 29.66 39.70 5.08
CA ILE C 79 30.58 39.89 3.91
C ILE C 79 31.79 38.95 4.07
N SER C 80 32.42 38.95 5.25
CA SER C 80 33.64 38.14 5.56
C SER C 80 33.32 36.65 5.42
N TRP C 81 32.22 36.19 6.03
CA TRP C 81 31.78 34.77 6.00
C TRP C 81 31.47 34.35 4.57
N LEU C 82 30.78 35.21 3.80
CA LEU C 82 30.44 34.94 2.38
C LEU C 82 31.74 34.83 1.55
N ALA C 83 32.72 35.69 1.80
CA ALA C 83 34.03 35.68 1.11
C ALA C 83 34.73 34.35 1.39
N LEU C 84 34.74 33.90 2.66
CA LEU C 84 35.39 32.64 3.07
C LEU C 84 34.68 31.46 2.41
N THR C 85 33.34 31.47 2.39
CA THR C 85 32.50 30.42 1.75
C THR C 85 32.84 30.36 0.25
N TRP C 86 32.89 31.51 -0.42
CA TRP C 86 33.19 31.61 -1.88
C TRP C 86 34.61 31.06 -2.14
N LEU C 87 35.56 31.36 -1.26
CA LEU C 87 36.97 30.89 -1.40
C LEU C 87 36.99 29.36 -1.32
N PHE C 88 36.28 28.76 -0.35
CA PHE C 88 36.19 27.29 -0.18
C PHE C 88 35.55 26.66 -1.42
N GLY C 89 34.45 27.24 -1.92
CA GLY C 89 33.75 26.78 -3.13
C GLY C 89 34.66 26.83 -4.35
N ALA C 90 35.43 27.93 -4.49
CA ALA C 90 36.39 28.13 -5.59
C ALA C 90 37.47 27.04 -5.54
N GLY C 91 37.97 26.74 -4.36
CA GLY C 91 38.95 25.66 -4.11
C GLY C 91 38.40 24.31 -4.56
N PHE C 92 37.16 24.00 -4.18
CA PHE C 92 36.46 22.74 -4.52
C PHE C 92 36.34 22.64 -6.06
N ILE C 93 35.89 23.72 -6.70
CA ILE C 93 35.71 23.78 -8.19
C ILE C 93 37.08 23.61 -8.86
N GLY C 94 38.12 24.25 -8.31
CA GLY C 94 39.51 24.14 -8.79
C GLY C 94 39.98 22.69 -8.82
N MET C 95 39.77 21.97 -7.71
CA MET C 95 40.15 20.54 -7.57
C MET C 95 39.36 19.70 -8.59
N GLU C 96 38.05 19.95 -8.74
CA GLU C 96 37.20 19.21 -9.70
C GLU C 96 37.72 19.42 -11.13
N ILE C 97 38.01 20.67 -11.49
CA ILE C 97 38.53 21.05 -12.85
C ILE C 97 39.89 20.36 -13.07
N TYR C 98 40.77 20.37 -12.06
CA TYR C 98 42.10 19.72 -12.13
C TYR C 98 41.94 18.22 -12.38
N GLU C 99 41.02 17.57 -11.66
CA GLU C 99 40.74 16.11 -11.77
C GLU C 99 40.25 15.82 -13.19
N PHE C 100 39.31 16.61 -13.72
CA PHE C 100 38.74 16.45 -15.07
C PHE C 100 39.86 16.63 -16.12
N HIS C 101 40.71 17.65 -15.97
CA HIS C 101 41.84 17.93 -16.89
C HIS C 101 42.79 16.73 -16.89
N HIS C 102 43.15 16.23 -15.71
CA HIS C 102 44.08 15.06 -15.54
C HIS C 102 43.48 13.84 -16.24
N LEU C 103 42.17 13.59 -16.06
CA LEU C 103 41.47 12.44 -16.69
C LEU C 103 41.48 12.58 -18.21
N ILE C 104 41.19 13.78 -18.73
CA ILE C 104 41.05 14.03 -20.20
C ILE C 104 42.42 13.88 -20.87
N VAL C 105 43.45 14.52 -20.30
CA VAL C 105 44.84 14.53 -20.86
C VAL C 105 45.36 13.10 -20.95
N ASN C 106 45.07 12.25 -19.95
CA ASN C 106 45.56 10.85 -19.86
C ASN C 106 44.73 9.92 -20.76
N GLY C 107 43.90 10.45 -21.66
CA GLY C 107 43.05 9.66 -22.58
C GLY C 107 42.04 8.80 -21.84
N MET C 108 41.38 9.39 -20.84
CA MET C 108 40.31 8.74 -20.04
C MET C 108 39.10 9.67 -19.97
N GLY C 109 38.80 10.35 -21.09
CA GLY C 109 37.73 11.36 -21.19
C GLY C 109 36.34 10.73 -21.22
N PRO C 110 35.26 11.53 -21.36
CA PRO C 110 33.89 11.00 -21.40
C PRO C 110 33.57 10.21 -22.68
N ASP C 111 34.44 10.24 -23.68
CA ASP C 111 34.24 9.57 -24.99
C ASP C 111 34.91 8.18 -24.99
N ARG C 112 35.44 7.72 -23.85
CA ARG C 112 36.21 6.45 -23.75
C ARG C 112 35.27 5.29 -23.42
N SER C 113 34.32 5.46 -22.49
CA SER C 113 33.40 4.39 -22.03
C SER C 113 32.11 4.95 -21.43
N GLY C 114 31.08 4.11 -21.33
CA GLY C 114 29.79 4.42 -20.68
C GLY C 114 29.97 4.83 -19.23
N PHE C 115 30.81 4.09 -18.49
CA PHE C 115 31.10 4.35 -17.06
C PHE C 115 31.72 5.75 -16.91
N LEU C 116 32.73 6.07 -17.71
CA LEU C 116 33.42 7.38 -17.67
C LEU C 116 32.44 8.48 -18.06
N SER C 117 31.58 8.25 -19.05
CA SER C 117 30.58 9.24 -19.53
C SER C 117 29.60 9.56 -18.38
N ALA C 118 29.08 8.54 -17.70
CA ALA C 118 28.11 8.67 -16.59
C ALA C 118 28.78 9.40 -15.41
N PHE C 119 30.02 9.02 -15.08
CA PHE C 119 30.83 9.64 -14.00
C PHE C 119 30.97 11.14 -14.29
N PHE C 120 31.41 11.48 -15.51
CA PHE C 120 31.61 12.88 -15.99
C PHE C 120 30.28 13.63 -15.89
N ALA C 121 29.18 13.03 -16.36
CA ALA C 121 27.84 13.65 -16.37
C ALA C 121 27.45 14.06 -14.95
N LEU C 122 27.51 13.12 -14.00
CA LEU C 122 27.03 13.34 -12.61
C LEU C 122 27.92 14.40 -11.94
N VAL C 123 29.24 14.21 -11.96
CA VAL C 123 30.19 15.10 -11.23
C VAL C 123 30.16 16.49 -11.90
N GLY C 124 30.06 16.53 -13.24
CA GLY C 124 29.94 17.77 -14.03
C GLY C 124 28.69 18.55 -13.69
N THR C 125 27.55 17.86 -13.57
CA THR C 125 26.24 18.48 -13.20
C THR C 125 26.39 19.12 -11.82
N HIS C 126 27.00 18.41 -10.87
CA HIS C 126 27.29 18.92 -9.50
C HIS C 126 28.22 20.15 -9.61
N GLY C 127 29.23 20.08 -10.47
CA GLY C 127 30.21 21.17 -10.69
C GLY C 127 29.54 22.44 -11.18
N LEU C 128 28.68 22.32 -12.21
CA LEU C 128 27.92 23.47 -12.78
C LEU C 128 26.98 24.02 -11.71
N HIS C 129 26.34 23.16 -10.90
CA HIS C 129 25.47 23.58 -9.77
C HIS C 129 26.29 24.42 -8.78
N VAL C 130 27.49 23.96 -8.40
CA VAL C 130 28.35 24.64 -7.39
C VAL C 130 28.83 25.97 -7.98
N THR C 131 29.20 26.02 -9.27
CA THR C 131 29.73 27.25 -9.92
C THR C 131 28.59 28.26 -10.07
N SER C 132 27.36 27.80 -10.29
CA SER C 132 26.14 28.65 -10.31
C SER C 132 25.95 29.27 -8.92
N GLY C 133 26.09 28.46 -7.85
CA GLY C 133 26.09 28.93 -6.46
C GLY C 133 27.16 29.98 -6.21
N LEU C 134 28.36 29.79 -6.79
CA LEU C 134 29.50 30.73 -6.62
C LEU C 134 29.18 32.06 -7.31
N ILE C 135 28.64 32.03 -8.53
CA ILE C 135 28.25 33.26 -9.29
C ILE C 135 27.14 33.97 -8.49
N TRP C 136 26.20 33.21 -7.92
CA TRP C 136 25.10 33.76 -7.09
C TRP C 136 25.68 34.46 -5.85
N MET C 137 26.68 33.85 -5.21
CA MET C 137 27.38 34.45 -4.04
C MET C 137 28.05 35.76 -4.46
N ALA C 138 28.73 35.77 -5.62
CA ALA C 138 29.45 36.96 -6.15
C ALA C 138 28.45 38.11 -6.33
N VAL C 139 27.34 37.86 -7.02
CA VAL C 139 26.31 38.90 -7.32
C VAL C 139 25.66 39.34 -6.00
N LEU C 140 25.43 38.41 -5.07
CA LEU C 140 24.76 38.72 -3.77
C LEU C 140 25.68 39.61 -2.93
N MET C 141 26.99 39.32 -2.91
CA MET C 141 27.99 40.10 -2.12
C MET C 141 28.10 41.51 -2.70
N VAL C 142 28.18 41.65 -4.02
CA VAL C 142 28.32 42.98 -4.69
C VAL C 142 27.02 43.76 -4.49
N GLN C 143 25.87 43.08 -4.37
CA GLN C 143 24.56 43.72 -4.07
C GLN C 143 24.54 44.19 -2.61
N ILE C 144 25.00 43.36 -1.66
CA ILE C 144 25.03 43.70 -0.20
C ILE C 144 25.93 44.92 0.01
N ALA C 145 27.11 44.96 -0.62
CA ALA C 145 28.10 46.04 -0.46
C ALA C 145 27.51 47.40 -0.85
N ARG C 146 26.54 47.44 -1.77
CA ARG C 146 25.99 48.71 -2.33
C ARG C 146 24.52 48.93 -1.92
N ARG C 147 23.84 47.96 -1.29
CA ARG C 147 22.39 48.10 -0.95
C ARG C 147 22.15 47.91 0.56
N GLY C 148 22.99 47.14 1.25
CA GLY C 148 22.82 46.78 2.68
C GLY C 148 21.88 45.60 2.86
N LEU C 149 21.59 45.23 4.11
CA LEU C 149 20.72 44.09 4.45
C LEU C 149 19.25 44.53 4.38
N THR C 150 18.64 44.41 3.19
CA THR C 150 17.20 44.68 2.95
C THR C 150 16.42 43.36 2.99
N SER C 151 15.09 43.45 2.95
CA SER C 151 14.15 42.29 2.97
C SER C 151 14.45 41.38 1.77
N THR C 152 14.60 41.95 0.58
CA THR C 152 14.94 41.23 -0.68
C THR C 152 16.27 40.50 -0.49
N ASN C 153 17.28 41.18 0.08
CA ASN C 153 18.63 40.62 0.33
C ASN C 153 18.51 39.44 1.31
N ARG C 154 17.71 39.58 2.37
CA ARG C 154 17.50 38.51 3.38
C ARG C 154 16.87 37.29 2.71
N THR C 155 15.85 37.51 1.87
CA THR C 155 15.14 36.44 1.11
C THR C 155 16.14 35.72 0.21
N ARG C 156 16.98 36.46 -0.52
CA ARG C 156 18.03 35.91 -1.43
C ARG C 156 19.02 35.07 -0.62
N ILE C 157 19.44 35.56 0.55
CA ILE C 157 20.41 34.85 1.44
C ILE C 157 19.77 33.54 1.90
N MET C 158 18.50 33.54 2.30
CA MET C 158 17.77 32.32 2.74
C MET C 158 17.72 31.32 1.57
N CYS C 159 17.37 31.78 0.36
CA CYS C 159 17.27 30.92 -0.86
C CYS C 159 18.65 30.30 -1.16
N LEU C 160 19.72 31.10 -1.07
CA LEU C 160 21.10 30.63 -1.34
C LEU C 160 21.53 29.64 -0.25
N SER C 161 21.10 29.84 0.99
CA SER C 161 21.33 28.89 2.12
C SER C 161 20.73 27.53 1.75
N LEU C 162 19.45 27.52 1.37
CA LEU C 162 18.74 26.28 0.97
C LEU C 162 19.51 25.60 -0.17
N PHE C 163 19.89 26.37 -1.20
CA PHE C 163 20.60 25.88 -2.40
C PHE C 163 21.92 25.22 -2.01
N TRP C 164 22.73 25.91 -1.18
CA TRP C 164 24.11 25.49 -0.84
C TRP C 164 24.07 24.21 0.02
N HIS C 165 23.19 24.17 1.02
CA HIS C 165 23.05 22.99 1.93
C HIS C 165 22.54 21.80 1.11
N PHE C 166 21.61 22.03 0.17
CA PHE C 166 21.10 20.99 -0.77
C PHE C 166 22.27 20.44 -1.59
N LEU C 167 23.14 21.31 -2.10
CA LEU C 167 24.32 20.89 -2.91
C LEU C 167 25.24 20.02 -2.05
N ASP C 168 25.44 20.39 -0.78
CA ASP C 168 26.33 19.63 0.14
C ASP C 168 25.73 18.24 0.37
N VAL C 169 24.40 18.14 0.57
CA VAL C 169 23.66 16.86 0.74
C VAL C 169 23.87 16.00 -0.51
N VAL C 170 23.71 16.59 -1.71
CA VAL C 170 23.87 15.89 -3.02
C VAL C 170 25.31 15.36 -3.10
N TRP C 171 26.29 16.17 -2.71
CA TRP C 171 27.73 15.77 -2.74
C TRP C 171 27.96 14.60 -1.78
N ILE C 172 27.30 14.59 -0.62
CA ILE C 172 27.40 13.46 0.36
C ILE C 172 26.95 12.19 -0.36
N CYS C 173 25.77 12.23 -1.00
CA CYS C 173 25.21 11.09 -1.78
C CYS C 173 26.19 10.71 -2.90
N VAL C 174 26.80 11.70 -3.58
CA VAL C 174 27.70 11.48 -4.75
C VAL C 174 28.93 10.69 -4.27
N PHE C 175 29.63 11.15 -3.23
CA PHE C 175 30.90 10.54 -2.77
C PHE C 175 30.59 9.17 -2.16
N THR C 176 29.40 8.99 -1.56
CA THR C 176 28.95 7.69 -0.99
C THR C 176 28.78 6.68 -2.14
N VAL C 177 28.06 7.07 -3.20
CA VAL C 177 27.63 6.14 -4.29
C VAL C 177 28.78 5.97 -5.28
N VAL C 178 29.34 7.07 -5.78
CA VAL C 178 30.30 7.05 -6.94
C VAL C 178 31.70 6.73 -6.42
N TYR C 179 32.28 7.60 -5.59
CA TYR C 179 33.72 7.58 -5.24
C TYR C 179 34.00 6.45 -4.23
N LEU C 180 33.38 6.51 -3.05
CA LEU C 180 33.70 5.61 -1.91
C LEU C 180 33.30 4.18 -2.24
N MET C 181 32.08 3.96 -2.76
CA MET C 181 31.57 2.61 -3.09
C MET C 181 32.36 2.02 -4.26
N GLY C 182 32.71 2.83 -5.26
CA GLY C 182 33.50 2.41 -6.43
C GLY C 182 34.86 1.87 -6.04
N ALA C 183 35.57 2.57 -5.14
CA ALA C 183 36.95 2.25 -4.71
C ALA C 183 36.96 1.05 -3.75
N MET C 184 35.78 0.61 -3.25
CA MET C 184 35.64 -0.52 -2.31
C MET C 184 36.22 -1.80 -2.92
N SER D 1 20.80 28.29 16.51
CA SER D 1 21.96 28.84 17.29
C SER D 1 23.28 28.32 16.71
N VAL D 2 24.41 28.88 17.18
CA VAL D 2 25.78 28.41 16.82
C VAL D 2 25.97 26.97 17.34
N LYS D 3 25.38 26.63 18.48
CA LYS D 3 25.55 25.32 19.17
C LYS D 3 25.12 24.19 18.23
N THR D 4 23.92 24.27 17.64
CA THR D 4 23.36 23.21 16.76
C THR D 4 24.24 23.06 15.51
N TYR D 5 24.73 24.18 14.94
CA TYR D 5 25.61 24.19 13.74
C TYR D 5 26.93 23.49 14.09
N MET D 6 27.52 23.80 15.25
CA MET D 6 28.79 23.17 15.72
C MET D 6 28.56 21.67 15.94
N THR D 7 27.43 21.27 16.54
CA THR D 7 27.08 19.85 16.80
C THR D 7 26.98 19.12 15.45
N GLY D 8 26.23 19.69 14.50
CA GLY D 8 26.11 19.16 13.12
C GLY D 8 27.48 19.01 12.47
N PHE D 9 28.36 20.01 12.62
CA PHE D 9 29.73 20.03 12.04
C PHE D 9 30.52 18.84 12.61
N ILE D 10 30.47 18.63 13.93
CA ILE D 10 31.22 17.54 14.63
C ILE D 10 30.70 16.18 14.13
N LEU D 11 29.37 16.00 14.11
CA LEU D 11 28.73 14.73 13.67
C LEU D 11 29.10 14.47 12.20
N SER D 12 29.11 15.50 11.35
CA SER D 12 29.48 15.41 9.91
C SER D 12 30.94 14.96 9.79
N ILE D 13 31.84 15.55 10.59
CA ILE D 13 33.30 15.18 10.60
C ILE D 13 33.41 13.68 10.90
N ILE D 14 32.72 13.21 11.94
CA ILE D 14 32.78 11.80 12.41
C ILE D 14 32.23 10.88 11.31
N LEU D 15 31.05 11.21 10.77
CA LEU D 15 30.33 10.38 9.77
C LEU D 15 31.00 10.45 8.40
N THR D 16 31.96 11.36 8.18
CA THR D 16 32.78 11.42 6.94
C THR D 16 34.09 10.66 7.16
N VAL D 17 34.74 10.85 8.32
CA VAL D 17 36.07 10.24 8.64
C VAL D 17 35.94 8.72 8.69
N ILE D 18 34.94 8.20 9.42
CA ILE D 18 34.82 6.74 9.73
C ILE D 18 34.70 5.95 8.43
N PRO D 19 33.74 6.24 7.50
CA PRO D 19 33.64 5.48 6.25
C PRO D 19 34.92 5.47 5.41
N PHE D 20 35.57 6.65 5.27
CA PHE D 20 36.82 6.83 4.50
C PHE D 20 37.90 5.91 5.08
N TRP D 21 38.15 6.01 6.39
CA TRP D 21 39.18 5.20 7.09
C TRP D 21 38.85 3.69 6.94
N MET D 22 37.57 3.32 7.05
CA MET D 22 37.12 1.90 6.98
C MET D 22 37.40 1.34 5.59
N VAL D 23 37.11 2.11 4.53
CA VAL D 23 37.22 1.64 3.12
C VAL D 23 38.70 1.51 2.76
N MET D 24 39.53 2.51 3.08
CA MET D 24 40.96 2.59 2.72
C MET D 24 41.77 1.46 3.38
N THR D 25 41.26 0.83 4.45
CA THR D 25 42.00 -0.18 5.25
C THR D 25 41.40 -1.58 5.10
N GLY D 26 40.18 -1.72 4.54
CA GLY D 26 39.48 -3.02 4.41
C GLY D 26 39.32 -3.70 5.76
N ALA D 27 38.79 -2.98 6.75
CA ALA D 27 38.75 -3.37 8.18
C ALA D 27 37.64 -4.39 8.46
N ALA D 28 36.84 -4.80 7.47
CA ALA D 28 35.67 -5.70 7.66
C ALA D 28 35.34 -6.44 6.35
N SER D 29 34.27 -7.24 6.36
CA SER D 29 33.72 -7.91 5.16
C SER D 29 33.12 -6.85 4.23
N PRO D 30 33.19 -7.03 2.88
CA PRO D 30 32.68 -6.03 1.94
C PRO D 30 31.20 -5.68 2.14
N ALA D 31 30.37 -6.67 2.49
CA ALA D 31 28.94 -6.52 2.83
C ALA D 31 28.76 -5.49 3.94
N VAL D 32 29.53 -5.62 5.02
CA VAL D 32 29.51 -4.69 6.19
C VAL D 32 30.04 -3.32 5.72
N ILE D 33 31.14 -3.30 4.97
CA ILE D 33 31.81 -2.06 4.49
C ILE D 33 30.86 -1.30 3.56
N LEU D 34 29.86 -1.97 2.96
CA LEU D 34 28.83 -1.32 2.10
C LEU D 34 27.66 -0.84 2.97
N GLY D 35 27.05 -1.75 3.74
CA GLY D 35 25.87 -1.47 4.58
C GLY D 35 26.10 -0.31 5.53
N THR D 36 27.22 -0.34 6.25
CA THR D 36 27.57 0.65 7.31
C THR D 36 27.81 2.02 6.67
N ILE D 37 28.49 2.10 5.52
CA ILE D 37 28.79 3.41 4.87
C ILE D 37 27.48 3.99 4.32
N LEU D 38 26.58 3.17 3.78
CA LEU D 38 25.25 3.62 3.31
C LEU D 38 24.45 4.17 4.50
N ALA D 39 24.44 3.46 5.63
CA ALA D 39 23.73 3.84 6.87
C ALA D 39 24.28 5.19 7.36
N MET D 40 25.60 5.32 7.44
CA MET D 40 26.28 6.55 7.94
C MET D 40 25.99 7.71 6.97
N ALA D 41 25.95 7.45 5.66
CA ALA D 41 25.66 8.45 4.61
C ALA D 41 24.25 9.01 4.81
N VAL D 42 23.25 8.14 5.00
CA VAL D 42 21.83 8.57 5.12
C VAL D 42 21.65 9.27 6.48
N VAL D 43 22.32 8.80 7.53
CA VAL D 43 22.33 9.48 8.86
C VAL D 43 23.00 10.83 8.68
N GLN D 44 24.17 10.82 8.03
CA GLN D 44 24.95 12.04 7.72
C GLN D 44 24.08 12.91 6.81
N VAL D 45 23.31 12.32 5.90
CA VAL D 45 22.35 13.12 5.09
C VAL D 45 21.40 13.81 6.07
N LEU D 46 20.79 13.01 6.96
CA LEU D 46 19.86 13.55 7.99
C LEU D 46 20.58 14.57 8.87
N VAL D 47 21.84 14.30 9.23
CA VAL D 47 22.62 15.19 10.13
C VAL D 47 22.60 16.61 9.54
N HIS D 48 23.00 16.77 8.28
CA HIS D 48 23.11 18.10 7.62
C HIS D 48 21.73 18.76 7.61
N LEU D 49 20.69 18.00 7.26
CA LEU D 49 19.31 18.52 7.17
C LEU D 49 18.83 18.93 8.57
N VAL D 50 19.11 18.12 9.59
CA VAL D 50 18.61 18.35 10.97
C VAL D 50 19.24 19.62 11.53
N CYS D 51 20.55 19.82 11.36
CA CYS D 51 21.30 20.93 12.01
C CYS D 51 21.46 22.11 11.05
N PHE D 52 22.29 21.97 10.01
CA PHE D 52 22.67 23.09 9.12
C PHE D 52 21.40 23.69 8.49
N LEU D 53 20.54 22.84 7.92
CA LEU D 53 19.32 23.31 7.23
C LEU D 53 18.38 23.92 8.28
N HIS D 54 17.84 25.10 8.02
CA HIS D 54 16.91 25.82 8.93
C HIS D 54 15.98 26.73 8.13
N MET D 55 14.69 26.69 8.41
CA MET D 55 13.65 27.51 7.74
C MET D 55 13.40 28.77 8.58
N ASN D 56 13.08 29.89 7.92
CA ASN D 56 12.92 31.21 8.62
C ASN D 56 11.54 31.32 9.26
N THR D 57 10.46 31.27 8.46
CA THR D 57 9.09 31.44 8.98
C THR D 57 8.83 30.29 9.96
N LYS D 58 9.21 29.08 9.56
CA LYS D 58 8.82 27.83 10.26
C LYS D 58 7.30 27.70 10.13
N SER D 59 6.66 28.55 9.32
CA SER D 59 5.19 28.77 9.35
C SER D 59 4.48 27.50 8.84
N ASP D 60 4.88 27.00 7.67
CA ASP D 60 4.34 25.74 7.11
C ASP D 60 5.24 24.61 7.61
N GLU D 61 5.35 24.44 8.92
CA GLU D 61 6.19 23.32 9.44
C GLU D 61 5.58 21.99 8.99
N GLY D 62 4.24 21.87 9.02
CA GLY D 62 3.51 20.75 8.41
C GLY D 62 3.82 20.64 6.92
N TRP D 63 3.71 21.76 6.20
CA TRP D 63 3.80 21.76 4.71
C TRP D 63 5.23 21.41 4.27
N ASN D 64 6.17 22.35 4.38
CA ASN D 64 7.54 22.15 3.83
C ASN D 64 7.97 20.69 4.04
N MET D 65 7.76 20.12 5.23
CA MET D 65 8.11 18.71 5.55
C MET D 65 7.34 17.74 4.64
N THR D 66 6.06 17.99 4.38
CA THR D 66 5.21 17.12 3.51
C THR D 66 5.81 17.14 2.09
N ALA D 67 6.16 18.32 1.58
CA ALA D 67 6.83 18.45 0.27
C ALA D 67 8.09 17.57 0.28
N PHE D 68 8.90 17.68 1.33
CA PHE D 68 10.18 16.90 1.39
C PHE D 68 9.85 15.41 1.33
N VAL D 69 8.87 14.95 2.10
CA VAL D 69 8.52 13.49 2.18
C VAL D 69 8.09 13.03 0.78
N PHE D 70 7.22 13.78 0.10
CA PHE D 70 6.71 13.40 -1.24
C PHE D 70 7.89 13.30 -2.21
N THR D 71 8.81 14.27 -2.17
CA THR D 71 9.97 14.31 -3.11
C THR D 71 10.76 13.01 -2.99
N VAL D 72 10.73 12.36 -1.82
CA VAL D 72 11.46 11.09 -1.55
C VAL D 72 10.72 9.94 -2.26
N LEU D 73 9.44 9.73 -1.92
CA LEU D 73 8.62 8.60 -2.46
C LEU D 73 8.83 8.49 -3.97
N ILE D 74 8.80 9.62 -4.69
CA ILE D 74 8.99 9.67 -6.17
C ILE D 74 10.40 9.16 -6.51
N ILE D 75 11.43 9.58 -5.76
CA ILE D 75 12.84 9.13 -5.99
C ILE D 75 12.92 7.62 -5.75
N ALA D 76 12.34 7.13 -4.65
CA ALA D 76 12.33 5.70 -4.26
C ALA D 76 11.60 4.89 -5.33
N ILE D 77 10.59 5.46 -5.99
CA ILE D 77 9.90 4.82 -7.14
C ILE D 77 10.87 4.79 -8.34
N LEU D 78 11.35 5.95 -8.77
CA LEU D 78 12.07 6.12 -10.06
C LEU D 78 13.38 5.32 -10.05
N VAL D 79 14.24 5.55 -9.06
CA VAL D 79 15.61 4.94 -8.97
C VAL D 79 15.46 3.41 -8.87
N VAL D 80 14.65 2.93 -7.93
CA VAL D 80 14.50 1.46 -7.67
C VAL D 80 13.88 0.81 -8.92
N GLY D 81 12.83 1.43 -9.48
CA GLY D 81 12.18 0.98 -10.72
C GLY D 81 13.17 0.84 -11.86
N SER D 82 13.95 1.89 -12.14
CA SER D 82 14.97 1.92 -13.22
C SER D 82 15.98 0.80 -13.01
N ILE D 83 16.54 0.69 -11.80
CA ILE D 83 17.59 -0.33 -11.45
C ILE D 83 16.99 -1.72 -11.69
N TRP D 84 15.79 -1.99 -11.16
CA TRP D 84 15.12 -3.32 -11.25
C TRP D 84 14.84 -3.66 -12.72
N ILE D 85 14.25 -2.73 -13.47
CA ILE D 85 13.87 -2.92 -14.90
C ILE D 85 15.14 -3.23 -15.71
N MET D 86 16.22 -2.46 -15.50
CA MET D 86 17.49 -2.62 -16.27
C MET D 86 18.18 -3.93 -15.86
N TRP D 87 18.12 -4.32 -14.58
CA TRP D 87 18.67 -5.62 -14.10
C TRP D 87 17.97 -6.75 -14.87
N ASN D 88 16.63 -6.72 -14.91
CA ASN D 88 15.80 -7.74 -15.62
C ASN D 88 16.11 -7.69 -17.12
N LEU D 89 16.19 -6.49 -17.71
CA LEU D 89 16.39 -6.31 -19.18
C LEU D 89 17.81 -6.75 -19.58
N ASN D 90 18.78 -6.69 -18.66
CA ASN D 90 20.19 -7.13 -18.93
C ASN D 90 20.30 -8.64 -18.73
N TYR D 91 19.57 -9.21 -17.77
CA TYR D 91 19.57 -10.67 -17.47
C TYR D 91 18.91 -11.44 -18.62
N ASN D 92 18.00 -10.82 -19.38
CA ASN D 92 17.18 -11.50 -20.41
C ASN D 92 17.81 -11.38 -21.81
N MET D 93 18.95 -10.70 -21.95
CA MET D 93 19.63 -10.52 -23.26
C MET D 93 21.04 -11.14 -23.27
N MET D 94 21.47 -11.77 -22.17
CA MET D 94 22.79 -12.45 -22.11
C MET D 94 22.77 -13.68 -23.03
N MET D 95 23.90 -13.98 -23.67
CA MET D 95 24.04 -15.12 -24.63
C MET D 95 23.94 -16.44 -23.87
N HIS D 96 22.71 -16.89 -23.61
CA HIS D 96 22.39 -18.18 -22.94
C HIS D 96 21.22 -18.85 -23.65
N MET E 1 -24.33 -36.41 37.82
CA MET E 1 -25.00 -37.65 38.33
C MET E 1 -25.06 -38.71 37.22
N PHE E 2 -25.13 -38.30 35.96
CA PHE E 2 -25.07 -39.18 34.76
C PHE E 2 -23.78 -38.89 33.99
N GLY E 3 -23.61 -39.50 32.81
CA GLY E 3 -22.45 -39.30 31.93
C GLY E 3 -21.17 -39.85 32.56
N LYS E 4 -20.02 -39.24 32.22
CA LYS E 4 -18.68 -39.72 32.66
C LYS E 4 -18.45 -39.42 34.14
N LEU E 5 -19.22 -38.51 34.75
CA LEU E 5 -19.04 -38.08 36.16
C LEU E 5 -19.29 -39.27 37.09
N SER E 6 -18.39 -39.49 38.05
CA SER E 6 -18.43 -40.60 39.05
C SER E 6 -17.59 -40.22 40.27
N LEU E 7 -17.46 -41.15 41.23
CA LEU E 7 -16.60 -41.00 42.44
C LEU E 7 -15.12 -41.04 42.04
N ASP E 8 -14.79 -41.59 40.86
CA ASP E 8 -13.40 -41.75 40.37
C ASP E 8 -12.92 -40.47 39.65
N ALA E 9 -13.82 -39.50 39.41
CA ALA E 9 -13.50 -38.23 38.72
C ALA E 9 -12.68 -37.30 39.64
N VAL E 10 -12.78 -37.47 40.97
CA VAL E 10 -12.00 -36.65 41.96
C VAL E 10 -10.73 -37.42 42.34
N PRO E 11 -9.53 -36.79 42.27
CA PRO E 11 -8.28 -37.48 42.59
C PRO E 11 -8.03 -37.62 44.10
N PHE E 12 -8.55 -38.69 44.70
CA PHE E 12 -8.37 -39.03 46.14
C PHE E 12 -6.88 -39.23 46.45
N HIS E 13 -6.17 -39.98 45.61
CA HIS E 13 -4.79 -40.48 45.86
C HIS E 13 -3.79 -39.32 45.86
N GLU E 14 -3.87 -38.43 44.87
CA GLU E 14 -2.85 -37.36 44.64
C GLU E 14 -2.95 -36.34 45.77
N PRO E 15 -1.89 -36.15 46.60
CA PRO E 15 -1.94 -35.22 47.74
C PRO E 15 -1.95 -33.73 47.37
N ILE E 16 -1.18 -33.35 46.34
CA ILE E 16 -0.93 -31.91 45.98
C ILE E 16 -2.26 -31.27 45.58
N VAL E 17 -2.99 -31.91 44.67
CA VAL E 17 -4.31 -31.43 44.16
C VAL E 17 -5.31 -31.38 45.33
N MET E 18 -5.30 -32.39 46.22
CA MET E 18 -6.24 -32.46 47.37
C MET E 18 -5.97 -31.31 48.35
N VAL E 19 -4.69 -31.02 48.65
CA VAL E 19 -4.35 -29.91 49.59
C VAL E 19 -4.68 -28.57 48.94
N THR E 20 -4.52 -28.45 47.62
CA THR E 20 -4.91 -27.23 46.85
C THR E 20 -6.42 -27.04 46.94
N ILE E 21 -7.21 -28.11 46.74
CA ILE E 21 -8.70 -28.09 46.81
C ILE E 21 -9.10 -27.70 48.24
N ALA E 22 -8.45 -28.28 49.26
CA ALA E 22 -8.73 -28.00 50.69
C ALA E 22 -8.49 -26.51 50.96
N GLY E 23 -7.35 -25.98 50.50
CA GLY E 23 -7.00 -24.55 50.63
C GLY E 23 -8.08 -23.66 50.05
N ILE E 24 -8.48 -23.93 48.80
CA ILE E 24 -9.48 -23.13 48.04
C ILE E 24 -10.82 -23.19 48.78
N ILE E 25 -11.27 -24.39 49.18
CA ILE E 25 -12.62 -24.60 49.76
C ILE E 25 -12.68 -23.97 51.15
N LEU E 26 -11.62 -24.07 51.96
CA LEU E 26 -11.55 -23.44 53.31
C LEU E 26 -11.53 -21.91 53.14
N GLY E 27 -10.78 -21.40 52.16
CA GLY E 27 -10.76 -19.96 51.80
C GLY E 27 -12.16 -19.45 51.49
N GLY E 28 -12.87 -20.15 50.60
CA GLY E 28 -14.26 -19.85 50.21
C GLY E 28 -15.19 -19.88 51.41
N LEU E 29 -15.11 -20.92 52.24
CA LEU E 29 -15.97 -21.10 53.45
C LEU E 29 -15.71 -19.93 54.42
N ALA E 30 -14.44 -19.57 54.64
CA ALA E 30 -14.05 -18.46 55.54
C ALA E 30 -14.61 -17.14 55.02
N LEU E 31 -14.50 -16.88 53.71
CA LEU E 31 -15.01 -15.64 53.06
C LEU E 31 -16.53 -15.58 53.24
N VAL E 32 -17.23 -16.69 52.98
CA VAL E 32 -18.72 -16.78 53.12
C VAL E 32 -19.09 -16.51 54.58
N GLY E 33 -18.38 -17.14 55.53
CA GLY E 33 -18.57 -16.95 56.98
C GLY E 33 -18.43 -15.49 57.39
N LEU E 34 -17.37 -14.84 56.94
CA LEU E 34 -17.08 -13.40 57.23
C LEU E 34 -18.21 -12.52 56.66
N ILE E 35 -18.61 -12.77 55.41
CA ILE E 35 -19.69 -11.99 54.73
C ILE E 35 -20.99 -12.15 55.53
N THR E 36 -21.34 -13.38 55.91
CA THR E 36 -22.57 -13.70 56.70
C THR E 36 -22.50 -12.98 58.06
N TYR E 37 -21.35 -13.05 58.74
CA TYR E 37 -21.14 -12.46 60.09
C TYR E 37 -21.33 -10.93 60.02
N PHE E 38 -20.77 -10.27 59.00
CA PHE E 38 -20.88 -8.80 58.81
C PHE E 38 -22.25 -8.44 58.20
N GLY E 39 -22.96 -9.41 57.63
CA GLY E 39 -24.31 -9.24 57.04
C GLY E 39 -24.28 -8.25 55.88
N LYS E 40 -23.33 -8.41 54.96
CA LYS E 40 -23.15 -7.52 53.78
C LYS E 40 -23.65 -8.23 52.51
N TRP E 41 -24.41 -9.32 52.64
CA TRP E 41 -24.98 -10.07 51.48
C TRP E 41 -25.86 -9.13 50.64
N THR E 42 -26.78 -8.42 51.29
CA THR E 42 -27.74 -7.49 50.63
C THR E 42 -26.96 -6.38 49.92
N TYR E 43 -25.99 -5.75 50.60
CA TYR E 43 -25.21 -4.61 50.05
C TYR E 43 -24.52 -5.06 48.76
N LEU E 44 -23.84 -6.21 48.79
CA LEU E 44 -23.11 -6.75 47.61
C LEU E 44 -24.13 -7.03 46.49
N TRP E 45 -25.29 -7.59 46.83
CA TRP E 45 -26.30 -8.01 45.82
C TRP E 45 -26.80 -6.78 45.04
N LYS E 46 -27.12 -5.67 45.71
CA LYS E 46 -27.80 -4.52 45.07
C LYS E 46 -26.76 -3.48 44.58
N GLU E 47 -25.52 -3.53 45.05
CA GLU E 47 -24.53 -2.45 44.76
C GLU E 47 -23.30 -3.00 44.00
N TRP E 48 -22.98 -4.29 44.11
CA TRP E 48 -21.74 -4.86 43.49
C TRP E 48 -22.07 -6.02 42.54
N LEU E 49 -22.72 -7.07 43.03
CA LEU E 49 -23.00 -8.31 42.24
C LEU E 49 -23.83 -7.97 40.99
N THR E 50 -24.79 -7.06 41.10
CA THR E 50 -25.73 -6.73 39.98
C THR E 50 -25.71 -5.23 39.74
N SER E 51 -24.58 -4.68 39.31
CA SER E 51 -24.43 -3.23 39.03
C SER E 51 -24.09 -3.02 37.55
N VAL E 52 -24.95 -2.28 36.84
CA VAL E 52 -24.66 -1.82 35.45
C VAL E 52 -23.45 -0.90 35.48
N ASP E 53 -23.29 -0.11 36.54
CA ASP E 53 -22.19 0.89 36.72
C ASP E 53 -20.86 0.32 36.21
N HIS E 54 -20.12 1.12 35.46
CA HIS E 54 -18.83 0.75 34.80
C HIS E 54 -17.71 0.64 35.85
N LYS E 55 -17.67 1.54 36.84
CA LYS E 55 -16.59 1.61 37.86
C LYS E 55 -16.58 0.31 38.68
N ARG E 56 -17.75 -0.14 39.13
CA ARG E 56 -17.92 -1.36 39.95
C ARG E 56 -17.43 -2.57 39.15
N LEU E 57 -17.84 -2.69 37.89
CA LEU E 57 -17.48 -3.84 37.01
C LEU E 57 -15.97 -3.82 36.76
N GLY E 58 -15.37 -2.64 36.60
CA GLY E 58 -13.92 -2.46 36.48
C GLY E 58 -13.18 -2.97 37.71
N ILE E 59 -13.62 -2.54 38.90
CA ILE E 59 -13.02 -2.94 40.20
C ILE E 59 -13.14 -4.45 40.35
N MET E 60 -14.26 -5.03 39.91
CA MET E 60 -14.55 -6.48 40.06
C MET E 60 -13.67 -7.29 39.10
N TYR E 61 -13.43 -6.76 37.88
CA TYR E 61 -12.42 -7.31 36.94
C TYR E 61 -11.03 -7.30 37.60
N ILE E 62 -10.66 -6.20 38.26
CA ILE E 62 -9.34 -6.06 38.95
C ILE E 62 -9.25 -7.13 40.03
N ILE E 63 -10.32 -7.33 40.81
CA ILE E 63 -10.37 -8.34 41.92
C ILE E 63 -10.16 -9.74 41.33
N VAL E 64 -10.90 -10.08 40.26
CA VAL E 64 -10.84 -11.42 39.59
C VAL E 64 -9.41 -11.65 39.09
N ALA E 65 -8.83 -10.66 38.40
CA ALA E 65 -7.47 -10.73 37.81
C ALA E 65 -6.45 -10.97 38.93
N ILE E 66 -6.54 -10.22 40.04
CA ILE E 66 -5.59 -10.30 41.19
C ILE E 66 -5.70 -11.72 41.80
N VAL E 67 -6.90 -12.22 42.05
CA VAL E 67 -7.09 -13.54 42.74
C VAL E 67 -6.62 -14.67 41.80
N MET E 68 -6.78 -14.52 40.48
CA MET E 68 -6.32 -15.54 39.51
C MET E 68 -4.79 -15.46 39.34
N LEU E 69 -4.19 -14.29 39.53
CA LEU E 69 -2.70 -14.11 39.45
C LEU E 69 -2.02 -15.02 40.48
N LEU E 70 -2.62 -15.18 41.67
CA LEU E 70 -2.07 -16.02 42.77
C LEU E 70 -1.98 -17.47 42.28
N ARG E 71 -3.05 -17.99 41.68
CA ARG E 71 -3.12 -19.39 41.17
C ARG E 71 -2.10 -19.55 40.04
N GLY E 72 -2.06 -18.61 39.10
CA GLY E 72 -1.10 -18.61 37.98
C GLY E 72 0.33 -18.68 38.48
N PHE E 73 0.68 -17.83 39.45
CA PHE E 73 2.06 -17.72 39.98
C PHE E 73 2.39 -18.97 40.82
N ALA E 74 1.41 -19.58 41.49
CA ALA E 74 1.58 -20.84 42.23
C ALA E 74 1.98 -21.95 41.24
N ASP E 75 1.29 -22.01 40.09
CA ASP E 75 1.61 -22.96 38.98
C ASP E 75 3.03 -22.68 38.48
N ALA E 76 3.39 -21.41 38.31
CA ALA E 76 4.74 -20.99 37.84
C ALA E 76 5.80 -21.49 38.82
N ILE E 77 5.60 -21.29 40.13
CA ILE E 77 6.53 -21.72 41.22
C ILE E 77 6.67 -23.25 41.14
N MET E 78 5.56 -23.98 41.03
CA MET E 78 5.54 -25.47 41.00
C MET E 78 6.36 -25.96 39.81
N MET E 79 6.14 -25.37 38.63
CA MET E 79 6.88 -25.76 37.38
C MET E 79 8.37 -25.50 37.56
N ARG E 80 8.74 -24.32 38.08
CA ARG E 80 10.15 -23.92 38.22
C ARG E 80 10.85 -24.86 39.21
N SER E 81 10.19 -25.19 40.33
CA SER E 81 10.70 -26.14 41.36
C SER E 81 10.89 -27.52 40.73
N GLN E 82 9.92 -28.00 39.96
CA GLN E 82 9.98 -29.32 39.28
C GLN E 82 11.18 -29.34 38.33
N GLN E 83 11.36 -28.30 37.52
CA GLN E 83 12.47 -28.19 36.54
C GLN E 83 13.81 -28.20 37.30
N ALA E 84 13.92 -27.42 38.38
CA ALA E 84 15.16 -27.32 39.20
C ALA E 84 15.51 -28.69 39.78
N LEU E 85 14.53 -29.43 40.32
CA LEU E 85 14.76 -30.77 40.92
C LEU E 85 15.11 -31.79 39.81
N ALA E 86 14.44 -31.74 38.66
CA ALA E 86 14.67 -32.68 37.53
C ALA E 86 16.06 -32.47 36.94
N SER E 87 16.57 -31.24 36.94
CA SER E 87 17.91 -30.90 36.39
C SER E 87 19.02 -31.57 37.20
N ALA E 88 18.81 -31.79 38.51
CA ALA E 88 19.81 -32.37 39.44
C ALA E 88 19.79 -33.91 39.38
N GLY E 89 19.22 -34.50 38.32
CA GLY E 89 19.13 -35.96 38.12
C GLY E 89 18.20 -36.63 39.13
N GLU E 90 17.18 -35.91 39.62
CA GLU E 90 16.17 -36.44 40.58
C GLU E 90 14.84 -36.65 39.84
N ALA E 91 14.05 -37.62 40.29
CA ALA E 91 12.70 -37.95 39.77
C ALA E 91 11.75 -36.76 39.96
N GLY E 92 12.01 -35.90 40.94
CA GLY E 92 11.16 -34.72 41.25
C GLY E 92 9.88 -35.15 41.94
N PHE E 93 8.90 -34.24 42.04
CA PHE E 93 7.62 -34.44 42.76
C PHE E 93 6.41 -34.26 41.84
N LEU E 94 6.61 -33.88 40.57
CA LEU E 94 5.51 -33.68 39.60
C LEU E 94 5.66 -34.67 38.45
N PRO E 95 4.83 -35.73 38.40
CA PRO E 95 4.75 -36.60 37.21
C PRO E 95 4.33 -35.81 35.97
N PRO E 96 4.74 -36.24 34.75
CA PRO E 96 4.33 -35.56 33.51
C PRO E 96 2.80 -35.38 33.41
N HIS E 97 2.03 -36.37 33.84
CA HIS E 97 0.55 -36.35 33.89
C HIS E 97 0.05 -35.09 34.61
N HIS E 98 0.78 -34.61 35.63
CA HIS E 98 0.41 -33.40 36.42
C HIS E 98 1.10 -32.16 35.85
N TYR E 99 2.35 -32.27 35.40
CA TYR E 99 3.14 -31.13 34.87
C TYR E 99 2.44 -30.55 33.63
N ASP E 100 1.92 -31.42 32.76
CA ASP E 100 1.24 -31.01 31.50
C ASP E 100 -0.01 -30.21 31.85
N GLN E 101 -0.85 -30.76 32.74
CA GLN E 101 -2.04 -30.08 33.29
C GLN E 101 -1.63 -28.70 33.82
N ILE E 102 -0.57 -28.66 34.62
CA ILE E 102 -0.13 -27.42 35.35
C ILE E 102 0.25 -26.34 34.34
N PHE E 103 1.09 -26.65 33.34
CA PHE E 103 1.61 -25.60 32.41
C PHE E 103 0.47 -25.16 31.49
N THR E 104 -0.40 -26.07 31.03
CA THR E 104 -1.57 -25.73 30.18
C THR E 104 -2.50 -24.78 30.95
N ALA E 105 -2.87 -25.15 32.18
CA ALA E 105 -3.78 -24.37 33.05
C ALA E 105 -3.15 -23.00 33.35
N HIS E 106 -1.84 -22.97 33.63
CA HIS E 106 -1.08 -21.73 33.94
C HIS E 106 -1.18 -20.77 32.75
N GLY E 107 -0.87 -21.27 31.54
CA GLY E 107 -0.93 -20.49 30.29
C GLY E 107 -2.31 -19.89 30.09
N VAL E 108 -3.34 -20.74 30.16
CA VAL E 108 -4.76 -20.37 29.91
C VAL E 108 -5.17 -19.31 30.93
N ILE E 109 -4.91 -19.53 32.21
CA ILE E 109 -5.32 -18.60 33.32
C ILE E 109 -4.61 -17.26 33.12
N MET E 110 -3.28 -17.29 32.91
CA MET E 110 -2.46 -16.04 32.89
C MET E 110 -2.73 -15.23 31.62
N ILE E 111 -3.18 -15.86 30.54
CA ILE E 111 -3.54 -15.13 29.28
C ILE E 111 -5.00 -14.64 29.35
N PHE E 112 -5.95 -15.53 29.63
CA PHE E 112 -7.41 -15.24 29.48
C PHE E 112 -8.00 -14.63 30.74
N PHE E 113 -7.48 -14.95 31.93
CA PHE E 113 -8.14 -14.63 33.22
C PHE E 113 -7.24 -13.81 34.16
N VAL E 114 -6.12 -13.28 33.69
CA VAL E 114 -5.25 -12.39 34.51
C VAL E 114 -5.01 -11.07 33.75
N ALA E 115 -4.57 -11.13 32.49
CA ALA E 115 -4.21 -9.97 31.66
C ALA E 115 -5.49 -9.25 31.18
N MET E 116 -6.34 -9.96 30.45
CA MET E 116 -7.56 -9.39 29.81
C MET E 116 -8.52 -8.85 30.88
N PRO E 117 -8.86 -9.59 31.96
CA PRO E 117 -9.72 -9.04 33.00
C PRO E 117 -9.18 -7.71 33.58
N PHE E 118 -7.88 -7.64 33.87
CA PHE E 118 -7.25 -6.44 34.49
C PHE E 118 -7.33 -5.27 33.50
N VAL E 119 -6.96 -5.51 32.23
CA VAL E 119 -6.94 -4.47 31.16
C VAL E 119 -8.37 -3.93 30.95
N ILE E 120 -9.35 -4.83 30.84
CA ILE E 120 -10.78 -4.46 30.59
C ILE E 120 -11.32 -3.78 31.85
N GLY E 121 -10.87 -4.20 33.04
CA GLY E 121 -11.16 -3.50 34.31
C GLY E 121 -10.74 -2.05 34.26
N LEU E 122 -9.50 -1.78 33.83
CA LEU E 122 -8.95 -0.41 33.68
C LEU E 122 -9.81 0.37 32.68
N MET E 123 -10.18 -0.25 31.55
CA MET E 123 -11.02 0.39 30.50
C MET E 123 -12.36 0.80 31.13
N ASN E 124 -13.09 -0.14 31.73
CA ASN E 124 -14.39 0.11 32.39
C ASN E 124 -14.24 1.21 33.46
N LEU E 125 -13.10 1.25 34.15
CA LEU E 125 -12.87 2.20 35.27
C LEU E 125 -12.76 3.64 34.74
N VAL E 126 -11.99 3.87 33.66
CA VAL E 126 -11.54 5.24 33.28
C VAL E 126 -12.12 5.71 31.94
N VAL E 127 -12.32 4.82 30.96
CA VAL E 127 -12.69 5.22 29.56
C VAL E 127 -13.99 6.02 29.58
N PRO E 128 -15.09 5.57 30.22
CA PRO E 128 -16.31 6.39 30.29
C PRO E 128 -16.10 7.75 30.98
N LEU E 129 -15.24 7.80 32.00
CA LEU E 129 -14.91 9.06 32.74
C LEU E 129 -14.13 10.01 31.82
N GLN E 130 -13.16 9.50 31.07
CA GLN E 130 -12.24 10.31 30.22
C GLN E 130 -13.02 10.99 29.09
N ILE E 131 -13.92 10.26 28.42
CA ILE E 131 -14.71 10.77 27.25
C ILE E 131 -15.83 11.71 27.74
N GLY E 132 -16.05 11.81 29.06
CA GLY E 132 -17.06 12.71 29.66
C GLY E 132 -18.46 12.15 29.56
N ALA E 133 -18.61 10.82 29.53
CA ALA E 133 -19.92 10.12 29.50
C ALA E 133 -20.31 9.72 30.93
N ARG E 134 -21.61 9.45 31.15
CA ARG E 134 -22.18 9.06 32.46
C ARG E 134 -22.06 7.53 32.65
N ASP E 135 -22.22 6.76 31.58
CA ASP E 135 -22.07 5.28 31.62
C ASP E 135 -21.62 4.80 30.23
N VAL E 136 -21.64 3.48 30.01
CA VAL E 136 -21.34 2.82 28.70
C VAL E 136 -22.63 2.70 27.89
N ALA E 137 -22.50 2.41 26.59
CA ALA E 137 -23.63 2.30 25.63
C ALA E 137 -24.59 1.20 26.09
N PHE E 138 -24.07 0.05 26.52
CA PHE E 138 -24.88 -1.14 26.91
C PHE E 138 -24.44 -1.61 28.30
N PRO E 139 -24.98 -1.02 29.39
CA PRO E 139 -24.58 -1.40 30.75
C PRO E 139 -24.85 -2.87 31.10
N PHE E 140 -26.07 -3.37 30.82
CA PHE E 140 -26.47 -4.77 31.09
C PHE E 140 -25.55 -5.72 30.30
N LEU E 141 -25.16 -5.34 29.08
CA LEU E 141 -24.22 -6.15 28.25
C LEU E 141 -22.87 -6.23 28.97
N ASN E 142 -22.42 -5.13 29.59
CA ASN E 142 -21.14 -5.09 30.37
C ASN E 142 -21.24 -6.04 31.56
N ASN E 143 -22.38 -6.01 32.29
CA ASN E 143 -22.62 -6.89 33.46
C ASN E 143 -22.59 -8.36 33.01
N LEU E 144 -23.26 -8.66 31.89
CA LEU E 144 -23.34 -10.03 31.32
C LEU E 144 -21.94 -10.50 30.92
N SER E 145 -21.14 -9.61 30.31
CA SER E 145 -19.75 -9.89 29.89
C SER E 145 -18.91 -10.26 31.12
N PHE E 146 -19.05 -9.48 32.21
CA PHE E 146 -18.33 -9.74 33.48
C PHE E 146 -18.67 -11.15 33.96
N TRP E 147 -19.97 -11.48 33.98
CA TRP E 147 -20.45 -12.77 34.55
C TRP E 147 -20.02 -13.94 33.65
N PHE E 148 -19.93 -13.74 32.33
CA PHE E 148 -19.43 -14.78 31.39
C PHE E 148 -17.94 -15.05 31.67
N THR E 149 -17.15 -14.00 31.89
CA THR E 149 -15.71 -14.11 32.27
C THR E 149 -15.61 -14.89 33.59
N VAL E 150 -16.45 -14.56 34.56
CA VAL E 150 -16.51 -15.25 35.89
C VAL E 150 -16.85 -16.73 35.67
N VAL E 151 -17.77 -17.03 34.74
CA VAL E 151 -18.17 -18.43 34.42
C VAL E 151 -16.95 -19.20 33.92
N GLY E 152 -16.19 -18.61 32.99
CA GLY E 152 -14.93 -19.17 32.46
C GLY E 152 -13.96 -19.49 33.59
N VAL E 153 -13.77 -18.53 34.49
CA VAL E 153 -12.87 -18.64 35.67
C VAL E 153 -13.35 -19.81 36.54
N ILE E 154 -14.65 -19.89 36.83
CA ILE E 154 -15.27 -20.94 37.68
C ILE E 154 -15.00 -22.31 37.05
N LEU E 155 -15.22 -22.45 35.73
CA LEU E 155 -15.02 -23.74 35.01
C LEU E 155 -13.55 -24.15 35.13
N VAL E 156 -12.61 -23.23 34.92
CA VAL E 156 -11.15 -23.53 34.97
C VAL E 156 -10.79 -24.00 36.38
N ASN E 157 -11.26 -23.31 37.43
CA ASN E 157 -10.94 -23.66 38.83
C ASN E 157 -11.55 -25.03 39.18
N VAL E 158 -12.81 -25.27 38.80
CA VAL E 158 -13.55 -26.53 39.16
C VAL E 158 -12.96 -27.70 38.37
N SER E 159 -12.24 -27.45 37.27
CA SER E 159 -11.50 -28.49 36.50
C SER E 159 -10.54 -29.24 37.43
N LEU E 160 -9.87 -28.52 38.34
CA LEU E 160 -8.94 -29.11 39.35
C LEU E 160 -9.74 -30.01 40.30
N GLY E 161 -10.87 -29.50 40.82
CA GLY E 161 -11.73 -30.18 41.81
C GLY E 161 -12.24 -31.52 41.32
N VAL E 162 -12.83 -31.55 40.13
CA VAL E 162 -13.47 -32.75 39.53
C VAL E 162 -12.89 -32.95 38.13
N GLY E 163 -12.51 -34.19 37.80
CA GLY E 163 -11.82 -34.56 36.54
C GLY E 163 -10.42 -33.96 36.47
N GLU E 164 -9.94 -33.70 35.26
CA GLU E 164 -8.59 -33.15 35.00
C GLU E 164 -8.68 -31.97 34.04
N PHE E 165 -7.57 -31.29 33.78
CA PHE E 165 -7.46 -30.19 32.78
C PHE E 165 -6.71 -30.68 31.55
N ALA E 166 -6.76 -29.90 30.47
CA ALA E 166 -6.13 -30.20 29.16
C ALA E 166 -4.63 -30.39 29.35
N GLN E 167 -4.04 -31.35 28.62
CA GLN E 167 -2.59 -31.67 28.66
C GLN E 167 -2.03 -31.52 27.25
N THR E 168 -2.40 -30.44 26.55
CA THR E 168 -2.09 -30.24 25.11
C THR E 168 -1.48 -28.86 24.86
N GLY E 169 -1.00 -28.17 25.91
CA GLY E 169 -0.58 -26.77 25.84
C GLY E 169 -1.75 -25.80 25.88
N TRP E 170 -1.47 -24.51 26.04
CA TRP E 170 -2.48 -23.46 26.27
C TRP E 170 -3.29 -23.16 24.99
N LEU E 171 -2.89 -23.68 23.82
CA LEU E 171 -3.64 -23.46 22.55
C LEU E 171 -4.26 -24.75 22.02
N ALA E 172 -3.94 -25.92 22.60
CA ALA E 172 -4.55 -27.23 22.26
C ALA E 172 -4.42 -27.50 20.75
N TYR E 173 -3.20 -27.73 20.28
CA TYR E 173 -2.92 -28.12 18.87
C TYR E 173 -3.72 -29.38 18.54
N PRO E 174 -4.27 -29.47 17.31
CA PRO E 174 -5.30 -30.45 16.98
C PRO E 174 -4.95 -31.91 17.26
N PRO E 175 -3.83 -32.48 16.73
CA PRO E 175 -3.68 -33.93 16.71
C PRO E 175 -3.59 -34.51 18.14
N LEU E 176 -2.98 -33.76 19.06
CA LEU E 176 -2.87 -34.15 20.49
C LEU E 176 -4.21 -33.94 21.18
N SER E 177 -4.91 -32.83 20.86
CA SER E 177 -6.17 -32.42 21.50
C SER E 177 -7.38 -33.11 20.84
N GLY E 178 -7.13 -33.95 19.85
CA GLY E 178 -8.17 -34.79 19.20
C GLY E 178 -8.73 -35.84 20.14
N ILE E 179 -9.87 -36.43 19.78
CA ILE E 179 -10.57 -37.48 20.59
C ILE E 179 -9.74 -38.77 20.59
N GLU E 180 -8.90 -39.00 19.58
CA GLU E 180 -8.09 -40.25 19.44
C GLU E 180 -6.94 -40.25 20.46
N TYR E 181 -6.29 -39.10 20.69
CA TYR E 181 -5.03 -39.01 21.47
C TYR E 181 -5.26 -38.34 22.84
N SER E 182 -6.40 -37.69 23.05
CA SER E 182 -6.79 -37.08 24.36
C SER E 182 -8.20 -37.52 24.73
N PRO E 183 -8.39 -38.76 25.24
CA PRO E 183 -9.71 -39.25 25.64
C PRO E 183 -10.27 -38.55 26.90
N GLY E 184 -9.43 -37.80 27.63
CA GLY E 184 -9.80 -37.10 28.87
C GLY E 184 -10.80 -35.97 28.63
N VAL E 185 -11.33 -35.40 29.72
CA VAL E 185 -12.38 -34.34 29.71
C VAL E 185 -11.74 -32.96 29.87
N GLY E 186 -10.43 -32.89 30.07
CA GLY E 186 -9.68 -31.63 30.24
C GLY E 186 -9.83 -30.70 29.04
N VAL E 187 -9.76 -31.25 27.84
CA VAL E 187 -9.85 -30.46 26.57
C VAL E 187 -11.26 -29.87 26.49
N ASP E 188 -12.28 -30.57 26.98
CA ASP E 188 -13.68 -30.07 27.04
C ASP E 188 -13.73 -28.86 27.99
N TYR E 189 -13.08 -28.94 29.15
CA TYR E 189 -12.97 -27.82 30.12
C TYR E 189 -12.38 -26.60 29.39
N TRP E 190 -11.24 -26.80 28.72
CA TRP E 190 -10.53 -25.75 27.93
C TRP E 190 -11.49 -25.16 26.90
N ILE E 191 -12.16 -26.01 26.12
CA ILE E 191 -13.09 -25.60 25.01
C ILE E 191 -14.15 -24.65 25.58
N TRP E 192 -14.89 -25.10 26.59
CA TRP E 192 -16.11 -24.39 27.06
C TRP E 192 -15.73 -23.13 27.82
N SER E 193 -14.68 -23.19 28.64
CA SER E 193 -14.10 -22.01 29.34
C SER E 193 -13.80 -20.91 28.32
N LEU E 194 -13.01 -21.23 27.30
CA LEU E 194 -12.55 -20.24 26.28
C LEU E 194 -13.73 -19.77 25.44
N GLN E 195 -14.69 -20.66 25.12
CA GLN E 195 -15.89 -20.30 24.31
C GLN E 195 -16.69 -19.20 25.04
N LEU E 196 -17.03 -19.44 26.31
CA LEU E 196 -17.89 -18.51 27.09
C LEU E 196 -17.12 -17.21 27.36
N SER E 197 -15.83 -17.30 27.71
CA SER E 197 -14.95 -16.12 27.92
C SER E 197 -14.88 -15.29 26.64
N GLY E 198 -14.75 -15.96 25.49
CA GLY E 198 -14.69 -15.32 24.16
C GLY E 198 -15.98 -14.57 23.84
N ILE E 199 -17.14 -15.19 24.14
CA ILE E 199 -18.48 -14.55 23.95
C ILE E 199 -18.52 -13.27 24.79
N GLY E 200 -18.15 -13.35 26.06
CA GLY E 200 -18.07 -12.20 26.99
C GLY E 200 -17.20 -11.09 26.43
N THR E 201 -15.99 -11.45 25.97
CA THR E 201 -14.98 -10.48 25.47
C THR E 201 -15.49 -9.81 24.19
N THR E 202 -16.14 -10.56 23.29
CA THR E 202 -16.72 -10.01 22.03
C THR E 202 -17.78 -8.96 22.38
N LEU E 203 -18.67 -9.27 23.33
CA LEU E 203 -19.73 -8.34 23.80
C LEU E 203 -19.08 -7.09 24.39
N THR E 204 -18.03 -7.25 25.20
CA THR E 204 -17.25 -6.13 25.80
C THR E 204 -16.68 -5.23 24.69
N GLY E 205 -16.05 -5.84 23.68
CA GLY E 205 -15.45 -5.12 22.54
C GLY E 205 -16.47 -4.26 21.82
N ILE E 206 -17.62 -4.85 21.48
CA ILE E 206 -18.73 -4.16 20.77
C ILE E 206 -19.20 -2.98 21.65
N ASN E 207 -19.40 -3.24 22.95
CA ASN E 207 -19.91 -2.25 23.93
C ASN E 207 -18.98 -1.02 23.94
N PHE E 208 -17.68 -1.24 24.16
CA PHE E 208 -16.68 -0.15 24.27
C PHE E 208 -16.55 0.59 22.93
N PHE E 209 -16.53 -0.14 21.81
CA PHE E 209 -16.37 0.47 20.46
C PHE E 209 -17.52 1.45 20.20
N VAL E 210 -18.75 1.05 20.56
CA VAL E 210 -19.96 1.92 20.40
C VAL E 210 -19.87 3.09 21.37
N THR E 211 -19.49 2.82 22.63
CA THR E 211 -19.44 3.83 23.73
C THR E 211 -18.50 4.97 23.33
N ILE E 212 -17.28 4.63 22.90
CA ILE E 212 -16.20 5.63 22.59
C ILE E 212 -16.68 6.56 21.46
N LEU E 213 -17.22 6.01 20.38
CA LEU E 213 -17.60 6.81 19.18
C LEU E 213 -18.87 7.62 19.45
N LYS E 214 -19.89 7.02 20.08
CA LYS E 214 -21.27 7.58 20.09
C LYS E 214 -21.50 8.49 21.30
N MET E 215 -20.88 8.23 22.45
CA MET E 215 -21.21 8.92 23.73
C MET E 215 -20.05 9.81 24.19
N ARG E 216 -19.36 10.48 23.26
CA ARG E 216 -18.32 11.49 23.58
C ARG E 216 -19.00 12.77 24.08
N ALA E 217 -18.35 13.47 25.00
CA ALA E 217 -18.78 14.80 25.52
C ALA E 217 -18.82 15.79 24.36
N PRO E 218 -19.85 16.67 24.27
CA PRO E 218 -19.96 17.62 23.17
C PRO E 218 -18.74 18.57 23.10
N GLY E 219 -18.27 18.84 21.88
CA GLY E 219 -17.11 19.71 21.61
C GLY E 219 -15.78 18.95 21.65
N MET E 220 -15.79 17.66 22.03
CA MET E 220 -14.57 16.80 22.03
C MET E 220 -14.54 16.02 20.71
N THR E 221 -13.78 16.51 19.73
CA THR E 221 -13.57 15.84 18.42
C THR E 221 -12.69 14.61 18.65
N MET E 222 -12.53 13.78 17.60
CA MET E 222 -11.75 12.51 17.65
C MET E 222 -10.29 12.82 18.03
N PHE E 223 -9.70 13.86 17.44
CA PHE E 223 -8.27 14.22 17.63
C PHE E 223 -8.09 15.10 18.89
N LYS E 224 -9.06 15.14 19.80
CA LYS E 224 -8.93 15.83 21.11
C LYS E 224 -9.12 14.85 22.28
N MET E 225 -9.34 13.55 22.01
CA MET E 225 -9.51 12.53 23.08
C MET E 225 -8.18 12.28 23.77
N PRO E 226 -8.16 11.87 25.05
CA PRO E 226 -6.94 11.35 25.67
C PRO E 226 -6.43 10.09 24.95
N VAL E 227 -5.11 9.88 24.99
CA VAL E 227 -4.42 8.82 24.18
C VAL E 227 -4.93 7.45 24.64
N PHE E 228 -5.21 7.27 25.93
CA PHE E 228 -5.71 5.98 26.49
C PHE E 228 -7.03 5.60 25.81
N THR E 229 -7.91 6.57 25.54
CA THR E 229 -9.21 6.33 24.84
C THR E 229 -8.92 5.85 23.41
N TRP E 230 -7.93 6.45 22.73
CA TRP E 230 -7.47 6.02 21.38
C TRP E 230 -7.01 4.55 21.43
N ALA E 231 -6.15 4.22 22.39
CA ALA E 231 -5.57 2.87 22.57
C ALA E 231 -6.70 1.87 22.86
N SER E 232 -7.64 2.24 23.72
CA SER E 232 -8.82 1.40 24.09
C SER E 232 -9.67 1.14 22.85
N LEU E 233 -9.94 2.17 22.05
CA LEU E 233 -10.74 2.07 20.80
C LEU E 233 -10.05 1.08 19.85
N CYS E 234 -8.74 1.20 19.67
CA CYS E 234 -7.92 0.31 18.80
C CYS E 234 -8.01 -1.13 19.32
N ALA E 235 -7.86 -1.33 20.63
CA ALA E 235 -7.91 -2.67 21.28
C ALA E 235 -9.29 -3.29 21.07
N ASN E 236 -10.36 -2.51 21.18
CA ASN E 236 -11.75 -2.99 21.03
C ASN E 236 -12.01 -3.34 19.55
N VAL E 237 -11.47 -2.55 18.62
CA VAL E 237 -11.52 -2.86 17.16
C VAL E 237 -10.88 -4.23 16.94
N LEU E 238 -9.70 -4.45 17.54
CA LEU E 238 -8.97 -5.74 17.43
C LEU E 238 -9.82 -6.87 18.02
N ILE E 239 -10.46 -6.64 19.18
CA ILE E 239 -11.32 -7.67 19.85
C ILE E 239 -12.44 -8.07 18.88
N ILE E 240 -13.18 -7.09 18.35
CA ILE E 240 -14.34 -7.32 17.44
C ILE E 240 -13.86 -8.10 16.21
N ALA E 241 -12.74 -7.70 15.61
CA ALA E 241 -12.25 -8.27 14.33
C ALA E 241 -11.52 -9.60 14.56
N SER E 242 -11.20 -9.99 15.80
CA SER E 242 -10.33 -11.16 16.10
C SER E 242 -11.11 -12.30 16.75
N PHE E 243 -11.89 -12.02 17.81
CA PHE E 243 -12.46 -13.06 18.72
C PHE E 243 -13.39 -14.04 17.98
N PRO E 244 -14.16 -13.63 16.95
CA PRO E 244 -14.86 -14.59 16.10
C PRO E 244 -14.01 -15.74 15.55
N ILE E 245 -12.75 -15.47 15.23
CA ILE E 245 -11.78 -16.49 14.70
C ILE E 245 -11.61 -17.55 15.79
N LEU E 246 -11.36 -17.14 17.04
CA LEU E 246 -11.23 -18.06 18.20
C LEU E 246 -12.52 -18.86 18.38
N THR E 247 -13.68 -18.18 18.34
CA THR E 247 -15.01 -18.82 18.54
C THR E 247 -15.18 -19.93 17.50
N VAL E 248 -14.95 -19.63 16.23
CA VAL E 248 -15.14 -20.60 15.09
C VAL E 248 -14.14 -21.75 15.27
N THR E 249 -12.88 -21.45 15.60
CA THR E 249 -11.80 -22.47 15.70
C THR E 249 -12.14 -23.46 16.81
N VAL E 250 -12.55 -22.96 17.98
CA VAL E 250 -12.87 -23.80 19.17
C VAL E 250 -14.16 -24.59 18.86
N ALA E 251 -15.12 -23.98 18.15
CA ALA E 251 -16.38 -24.63 17.73
C ALA E 251 -16.04 -25.81 16.79
N LEU E 252 -15.12 -25.62 15.85
CA LEU E 252 -14.70 -26.69 14.91
C LEU E 252 -14.02 -27.82 15.69
N LEU E 253 -13.13 -27.50 16.63
CA LEU E 253 -12.41 -28.53 17.43
C LEU E 253 -13.43 -29.32 18.27
N THR E 254 -14.41 -28.65 18.87
CA THR E 254 -15.42 -29.31 19.75
C THR E 254 -16.38 -30.14 18.87
N LEU E 255 -16.65 -29.71 17.63
CA LEU E 255 -17.42 -30.54 16.65
C LEU E 255 -16.63 -31.82 16.36
N ASP E 256 -15.32 -31.71 16.17
CA ASP E 256 -14.41 -32.86 15.94
C ASP E 256 -14.45 -33.79 17.16
N ARG E 257 -14.43 -33.23 18.37
CA ARG E 257 -14.34 -34.02 19.63
C ARG E 257 -15.69 -34.69 19.95
N TYR E 258 -16.83 -34.08 19.58
CA TYR E 258 -18.17 -34.54 20.03
C TYR E 258 -18.84 -35.40 18.94
N LEU E 259 -19.00 -34.87 17.73
CA LEU E 259 -19.77 -35.53 16.63
C LEU E 259 -18.84 -36.40 15.77
N GLY E 260 -17.54 -36.48 16.11
CA GLY E 260 -16.57 -37.36 15.43
C GLY E 260 -16.34 -36.95 13.98
N THR E 261 -16.34 -35.64 13.70
CA THR E 261 -16.08 -35.07 12.35
C THR E 261 -14.58 -35.17 12.05
N HIS E 262 -14.12 -34.67 10.91
CA HIS E 262 -12.72 -34.80 10.44
C HIS E 262 -12.19 -33.45 9.96
N PHE E 263 -12.35 -32.40 10.76
CA PHE E 263 -11.80 -31.05 10.47
C PHE E 263 -10.28 -31.08 10.56
N PHE E 264 -9.75 -31.58 11.68
CA PHE E 264 -8.31 -31.49 12.03
C PHE E 264 -7.71 -32.86 12.34
N THR E 265 -8.43 -33.95 12.09
CA THR E 265 -7.91 -35.34 12.28
C THR E 265 -6.81 -35.60 11.24
N ASN E 266 -5.89 -36.51 11.58
CA ASN E 266 -4.74 -36.88 10.71
C ASN E 266 -5.20 -37.87 9.61
N ASP E 267 -6.47 -38.29 9.61
CA ASP E 267 -6.99 -39.29 8.64
C ASP E 267 -8.33 -38.83 8.07
N MET E 268 -8.82 -39.54 7.05
CA MET E 268 -10.11 -39.27 6.36
C MET E 268 -10.09 -37.84 5.79
N GLY E 269 -8.92 -37.41 5.28
CA GLY E 269 -8.74 -36.15 4.54
C GLY E 269 -8.81 -34.90 5.41
N GLY E 270 -8.72 -35.03 6.74
CA GLY E 270 -8.67 -33.88 7.66
C GLY E 270 -7.36 -33.12 7.51
N ASN E 271 -7.41 -31.79 7.54
CA ASN E 271 -6.22 -30.91 7.41
C ASN E 271 -5.92 -30.29 8.78
N MET E 272 -5.01 -30.93 9.52
CA MET E 272 -4.65 -30.55 10.92
C MET E 272 -4.03 -29.14 10.94
N MET E 273 -3.13 -28.85 9.98
CA MET E 273 -2.37 -27.56 9.90
C MET E 273 -3.35 -26.39 9.98
N MET E 274 -4.51 -26.52 9.33
CA MET E 274 -5.58 -25.49 9.28
C MET E 274 -5.79 -24.89 10.68
N TYR E 275 -6.05 -25.73 11.68
CA TYR E 275 -6.31 -25.28 13.08
C TYR E 275 -5.24 -24.28 13.49
N ILE E 276 -3.96 -24.68 13.39
CA ILE E 276 -2.80 -23.85 13.84
C ILE E 276 -2.96 -22.47 13.18
N ASN E 277 -3.08 -22.42 11.85
CA ASN E 277 -3.25 -21.16 11.08
C ASN E 277 -4.38 -20.36 11.75
N LEU E 278 -5.57 -20.93 11.84
CA LEU E 278 -6.77 -20.24 12.39
C LEU E 278 -6.43 -19.70 13.78
N ILE E 279 -5.89 -20.54 14.67
CA ILE E 279 -5.67 -20.12 16.09
C ILE E 279 -4.68 -18.95 16.08
N TRP E 280 -3.62 -19.02 15.27
CA TRP E 280 -2.61 -17.93 15.20
C TRP E 280 -3.18 -16.72 14.46
N ALA E 281 -4.10 -16.94 13.51
CA ALA E 281 -4.87 -15.84 12.87
C ALA E 281 -5.59 -15.05 13.96
N TRP E 282 -6.06 -15.73 15.02
CA TRP E 282 -6.62 -15.09 16.23
C TRP E 282 -5.50 -14.74 17.22
N GLY E 283 -4.46 -15.57 17.29
CA GLY E 283 -3.44 -15.55 18.36
C GLY E 283 -2.70 -14.22 18.45
N HIS E 284 -2.23 -13.70 17.32
CA HIS E 284 -1.31 -12.53 17.31
C HIS E 284 -2.06 -11.22 17.57
N PRO E 285 -3.26 -10.96 17.00
CA PRO E 285 -4.04 -9.79 17.42
C PRO E 285 -4.28 -9.73 18.94
N GLU E 286 -4.55 -10.89 19.56
CA GLU E 286 -4.82 -11.02 21.03
C GLU E 286 -3.74 -10.25 21.81
N VAL E 287 -2.46 -10.48 21.49
CA VAL E 287 -1.32 -9.92 22.29
C VAL E 287 -1.36 -8.39 22.20
N TYR E 288 -1.75 -7.83 21.05
CA TYR E 288 -1.86 -6.36 20.87
C TYR E 288 -3.04 -5.85 21.69
N ILE E 289 -4.12 -6.63 21.78
CA ILE E 289 -5.27 -6.34 22.69
C ILE E 289 -4.71 -6.18 24.10
N LEU E 290 -3.71 -6.97 24.49
CA LEU E 290 -3.09 -6.89 25.84
C LEU E 290 -2.14 -5.68 25.91
N ILE E 291 -1.50 -5.26 24.82
CA ILE E 291 -0.38 -4.28 24.87
C ILE E 291 -0.83 -2.86 24.50
N LEU E 292 -1.95 -2.68 23.80
CA LEU E 292 -2.36 -1.33 23.30
C LEU E 292 -2.85 -0.47 24.46
N PRO E 293 -3.83 -0.91 25.29
CA PRO E 293 -4.31 -0.09 26.40
C PRO E 293 -3.20 0.36 27.37
N VAL E 294 -2.32 -0.58 27.75
CA VAL E 294 -1.21 -0.30 28.72
C VAL E 294 -0.32 0.82 28.17
N PHE E 295 -0.03 0.82 26.86
CA PHE E 295 0.69 1.93 26.19
C PHE E 295 0.00 3.25 26.54
N GLY E 296 -1.31 3.34 26.28
CA GLY E 296 -2.15 4.50 26.66
C GLY E 296 -1.92 4.89 28.12
N VAL E 297 -2.01 3.92 29.03
CA VAL E 297 -1.79 4.13 30.49
C VAL E 297 -0.46 4.88 30.66
N PHE E 298 0.62 4.33 30.10
CA PHE E 298 1.98 4.91 30.23
C PHE E 298 1.96 6.34 29.67
N SER E 299 1.39 6.55 28.48
CA SER E 299 1.21 7.89 27.88
C SER E 299 0.57 8.82 28.92
N GLU E 300 -0.56 8.41 29.49
CA GLU E 300 -1.28 9.19 30.53
C GLU E 300 -0.30 9.51 31.67
N ILE E 301 0.38 8.49 32.20
CA ILE E 301 1.35 8.64 33.32
C ILE E 301 2.46 9.60 32.85
N ALA E 302 2.99 9.41 31.64
CA ALA E 302 4.06 10.25 31.06
C ALA E 302 3.58 11.71 31.05
N ALA E 303 2.31 11.95 30.76
CA ALA E 303 1.69 13.29 30.76
C ALA E 303 1.60 13.81 32.20
N THR E 304 1.15 12.99 33.14
CA THR E 304 0.79 13.41 34.53
C THR E 304 2.05 13.75 35.33
N PHE E 305 3.07 12.88 35.31
CA PHE E 305 4.22 12.92 36.27
C PHE E 305 5.40 13.73 35.72
N SER E 306 5.49 13.94 34.40
CA SER E 306 6.53 14.81 33.78
C SER E 306 6.15 16.28 33.92
N ARG E 307 4.90 16.59 34.32
CA ARG E 307 4.40 17.96 34.57
C ARG E 307 4.51 18.80 33.30
N LYS E 308 4.33 18.18 32.13
CA LYS E 308 4.38 18.86 30.81
C LYS E 308 3.48 18.12 29.81
N ARG E 309 3.05 18.81 28.75
CA ARG E 309 2.15 18.26 27.70
C ARG E 309 2.85 17.08 27.01
N LEU E 310 2.09 16.04 26.69
CA LEU E 310 2.58 14.81 26.01
C LEU E 310 3.12 15.19 24.63
N PHE E 311 4.21 14.54 24.21
CA PHE E 311 4.95 14.84 22.95
C PHE E 311 4.42 13.94 21.82
N GLY E 312 4.15 14.53 20.67
CA GLY E 312 3.77 13.83 19.42
C GLY E 312 2.45 13.08 19.55
N TYR E 313 1.38 13.78 19.96
CA TYR E 313 0.01 13.23 20.10
C TYR E 313 -0.43 12.63 18.76
N THR E 314 -0.27 13.38 17.67
CA THR E 314 -0.64 12.97 16.29
C THR E 314 0.19 11.73 15.92
N SER E 315 1.49 11.77 16.20
CA SER E 315 2.43 10.64 15.91
C SER E 315 2.00 9.40 16.70
N LEU E 316 1.63 9.56 17.97
CA LEU E 316 1.20 8.44 18.85
C LEU E 316 -0.08 7.80 18.30
N VAL E 317 -1.07 8.62 17.94
CA VAL E 317 -2.40 8.10 17.49
C VAL E 317 -2.23 7.42 16.13
N TRP E 318 -1.42 7.99 15.23
CA TRP E 318 -1.13 7.37 13.90
C TRP E 318 -0.34 6.07 14.10
N ALA E 319 0.57 6.02 15.07
CA ALA E 319 1.38 4.81 15.38
C ALA E 319 0.45 3.68 15.86
N THR E 320 -0.49 3.98 16.77
CA THR E 320 -1.42 2.95 17.34
C THR E 320 -2.37 2.48 16.24
N VAL E 321 -2.82 3.38 15.35
CA VAL E 321 -3.68 3.02 14.18
C VAL E 321 -2.89 2.10 13.26
N CYS E 322 -1.62 2.42 12.99
CA CYS E 322 -0.71 1.60 12.12
C CYS E 322 -0.55 0.21 12.74
N ILE E 323 -0.35 0.12 14.06
CA ILE E 323 -0.21 -1.16 14.80
C ILE E 323 -1.51 -1.98 14.62
N THR E 324 -2.68 -1.34 14.79
CA THR E 324 -4.00 -1.99 14.64
C THR E 324 -4.14 -2.56 13.22
N VAL E 325 -3.75 -1.79 12.19
CA VAL E 325 -3.86 -2.20 10.77
C VAL E 325 -2.91 -3.38 10.51
N LEU E 326 -1.65 -3.29 10.99
CA LEU E 326 -0.58 -4.26 10.68
C LEU E 326 -0.75 -5.56 11.48
N SER E 327 -1.53 -5.57 12.57
CA SER E 327 -1.63 -6.74 13.48
C SER E 327 -2.53 -7.86 12.91
N PHE E 328 -2.93 -7.78 11.64
CA PHE E 328 -3.77 -8.81 10.97
C PHE E 328 -3.02 -9.55 9.86
N ILE E 329 -1.81 -9.12 9.47
CA ILE E 329 -1.12 -9.64 8.25
C ILE E 329 0.23 -10.25 8.64
N VAL E 330 0.37 -10.70 9.88
CA VAL E 330 1.71 -11.07 10.44
C VAL E 330 1.69 -12.41 11.17
N TRP E 331 0.53 -13.09 11.27
CA TRP E 331 0.32 -14.23 12.20
C TRP E 331 1.23 -15.42 11.84
N LEU E 332 1.53 -15.63 10.55
CA LEU E 332 2.33 -16.80 10.08
C LEU E 332 3.70 -16.83 10.77
N HIS E 333 4.21 -15.70 11.28
CA HIS E 333 5.52 -15.63 11.99
C HIS E 333 5.55 -16.58 13.19
N HIS E 334 4.42 -17.17 13.57
CA HIS E 334 4.35 -18.17 14.67
C HIS E 334 4.83 -19.56 14.23
N PHE E 335 4.84 -19.89 12.93
CA PHE E 335 5.15 -21.27 12.46
C PHE E 335 5.96 -21.22 11.15
N PHE E 336 7.05 -20.46 11.13
CA PHE E 336 8.07 -20.48 10.04
C PHE E 336 8.63 -21.90 9.86
N THR E 337 8.66 -22.69 10.94
CA THR E 337 9.19 -24.07 10.96
C THR E 337 8.14 -25.10 10.50
N MET E 338 6.93 -24.65 10.13
CA MET E 338 5.87 -25.53 9.55
C MET E 338 6.38 -26.15 8.24
N GLY E 339 7.12 -25.36 7.44
CA GLY E 339 7.74 -25.77 6.16
C GLY E 339 7.13 -25.07 4.95
N ALA E 340 6.52 -23.90 5.12
CA ALA E 340 5.98 -23.07 4.02
C ALA E 340 7.12 -22.56 3.14
N GLY E 341 6.82 -22.23 1.88
CA GLY E 341 7.77 -21.75 0.87
C GLY E 341 8.59 -20.55 1.35
N ALA E 342 9.79 -20.37 0.78
CA ALA E 342 10.73 -19.27 1.09
C ALA E 342 10.03 -17.91 0.91
N ASN E 343 9.23 -17.77 -0.15
CA ASN E 343 8.48 -16.53 -0.49
C ASN E 343 7.58 -16.12 0.69
N VAL E 344 6.76 -17.05 1.17
CA VAL E 344 5.72 -16.81 2.22
C VAL E 344 6.45 -16.45 3.53
N ASN E 345 7.46 -17.24 3.90
CA ASN E 345 8.26 -17.03 5.14
C ASN E 345 8.91 -15.65 5.10
N ALA E 346 9.57 -15.30 3.99
CA ALA E 346 10.28 -14.00 3.82
C ALA E 346 9.27 -12.85 3.93
N PHE E 347 8.13 -12.94 3.24
CA PHE E 347 7.08 -11.90 3.22
C PHE E 347 6.56 -11.66 4.65
N PHE E 348 6.21 -12.74 5.35
CA PHE E 348 5.61 -12.67 6.71
C PHE E 348 6.67 -12.15 7.70
N GLY E 349 7.93 -12.57 7.54
CA GLY E 349 9.07 -12.04 8.33
C GLY E 349 9.18 -10.54 8.18
N ILE E 350 9.18 -10.04 6.94
CA ILE E 350 9.34 -8.60 6.60
C ILE E 350 8.17 -7.82 7.23
N THR E 351 6.93 -8.30 7.05
CA THR E 351 5.72 -7.59 7.54
C THR E 351 5.67 -7.63 9.07
N THR E 352 6.19 -8.68 9.71
CA THR E 352 6.29 -8.78 11.20
C THR E 352 7.34 -7.78 11.67
N MET E 353 8.42 -7.60 10.90
CA MET E 353 9.51 -6.63 11.23
C MET E 353 8.97 -5.20 11.11
N ILE E 354 8.09 -4.95 10.14
CA ILE E 354 7.57 -3.57 9.81
C ILE E 354 6.86 -3.00 11.05
N ILE E 355 6.04 -3.79 11.74
CA ILE E 355 5.19 -3.33 12.90
C ILE E 355 6.07 -2.82 14.05
N ALA E 356 7.38 -3.10 14.04
CA ALA E 356 8.35 -2.63 15.05
C ALA E 356 8.47 -1.10 15.05
N ILE E 357 8.29 -0.44 13.90
CA ILE E 357 8.56 1.02 13.72
C ILE E 357 7.61 1.84 14.60
N PRO E 358 6.26 1.65 14.53
CA PRO E 358 5.35 2.43 15.36
C PRO E 358 5.59 2.31 16.88
N THR E 359 5.95 1.11 17.35
CA THR E 359 6.21 0.84 18.80
C THR E 359 7.44 1.66 19.21
N GLY E 360 8.50 1.65 18.39
CA GLY E 360 9.71 2.46 18.57
C GLY E 360 9.39 3.94 18.62
N VAL E 361 8.53 4.41 17.69
CA VAL E 361 8.06 5.82 17.62
C VAL E 361 7.39 6.16 18.96
N LYS E 362 6.49 5.29 19.46
CA LYS E 362 5.75 5.51 20.73
C LYS E 362 6.74 5.60 21.90
N ILE E 363 7.74 4.71 21.95
CA ILE E 363 8.76 4.69 23.04
C ILE E 363 9.54 6.01 23.00
N PHE E 364 9.94 6.47 21.82
CA PHE E 364 10.72 7.72 21.63
C PHE E 364 9.84 8.93 22.02
N ASN E 365 8.54 8.90 21.71
CA ASN E 365 7.59 9.98 22.09
C ASN E 365 7.53 10.06 23.63
N TRP E 366 7.47 8.93 24.33
CA TRP E 366 7.49 8.89 25.82
C TRP E 366 8.81 9.45 26.33
N LEU E 367 9.93 9.05 25.72
CA LEU E 367 11.29 9.51 26.12
C LEU E 367 11.39 11.04 25.99
N PHE E 368 10.88 11.60 24.89
CA PHE E 368 10.91 13.07 24.64
C PHE E 368 9.81 13.77 25.45
N THR E 369 8.81 13.05 25.95
CA THR E 369 7.84 13.58 26.94
C THR E 369 8.56 13.75 28.28
N MET E 370 9.56 12.91 28.56
CA MET E 370 10.41 13.00 29.78
C MET E 370 11.60 13.93 29.52
N TYR E 371 11.70 14.57 28.34
CA TYR E 371 12.93 15.26 27.88
C TYR E 371 13.27 16.43 28.81
N GLN E 372 12.42 17.46 28.87
CA GLN E 372 12.68 18.71 29.63
C GLN E 372 11.53 18.96 30.61
N GLY E 373 10.92 17.90 31.13
CA GLY E 373 9.86 17.97 32.16
C GLY E 373 10.43 17.83 33.57
N ARG E 374 9.64 18.19 34.58
CA ARG E 374 9.93 17.92 36.01
C ARG E 374 9.35 16.54 36.36
N ILE E 375 10.21 15.52 36.47
CA ILE E 375 9.82 14.12 36.73
C ILE E 375 9.75 13.89 38.24
N VAL E 376 8.62 13.40 38.73
CA VAL E 376 8.43 12.98 40.15
C VAL E 376 8.56 11.46 40.20
N PHE E 377 9.48 10.93 41.03
CA PHE E 377 9.72 9.48 41.20
C PHE E 377 8.62 8.87 42.07
N HIS E 378 7.37 8.87 41.57
CA HIS E 378 6.23 8.14 42.17
C HIS E 378 6.31 6.67 41.72
N SER E 379 5.50 5.80 42.33
CA SER E 379 5.39 4.36 41.99
C SER E 379 5.09 4.20 40.50
N ALA E 380 4.09 4.93 39.99
CA ALA E 380 3.63 4.87 38.58
C ALA E 380 4.77 5.22 37.63
N MET E 381 5.53 6.27 37.95
CA MET E 381 6.66 6.76 37.10
C MET E 381 7.77 5.71 37.10
N LEU E 382 8.05 5.09 38.25
CA LEU E 382 9.04 3.98 38.36
C LEU E 382 8.58 2.82 37.46
N TRP E 383 7.30 2.46 37.51
CA TRP E 383 6.69 1.39 36.66
C TRP E 383 6.92 1.75 35.18
N THR E 384 6.70 3.00 34.80
CA THR E 384 6.83 3.48 33.40
C THR E 384 8.29 3.36 32.94
N ILE E 385 9.24 3.79 33.76
CA ILE E 385 10.70 3.77 33.42
C ILE E 385 11.13 2.31 33.27
N GLY E 386 10.76 1.46 34.24
CA GLY E 386 11.02 0.00 34.21
C GLY E 386 10.43 -0.64 32.97
N PHE E 387 9.20 -0.26 32.61
CA PHE E 387 8.49 -0.75 31.40
C PHE E 387 9.31 -0.41 30.16
N ILE E 388 9.74 0.85 30.02
CA ILE E 388 10.53 1.31 28.84
C ILE E 388 11.80 0.45 28.74
N VAL E 389 12.56 0.35 29.84
CA VAL E 389 13.88 -0.34 29.90
C VAL E 389 13.68 -1.82 29.51
N THR E 390 12.69 -2.49 30.11
CA THR E 390 12.43 -3.94 29.90
C THR E 390 11.90 -4.17 28.47
N PHE E 391 10.89 -3.39 28.06
CA PHE E 391 10.16 -3.60 26.78
C PHE E 391 11.09 -3.36 25.59
N SER E 392 12.08 -2.47 25.72
CA SER E 392 13.11 -2.22 24.67
C SER E 392 13.86 -3.53 24.37
N VAL E 393 14.34 -4.20 25.43
CA VAL E 393 15.09 -5.49 25.31
C VAL E 393 14.14 -6.56 24.77
N GLY E 394 12.90 -6.60 25.26
CA GLY E 394 11.86 -7.54 24.81
C GLY E 394 11.63 -7.43 23.31
N GLY E 395 11.42 -6.20 22.84
CA GLY E 395 11.20 -5.87 21.42
C GLY E 395 12.41 -6.21 20.57
N MET E 396 13.62 -5.95 21.09
CA MET E 396 14.91 -6.29 20.42
C MET E 396 14.91 -7.80 20.16
N THR E 397 14.71 -8.61 21.20
CA THR E 397 14.70 -10.09 21.11
C THR E 397 13.58 -10.53 20.16
N GLY E 398 12.43 -9.84 20.17
CA GLY E 398 11.28 -10.13 19.29
C GLY E 398 11.62 -9.97 17.83
N VAL E 399 12.21 -8.83 17.45
CA VAL E 399 12.57 -8.51 16.04
C VAL E 399 13.68 -9.47 15.61
N LEU E 400 14.57 -9.86 16.54
CA LEU E 400 15.61 -10.89 16.30
C LEU E 400 14.92 -12.22 15.98
N LEU E 401 13.88 -12.57 16.74
CA LEU E 401 13.14 -13.86 16.58
C LEU E 401 12.30 -13.84 15.30
N ALA E 402 11.86 -12.66 14.84
CA ALA E 402 10.97 -12.49 13.67
C ALA E 402 11.69 -12.89 12.37
N VAL E 403 13.02 -12.90 12.35
CA VAL E 403 13.82 -13.35 11.17
C VAL E 403 13.68 -14.87 11.07
N PRO E 404 13.21 -15.42 9.92
CA PRO E 404 13.05 -16.87 9.76
C PRO E 404 14.33 -17.68 10.00
N GLY E 405 15.49 -17.14 9.59
CA GLY E 405 16.81 -17.77 9.80
C GLY E 405 17.06 -18.05 11.28
N ALA E 406 16.88 -17.04 12.13
CA ALA E 406 17.04 -17.14 13.60
C ALA E 406 15.91 -18.03 14.17
N ASP E 407 14.69 -17.87 13.64
CA ASP E 407 13.49 -18.61 14.12
C ASP E 407 13.66 -20.11 13.86
N PHE E 408 14.45 -20.51 12.85
CA PHE E 408 14.66 -21.94 12.50
C PHE E 408 15.38 -22.68 13.64
N VAL E 409 16.05 -22.00 14.58
CA VAL E 409 16.68 -22.67 15.75
C VAL E 409 16.14 -22.12 17.08
N LEU E 410 15.54 -20.92 17.12
CA LEU E 410 15.08 -20.30 18.39
C LEU E 410 13.58 -20.56 18.62
N HIS E 411 12.92 -21.30 17.73
CA HIS E 411 11.46 -21.59 17.81
C HIS E 411 11.20 -22.68 18.85
N ASN E 412 10.26 -22.45 19.77
CA ASN E 412 9.85 -23.37 20.86
C ASN E 412 11.00 -23.58 21.86
N SER E 413 12.16 -22.94 21.67
CA SER E 413 13.27 -22.94 22.65
C SER E 413 12.92 -21.95 23.77
N LEU E 414 13.64 -22.04 24.90
CA LEU E 414 13.42 -21.16 26.08
C LEU E 414 13.71 -19.70 25.71
N PHE E 415 14.34 -19.43 24.56
CA PHE E 415 14.51 -18.06 24.01
C PHE E 415 13.13 -17.47 23.71
N LEU E 416 12.23 -18.26 23.12
CA LEU E 416 10.84 -17.83 22.77
C LEU E 416 10.09 -17.52 24.07
N ILE E 417 10.23 -18.36 25.09
CA ILE E 417 9.54 -18.19 26.40
C ILE E 417 10.10 -16.91 27.04
N ALA E 418 11.43 -16.73 26.99
CA ALA E 418 12.11 -15.52 27.51
C ALA E 418 11.51 -14.29 26.81
N HIS E 419 11.35 -14.32 25.48
CA HIS E 419 10.72 -13.22 24.69
C HIS E 419 9.32 -12.91 25.24
N PHE E 420 8.41 -13.89 25.22
CA PHE E 420 6.96 -13.60 25.39
C PHE E 420 6.72 -13.20 26.85
N HIS E 421 7.35 -13.91 27.81
CA HIS E 421 7.32 -13.53 29.25
C HIS E 421 7.94 -12.14 29.43
N ASN E 422 9.04 -11.85 28.74
CA ASN E 422 9.76 -10.56 28.86
C ASN E 422 8.82 -9.43 28.48
N VAL E 423 8.24 -9.50 27.28
CA VAL E 423 7.35 -8.43 26.71
C VAL E 423 6.06 -8.35 27.54
N ILE E 424 5.49 -9.48 27.95
CA ILE E 424 4.25 -9.50 28.79
C ILE E 424 4.54 -8.80 30.12
N ILE E 425 5.59 -9.22 30.84
CA ILE E 425 5.91 -8.66 32.19
C ILE E 425 6.29 -7.18 32.02
N GLY E 426 7.06 -6.84 30.99
CA GLY E 426 7.50 -5.47 30.69
C GLY E 426 6.34 -4.53 30.44
N GLY E 427 5.40 -4.93 29.59
CA GLY E 427 4.27 -4.08 29.14
C GLY E 427 3.03 -4.29 29.99
N VAL E 428 2.47 -5.50 29.96
CA VAL E 428 1.06 -5.76 30.36
C VAL E 428 0.94 -5.59 31.88
N VAL E 429 1.64 -6.42 32.66
CA VAL E 429 1.49 -6.43 34.15
C VAL E 429 2.07 -5.14 34.74
N PHE E 430 3.12 -4.57 34.12
CA PHE E 430 3.74 -3.30 34.57
C PHE E 430 2.72 -2.17 34.41
N GLY E 431 2.10 -2.07 33.23
CA GLY E 431 1.01 -1.12 32.95
C GLY E 431 -0.18 -1.36 33.87
N CYS E 432 -0.49 -2.63 34.15
CA CYS E 432 -1.60 -3.04 35.05
C CYS E 432 -1.37 -2.44 36.44
N PHE E 433 -0.21 -2.69 37.04
CA PHE E 433 0.15 -2.19 38.40
C PHE E 433 0.24 -0.66 38.38
N ALA E 434 0.80 -0.08 37.30
CA ALA E 434 0.96 1.38 37.15
C ALA E 434 -0.43 2.04 37.13
N GLY E 435 -1.37 1.49 36.35
CA GLY E 435 -2.76 1.97 36.26
C GLY E 435 -3.49 1.80 37.58
N MET E 436 -3.29 0.65 38.24
CA MET E 436 -3.95 0.31 39.53
C MET E 436 -3.54 1.34 40.60
N THR E 437 -2.25 1.64 40.70
CA THR E 437 -1.71 2.62 41.68
C THR E 437 -2.06 4.05 41.24
N TYR E 438 -2.17 4.29 39.93
CA TYR E 438 -2.45 5.64 39.37
C TYR E 438 -3.94 5.97 39.49
N TRP E 439 -4.83 4.99 39.33
CA TRP E 439 -6.31 5.22 39.34
C TRP E 439 -6.96 4.70 40.62
N TRP E 440 -6.18 4.34 41.64
CA TRP E 440 -6.70 3.80 42.94
C TRP E 440 -7.57 4.86 43.62
N PRO E 441 -7.14 6.14 43.74
CA PRO E 441 -7.98 7.17 44.36
C PRO E 441 -9.35 7.34 43.67
N LYS E 442 -9.43 7.18 42.35
CA LYS E 442 -10.70 7.33 41.60
C LYS E 442 -11.60 6.11 41.81
N ALA E 443 -11.11 5.03 42.43
CA ALA E 443 -11.90 3.79 42.67
C ALA E 443 -12.35 3.68 44.13
N PHE E 444 -11.58 4.24 45.09
CA PHE E 444 -11.85 4.04 46.55
C PHE E 444 -11.79 5.35 47.35
N GLY E 445 -11.03 6.36 46.90
CA GLY E 445 -11.00 7.70 47.53
C GLY E 445 -9.76 7.92 48.39
N PHE E 446 -8.88 6.92 48.50
CA PHE E 446 -7.60 7.03 49.25
C PHE E 446 -6.44 6.55 48.38
N LYS E 447 -5.21 6.90 48.76
CA LYS E 447 -3.97 6.59 47.99
C LYS E 447 -3.34 5.30 48.51
N LEU E 448 -2.50 4.67 47.69
CA LEU E 448 -1.71 3.48 48.09
C LEU E 448 -0.45 3.93 48.85
N ASN E 449 0.02 3.07 49.77
CA ASN E 449 1.31 3.27 50.50
C ASN E 449 2.45 3.23 49.48
N GLU E 450 3.27 4.29 49.45
CA GLU E 450 4.31 4.48 48.42
C GLU E 450 5.50 3.54 48.69
N THR E 451 5.87 3.35 49.96
CA THR E 451 7.05 2.56 50.38
C THR E 451 6.90 1.11 49.89
N TRP E 452 5.77 0.47 50.21
CA TRP E 452 5.47 -0.93 49.83
C TRP E 452 5.36 -1.04 48.30
N GLY E 453 4.77 -0.04 47.64
CA GLY E 453 4.66 0.03 46.17
C GLY E 453 6.03 0.02 45.51
N LYS E 454 6.95 0.86 45.99
CA LYS E 454 8.34 0.97 45.48
C LYS E 454 9.07 -0.36 45.72
N ARG E 455 8.91 -0.95 46.92
CA ARG E 455 9.52 -2.25 47.27
C ARG E 455 9.03 -3.32 46.28
N ALA E 456 7.72 -3.37 46.03
CA ALA E 456 7.08 -4.35 45.12
C ALA E 456 7.63 -4.16 43.70
N PHE E 457 7.74 -2.93 43.23
CA PHE E 457 8.26 -2.60 41.87
C PHE E 457 9.71 -3.10 41.75
N TRP E 458 10.56 -2.76 42.71
CA TRP E 458 12.00 -3.15 42.71
C TRP E 458 12.11 -4.68 42.71
N PHE E 459 11.36 -5.35 43.60
CA PHE E 459 11.35 -6.84 43.70
C PHE E 459 10.92 -7.42 42.34
N TRP E 460 9.84 -6.90 41.76
CA TRP E 460 9.28 -7.39 40.46
C TRP E 460 10.35 -7.29 39.36
N ILE E 461 10.95 -6.12 39.17
CA ILE E 461 11.92 -5.86 38.05
C ILE E 461 13.17 -6.73 38.27
N ILE E 462 13.75 -6.72 39.46
CA ILE E 462 15.01 -7.47 39.77
C ILE E 462 14.74 -8.96 39.61
N GLY E 463 13.64 -9.45 40.22
CA GLY E 463 13.20 -10.86 40.13
C GLY E 463 12.97 -11.29 38.70
N PHE E 464 12.33 -10.45 37.88
CA PHE E 464 12.02 -10.73 36.46
C PHE E 464 13.34 -10.92 35.70
N PHE E 465 14.29 -9.99 35.85
CA PHE E 465 15.63 -10.09 35.21
C PHE E 465 16.28 -11.42 35.64
N VAL E 466 16.38 -11.67 36.94
CA VAL E 466 17.09 -12.86 37.51
C VAL E 466 16.41 -14.14 37.02
N ALA E 467 15.08 -14.14 36.84
CA ALA E 467 14.30 -15.35 36.48
C ALA E 467 14.33 -15.61 34.97
N PHE E 468 14.41 -14.59 34.12
CA PHE E 468 14.15 -14.74 32.66
C PHE E 468 15.40 -14.47 31.79
N MET E 469 16.43 -13.80 32.31
CA MET E 469 17.70 -13.61 31.54
C MET E 469 18.39 -14.96 31.33
N PRO E 470 18.48 -15.87 32.34
CA PRO E 470 19.01 -17.22 32.10
C PRO E 470 18.24 -18.04 31.04
N LEU E 471 16.95 -17.75 30.84
CA LEU E 471 16.12 -18.47 29.83
C LEU E 471 16.62 -18.13 28.42
N TYR E 472 17.13 -16.91 28.19
CA TYR E 472 17.78 -16.53 26.91
C TYR E 472 18.97 -17.46 26.65
N ALA E 473 19.86 -17.61 27.65
CA ALA E 473 21.06 -18.46 27.57
C ALA E 473 20.64 -19.92 27.35
N LEU E 474 19.60 -20.38 28.06
CA LEU E 474 19.09 -21.78 27.95
C LEU E 474 18.54 -22.03 26.55
N GLY E 475 17.76 -21.10 26.00
CA GLY E 475 17.28 -21.11 24.62
C GLY E 475 18.42 -21.22 23.63
N PHE E 476 19.50 -20.46 23.88
CA PHE E 476 20.74 -20.50 23.06
C PHE E 476 21.39 -21.89 23.18
N MET E 477 21.33 -22.51 24.37
CA MET E 477 21.98 -23.83 24.65
C MET E 477 21.20 -24.98 24.02
N GLY E 478 19.97 -24.73 23.55
CA GLY E 478 19.17 -25.69 22.76
C GLY E 478 18.10 -26.40 23.60
N MET E 479 17.94 -26.03 24.88
CA MET E 479 16.88 -26.60 25.76
C MET E 479 15.52 -26.07 25.29
N THR E 480 14.61 -26.99 24.97
CA THR E 480 13.25 -26.68 24.41
C THR E 480 12.25 -26.48 25.55
N ARG E 481 11.03 -26.06 25.19
CA ARG E 481 9.94 -25.77 26.15
C ARG E 481 9.32 -27.07 26.66
N ARG E 482 8.65 -27.00 27.82
CA ARG E 482 7.73 -28.04 28.36
C ARG E 482 8.51 -29.34 28.62
N LEU E 483 9.71 -29.24 29.20
CA LEU E 483 10.52 -30.40 29.63
C LEU E 483 10.26 -30.63 31.14
N SER E 484 10.01 -31.88 31.52
CA SER E 484 9.53 -32.27 32.87
C SER E 484 10.52 -33.22 33.57
N GLN E 485 11.01 -34.24 32.87
CA GLN E 485 11.77 -35.36 33.49
C GLN E 485 13.10 -35.56 32.76
N GLN E 486 14.14 -35.98 33.50
CA GLN E 486 15.51 -36.28 33.00
C GLN E 486 16.03 -35.10 32.16
N ILE E 487 15.92 -33.88 32.69
CA ILE E 487 16.49 -32.66 32.05
C ILE E 487 18.02 -32.79 32.03
N ASP E 488 18.65 -32.42 30.92
CA ASP E 488 20.13 -32.47 30.75
C ASP E 488 20.78 -31.67 31.89
N PRO E 489 21.68 -32.28 32.69
CA PRO E 489 22.32 -31.57 33.81
C PRO E 489 23.05 -30.27 33.45
N GLN E 490 23.51 -30.12 32.20
CA GLN E 490 24.18 -28.89 31.69
C GLN E 490 23.24 -27.67 31.81
N PHE E 491 21.91 -27.87 31.89
CA PHE E 491 20.91 -26.79 32.03
C PHE E 491 20.58 -26.53 33.52
N HIS E 492 21.27 -27.18 34.46
CA HIS E 492 20.94 -27.10 35.91
C HIS E 492 21.18 -25.67 36.42
N THR E 493 22.42 -25.19 36.33
CA THR E 493 22.89 -23.92 36.94
C THR E 493 21.92 -22.79 36.61
N MET E 494 21.72 -22.52 35.32
CA MET E 494 20.83 -21.43 34.83
C MET E 494 19.45 -21.59 35.46
N LEU E 495 18.88 -22.79 35.41
CA LEU E 495 17.52 -23.06 35.95
C LEU E 495 17.49 -22.74 37.46
N MET E 496 18.53 -23.11 38.20
CA MET E 496 18.65 -22.78 39.65
C MET E 496 18.56 -21.26 39.81
N ILE E 497 19.31 -20.50 38.99
CA ILE E 497 19.29 -19.01 39.00
C ILE E 497 17.85 -18.57 38.75
N ALA E 498 17.19 -19.15 37.73
CA ALA E 498 15.79 -18.85 37.39
C ALA E 498 14.91 -19.06 38.64
N ALA E 499 15.11 -20.19 39.34
CA ALA E 499 14.36 -20.52 40.58
C ALA E 499 14.51 -19.36 41.57
N SER E 500 15.74 -18.89 41.79
CA SER E 500 16.02 -17.72 42.67
C SER E 500 15.14 -16.55 42.21
N GLY E 501 15.23 -16.18 40.93
CA GLY E 501 14.39 -15.12 40.33
C GLY E 501 12.92 -15.29 40.70
N ALA E 502 12.40 -16.52 40.54
CA ALA E 502 10.98 -16.85 40.82
C ALA E 502 10.63 -16.39 42.24
N VAL E 503 11.39 -16.82 43.25
CA VAL E 503 11.07 -16.51 44.68
C VAL E 503 11.16 -14.99 44.88
N LEU E 504 12.09 -14.31 44.20
CA LEU E 504 12.18 -12.82 44.25
C LEU E 504 10.83 -12.24 43.79
N ILE E 505 10.31 -12.69 42.64
CA ILE E 505 9.01 -12.20 42.12
C ILE E 505 7.94 -12.50 43.17
N ALA E 506 8.00 -13.69 43.80
CA ALA E 506 7.08 -14.09 44.90
C ALA E 506 7.04 -12.98 45.95
N LEU E 507 8.21 -12.57 46.46
CA LEU E 507 8.32 -11.50 47.49
C LEU E 507 7.59 -10.25 46.97
N GLY E 508 7.85 -9.85 45.73
CA GLY E 508 7.15 -8.72 45.08
C GLY E 508 5.64 -8.84 45.23
N ILE E 509 5.09 -9.98 44.81
CA ILE E 509 3.62 -10.27 44.90
C ILE E 509 3.21 -10.12 46.37
N LEU E 510 3.94 -10.76 47.29
CA LEU E 510 3.65 -10.64 48.75
C LEU E 510 3.63 -9.15 49.13
N CYS E 511 4.67 -8.41 48.74
CA CYS E 511 4.77 -6.93 48.99
C CYS E 511 3.47 -6.27 48.53
N LEU E 512 3.05 -6.53 47.28
CA LEU E 512 1.81 -5.95 46.70
C LEU E 512 0.65 -6.20 47.67
N VAL E 513 0.43 -7.45 48.08
CA VAL E 513 -0.68 -7.82 49.01
C VAL E 513 -0.57 -6.93 50.25
N ILE E 514 0.61 -6.92 50.89
CA ILE E 514 0.86 -6.13 52.14
C ILE E 514 0.49 -4.67 51.85
N GLN E 515 0.96 -4.11 50.73
CA GLN E 515 0.64 -2.72 50.31
C GLN E 515 -0.87 -2.51 50.41
N MET E 516 -1.65 -3.31 49.67
CA MET E 516 -3.14 -3.19 49.64
C MET E 516 -3.65 -3.19 51.09
N TYR E 517 -3.23 -4.17 51.89
CA TYR E 517 -3.68 -4.32 53.30
C TYR E 517 -3.45 -3.00 54.03
N VAL E 518 -2.22 -2.49 54.03
CA VAL E 518 -1.87 -1.26 54.81
C VAL E 518 -2.61 -0.07 54.20
N SER E 519 -2.77 -0.04 52.86
CA SER E 519 -3.53 1.01 52.16
C SER E 519 -4.98 1.00 52.65
N ILE E 520 -5.55 -0.19 52.90
CA ILE E 520 -6.91 -0.33 53.46
C ILE E 520 -6.87 0.11 54.94
N ARG E 521 -5.84 -0.29 55.69
CA ARG E 521 -5.76 -0.04 57.16
C ARG E 521 -5.65 1.46 57.44
N ASP E 522 -4.82 2.18 56.69
CA ASP E 522 -4.52 3.63 56.95
C ASP E 522 -5.26 4.51 55.93
N ARG E 523 -6.48 4.12 55.54
CA ARG E 523 -7.31 4.88 54.55
C ARG E 523 -7.69 6.25 55.12
N ASP E 524 -7.87 6.36 56.44
CA ASP E 524 -8.35 7.59 57.11
C ASP E 524 -7.29 8.69 57.05
N GLN E 525 -6.03 8.37 56.79
CA GLN E 525 -4.91 9.35 56.80
C GLN E 525 -4.45 9.69 55.37
N ASN E 526 -4.81 8.89 54.35
CA ASN E 526 -4.31 9.07 52.96
C ASN E 526 -5.49 9.29 52.00
N ARG E 527 -6.54 9.97 52.47
CA ARG E 527 -7.76 10.26 51.67
C ARG E 527 -7.43 11.29 50.59
N ASP E 528 -8.08 11.19 49.42
CA ASP E 528 -7.93 12.14 48.29
C ASP E 528 -9.07 13.18 48.38
N LEU E 529 -8.79 14.31 49.01
CA LEU E 529 -9.82 15.34 49.34
C LEU E 529 -10.26 16.05 48.06
N THR E 530 -9.31 16.59 47.29
CA THR E 530 -9.55 17.56 46.18
C THR E 530 -10.03 16.84 44.90
N GLY E 531 -9.85 15.51 44.79
CA GLY E 531 -10.22 14.74 43.59
C GLY E 531 -9.16 14.83 42.49
N ASP E 532 -8.07 15.58 42.72
CA ASP E 532 -6.95 15.74 41.76
C ASP E 532 -5.63 15.51 42.50
N PRO E 533 -5.28 14.24 42.81
CA PRO E 533 -4.10 13.93 43.60
C PRO E 533 -2.77 14.29 42.91
N TRP E 534 -2.60 13.94 41.63
CA TRP E 534 -1.33 14.17 40.88
C TRP E 534 -1.49 15.22 39.78
N GLY E 535 -2.59 15.99 39.77
CA GLY E 535 -2.81 17.06 38.77
C GLY E 535 -2.95 16.51 37.36
N GLY E 536 -3.78 15.47 37.19
CA GLY E 536 -3.99 14.79 35.90
C GLY E 536 -4.61 15.71 34.86
N ARG E 537 -4.29 15.50 33.59
CA ARG E 537 -4.68 16.38 32.46
C ARG E 537 -6.14 16.10 32.06
N THR E 538 -6.59 14.85 32.14
CA THR E 538 -7.86 14.37 31.55
C THR E 538 -9.03 14.72 32.50
N LEU E 539 -10.25 14.64 31.95
CA LEU E 539 -11.53 15.02 32.63
C LEU E 539 -11.78 14.16 33.88
N GLU E 540 -11.26 12.93 33.93
CA GLU E 540 -11.56 11.95 35.01
C GLU E 540 -11.24 12.55 36.40
N TRP E 541 -10.26 13.45 36.50
CA TRP E 541 -9.81 14.06 37.77
C TRP E 541 -10.68 15.26 38.18
N ALA E 542 -11.65 15.66 37.36
CA ALA E 542 -12.57 16.78 37.66
C ALA E 542 -13.56 16.37 38.76
N THR E 543 -13.89 15.07 38.84
CA THR E 543 -14.92 14.52 39.78
C THR E 543 -14.28 14.26 41.15
N SER E 544 -15.13 14.04 42.16
CA SER E 544 -14.71 13.65 43.54
C SER E 544 -14.03 12.28 43.48
N SER E 545 -13.10 12.02 44.40
CA SER E 545 -12.29 10.77 44.44
C SER E 545 -13.20 9.54 44.55
N PRO E 546 -14.29 9.52 45.34
CA PRO E 546 -15.40 8.60 45.09
C PRO E 546 -16.33 9.20 44.03
N PRO E 547 -16.28 8.78 42.75
CA PRO E 547 -17.15 9.35 41.73
C PRO E 547 -18.59 8.93 41.97
N PRO E 548 -19.60 9.84 41.82
CA PRO E 548 -21.00 9.44 41.95
C PRO E 548 -21.38 8.47 40.82
N PHE E 549 -22.39 7.63 41.07
CA PHE E 549 -22.91 6.63 40.09
C PHE E 549 -23.20 7.32 38.75
N TYR E 550 -23.65 8.57 38.79
CA TYR E 550 -23.60 9.53 37.65
C TYR E 550 -22.21 10.18 37.65
N ASN E 551 -21.45 10.03 36.56
CA ASN E 551 -20.05 10.51 36.48
C ASN E 551 -20.02 12.03 36.62
N PHE E 552 -20.90 12.75 35.92
CA PHE E 552 -20.94 14.24 35.91
C PHE E 552 -22.37 14.72 36.15
N ALA E 553 -22.55 15.64 37.09
CA ALA E 553 -23.83 16.34 37.38
C ALA E 553 -24.26 17.10 36.11
N VAL E 554 -23.31 17.80 35.48
CA VAL E 554 -23.50 18.45 34.15
C VAL E 554 -22.38 17.96 33.23
N VAL E 555 -22.75 17.50 32.02
CA VAL E 555 -21.78 16.96 31.02
C VAL E 555 -20.84 18.10 30.63
N PRO E 556 -19.52 17.95 30.83
CA PRO E 556 -18.58 19.05 30.60
C PRO E 556 -18.45 19.44 29.11
N HIS E 557 -18.16 20.71 28.85
CA HIS E 557 -17.90 21.26 27.49
C HIS E 557 -16.38 21.34 27.28
N VAL E 558 -15.87 20.73 26.22
CA VAL E 558 -14.40 20.61 25.93
C VAL E 558 -14.09 21.41 24.66
N HIS E 559 -13.02 22.21 24.68
CA HIS E 559 -12.55 23.03 23.54
C HIS E 559 -11.12 22.65 23.12
N GLU E 560 -10.35 21.96 23.98
CA GLU E 560 -8.89 21.72 23.78
C GLU E 560 -8.59 20.23 23.99
N ARG E 561 -7.31 19.85 23.85
CA ARG E 561 -6.83 18.45 23.95
C ARG E 561 -6.94 17.99 25.42
N ASP E 562 -6.19 18.61 26.32
CA ASP E 562 -6.22 18.30 27.78
C ASP E 562 -7.27 19.20 28.42
N ALA E 563 -8.49 18.68 28.58
CA ALA E 563 -9.69 19.44 29.04
C ALA E 563 -9.45 19.98 30.45
N PHE E 564 -9.11 19.11 31.42
CA PHE E 564 -9.03 19.47 32.86
C PHE E 564 -7.85 20.42 33.09
N TRP E 565 -6.71 20.19 32.41
CA TRP E 565 -5.52 21.06 32.51
C TRP E 565 -5.88 22.47 32.02
N GLU E 566 -6.58 22.57 30.88
CA GLU E 566 -7.00 23.88 30.31
C GLU E 566 -8.00 24.55 31.26
N MET E 567 -8.93 23.78 31.85
CA MET E 567 -9.93 24.31 32.82
C MET E 567 -9.19 24.90 34.04
N LYS E 568 -8.15 24.21 34.54
CA LYS E 568 -7.35 24.67 35.69
C LYS E 568 -6.56 25.93 35.31
N GLU E 569 -5.95 25.96 34.11
CA GLU E 569 -5.13 27.10 33.62
C GLU E 569 -6.03 28.34 33.47
N LYS E 570 -7.23 28.19 32.89
CA LYS E 570 -8.18 29.31 32.65
C LYS E 570 -8.73 29.84 33.99
N GLY E 571 -8.68 29.04 35.06
CA GLY E 571 -9.13 29.43 36.41
C GLY E 571 -10.58 29.07 36.67
N GLU E 572 -11.25 28.38 35.73
CA GLU E 572 -12.62 27.84 35.91
C GLU E 572 -12.53 26.32 35.97
N ALA E 573 -12.24 25.78 37.16
CA ALA E 573 -12.06 24.33 37.43
C ALA E 573 -13.14 23.81 38.38
N TYR E 574 -13.52 24.59 39.40
CA TYR E 574 -14.56 24.24 40.39
C TYR E 574 -15.54 25.41 40.51
N LYS E 575 -16.52 25.46 39.60
CA LYS E 575 -17.58 26.51 39.55
C LYS E 575 -18.94 25.85 39.75
N LYS E 576 -19.72 26.38 40.70
CA LYS E 576 -21.10 25.89 41.02
C LYS E 576 -22.02 26.19 39.84
N PRO E 577 -22.63 25.17 39.19
CA PRO E 577 -23.67 25.41 38.18
C PRO E 577 -24.88 26.15 38.77
N ASP E 578 -25.52 26.99 37.95
CA ASP E 578 -26.72 27.81 38.32
C ASP E 578 -27.81 26.91 38.90
N HIS E 579 -28.11 25.79 38.23
CA HIS E 579 -29.16 24.81 38.63
C HIS E 579 -28.81 23.42 38.12
N TYR E 580 -29.25 22.38 38.83
CA TYR E 580 -29.07 20.95 38.45
C TYR E 580 -30.39 20.42 37.87
N GLU E 581 -30.28 19.45 36.96
CA GLU E 581 -31.42 18.86 36.22
C GLU E 581 -31.53 17.36 36.54
N GLU E 582 -32.75 16.82 36.46
CA GLU E 582 -33.05 15.38 36.68
C GLU E 582 -32.22 14.56 35.68
N ILE E 583 -31.51 13.54 36.15
CA ILE E 583 -30.55 12.76 35.32
C ILE E 583 -31.14 11.38 35.02
N HIS E 584 -31.21 11.02 33.74
CA HIS E 584 -31.69 9.69 33.27
C HIS E 584 -30.56 8.66 33.47
N MET E 585 -30.83 7.60 34.24
CA MET E 585 -29.83 6.54 34.53
C MET E 585 -30.47 5.16 34.34
N PRO E 586 -29.67 4.11 34.04
CA PRO E 586 -30.16 2.74 33.96
C PRO E 586 -30.25 2.04 35.32
N LYS E 587 -31.29 1.23 35.51
CA LYS E 587 -31.51 0.46 36.77
C LYS E 587 -30.54 -0.73 36.84
N ASN E 588 -30.24 -1.18 38.05
CA ASN E 588 -29.47 -2.43 38.32
C ASN E 588 -30.34 -3.64 37.91
N SER E 589 -29.74 -4.59 37.19
CA SER E 589 -30.42 -5.81 36.67
C SER E 589 -29.76 -7.06 37.26
N GLY E 590 -30.58 -8.05 37.65
CA GLY E 590 -30.14 -9.31 38.30
C GLY E 590 -30.10 -10.49 37.35
N ALA E 591 -30.43 -10.29 36.06
CA ALA E 591 -30.56 -11.37 35.05
C ALA E 591 -29.17 -11.86 34.60
N GLY E 592 -28.14 -10.99 34.67
CA GLY E 592 -26.76 -11.33 34.28
C GLY E 592 -26.24 -12.54 35.03
N ILE E 593 -26.37 -12.54 36.36
CA ILE E 593 -25.89 -13.66 37.24
C ILE E 593 -26.72 -14.92 36.96
N VAL E 594 -28.01 -14.80 36.67
CA VAL E 594 -28.91 -15.95 36.37
C VAL E 594 -28.44 -16.60 35.07
N ILE E 595 -28.20 -15.79 34.02
CA ILE E 595 -27.72 -16.28 32.70
C ILE E 595 -26.34 -16.93 32.91
N ALA E 596 -25.49 -16.33 33.76
CA ALA E 596 -24.14 -16.85 34.07
C ALA E 596 -24.25 -18.24 34.71
N ALA E 597 -25.14 -18.40 35.70
CA ALA E 597 -25.36 -19.67 36.42
C ALA E 597 -25.84 -20.74 35.43
N PHE E 598 -26.80 -20.39 34.57
CA PHE E 598 -27.36 -21.31 33.55
C PHE E 598 -26.25 -21.71 32.56
N SER E 599 -25.41 -20.76 32.14
CA SER E 599 -24.27 -21.01 31.22
C SER E 599 -23.25 -21.93 31.89
N THR E 600 -22.99 -21.74 33.20
CA THR E 600 -22.07 -22.59 34.00
C THR E 600 -22.61 -24.03 33.99
N ILE E 601 -23.91 -24.21 34.28
CA ILE E 601 -24.59 -25.53 34.31
C ILE E 601 -24.45 -26.17 32.93
N PHE E 602 -24.76 -25.42 31.85
CA PHE E 602 -24.73 -25.90 30.45
C PHE E 602 -23.30 -26.37 30.11
N GLY E 603 -22.30 -25.55 30.40
CA GLY E 603 -20.87 -25.85 30.14
C GLY E 603 -20.44 -27.11 30.87
N PHE E 604 -20.74 -27.19 32.16
CA PHE E 604 -20.36 -28.33 33.04
C PHE E 604 -20.99 -29.62 32.51
N ALA E 605 -22.27 -29.56 32.12
CA ALA E 605 -23.03 -30.70 31.59
C ALA E 605 -22.43 -31.13 30.24
N MET E 606 -22.06 -30.17 29.39
CA MET E 606 -21.42 -30.44 28.07
C MET E 606 -20.08 -31.17 28.30
N ILE E 607 -19.30 -30.75 29.30
CA ILE E 607 -17.97 -31.34 29.61
C ILE E 607 -18.16 -32.80 30.04
N TRP E 608 -19.13 -33.07 30.91
CA TRP E 608 -19.34 -34.42 31.53
C TRP E 608 -20.41 -35.22 30.77
N HIS E 609 -20.84 -34.76 29.58
CA HIS E 609 -21.77 -35.50 28.68
C HIS E 609 -23.10 -35.78 29.40
N ILE E 610 -23.58 -34.83 30.20
CA ILE E 610 -24.93 -34.91 30.84
C ILE E 610 -25.89 -34.14 29.93
N TRP E 611 -26.46 -34.83 28.94
CA TRP E 611 -27.16 -34.20 27.78
C TRP E 611 -28.40 -33.44 28.26
N TRP E 612 -29.22 -34.07 29.11
CA TRP E 612 -30.48 -33.47 29.64
C TRP E 612 -30.16 -32.20 30.42
N LEU E 613 -29.10 -32.20 31.24
CA LEU E 613 -28.72 -31.03 32.08
C LEU E 613 -28.25 -29.89 31.16
N ALA E 614 -27.52 -30.21 30.10
CA ALA E 614 -27.05 -29.22 29.10
C ALA E 614 -28.25 -28.60 28.39
N ILE E 615 -29.23 -29.42 27.99
CA ILE E 615 -30.48 -28.93 27.34
C ILE E 615 -31.21 -28.00 28.33
N VAL E 616 -31.32 -28.40 29.59
CA VAL E 616 -31.99 -27.61 30.66
C VAL E 616 -31.28 -26.25 30.80
N GLY E 617 -29.94 -26.26 30.86
CA GLY E 617 -29.10 -25.06 31.00
C GLY E 617 -29.30 -24.10 29.83
N PHE E 618 -29.22 -24.62 28.60
CA PHE E 618 -29.37 -23.82 27.36
C PHE E 618 -30.77 -23.22 27.31
N ALA E 619 -31.80 -24.02 27.61
CA ALA E 619 -33.22 -23.58 27.65
C ALA E 619 -33.37 -22.47 28.70
N GLY E 620 -32.77 -22.64 29.87
CA GLY E 620 -32.77 -21.65 30.97
C GLY E 620 -32.17 -20.32 30.52
N MET E 621 -31.02 -20.37 29.85
CA MET E 621 -30.31 -19.18 29.28
C MET E 621 -31.28 -18.44 28.34
N ILE E 622 -31.83 -19.16 27.36
CA ILE E 622 -32.70 -18.57 26.30
C ILE E 622 -33.98 -18.01 26.95
N ILE E 623 -34.59 -18.75 27.88
CA ILE E 623 -35.86 -18.33 28.57
C ILE E 623 -35.58 -17.07 29.39
N THR E 624 -34.46 -17.01 30.14
CA THR E 624 -34.11 -15.83 30.97
C THR E 624 -33.93 -14.61 30.07
N TRP E 625 -33.21 -14.78 28.94
CA TRP E 625 -32.97 -13.72 27.94
C TRP E 625 -34.32 -13.21 27.39
N ILE E 626 -35.20 -14.12 26.99
CA ILE E 626 -36.56 -13.79 26.42
C ILE E 626 -37.37 -13.04 27.50
N VAL E 627 -37.39 -13.53 28.73
CA VAL E 627 -38.19 -12.92 29.85
C VAL E 627 -37.67 -11.50 30.09
N LYS E 628 -36.36 -11.30 30.15
CA LYS E 628 -35.74 -9.97 30.38
C LYS E 628 -36.00 -9.06 29.16
N SER E 629 -36.27 -9.64 27.98
CA SER E 629 -36.62 -8.85 26.77
C SER E 629 -38.03 -8.25 26.89
N PHE E 630 -38.85 -8.67 27.88
CA PHE E 630 -40.27 -8.23 28.01
C PHE E 630 -40.37 -6.93 28.81
N ASP E 631 -39.84 -6.89 30.03
CA ASP E 631 -40.02 -5.74 30.98
C ASP E 631 -39.41 -4.48 30.38
N GLU E 632 -40.05 -3.33 30.62
CA GLU E 632 -39.66 -2.01 30.04
C GLU E 632 -39.09 -1.08 31.13
N ASP E 633 -39.39 -1.33 32.41
CA ASP E 633 -38.90 -0.51 33.55
C ASP E 633 -37.43 -0.86 33.81
N VAL E 634 -36.54 -0.38 32.95
CA VAL E 634 -35.07 -0.69 32.97
C VAL E 634 -34.27 0.56 33.37
N ASP E 635 -34.91 1.74 33.36
CA ASP E 635 -34.23 3.05 33.61
C ASP E 635 -35.07 3.87 34.60
N TYR E 636 -34.42 4.75 35.35
CA TYR E 636 -35.06 5.66 36.34
C TYR E 636 -34.45 7.07 36.20
N TYR E 637 -34.97 8.00 37.00
CA TYR E 637 -34.58 9.44 36.98
C TYR E 637 -34.06 9.84 38.36
N VAL E 638 -32.82 10.33 38.42
CA VAL E 638 -32.18 10.83 39.66
C VAL E 638 -32.67 12.27 39.85
N PRO E 639 -33.32 12.58 41.00
CA PRO E 639 -33.87 13.92 41.21
C PRO E 639 -32.80 14.98 41.51
N VAL E 640 -33.21 16.25 41.50
CA VAL E 640 -32.30 17.43 41.62
C VAL E 640 -31.75 17.48 43.06
N ALA E 641 -32.55 17.09 44.06
CA ALA E 641 -32.21 17.15 45.50
C ALA E 641 -30.92 16.38 45.78
N GLU E 642 -30.86 15.11 45.38
CA GLU E 642 -29.72 14.19 45.65
C GLU E 642 -28.46 14.72 44.95
N ILE E 643 -28.58 15.13 43.69
CA ILE E 643 -27.45 15.66 42.87
C ILE E 643 -26.90 16.91 43.57
N GLU E 644 -27.79 17.82 43.98
CA GLU E 644 -27.43 19.09 44.67
C GLU E 644 -26.70 18.77 45.98
N LYS E 645 -27.20 17.78 46.75
CA LYS E 645 -26.61 17.39 48.05
C LYS E 645 -25.18 16.89 47.84
N LEU E 646 -24.97 15.95 46.91
CA LEU E 646 -23.65 15.34 46.62
C LEU E 646 -22.68 16.42 46.12
N GLU E 647 -23.14 17.29 45.21
CA GLU E 647 -22.31 18.37 44.61
C GLU E 647 -21.90 19.37 45.71
N ASN E 648 -22.84 19.74 46.60
CA ASN E 648 -22.58 20.67 47.73
C ASN E 648 -21.54 20.05 48.67
N GLN E 649 -21.67 18.76 48.98
CA GLN E 649 -20.72 18.01 49.86
C GLN E 649 -19.33 18.07 49.22
N HIS E 650 -19.23 17.76 47.92
CA HIS E 650 -17.94 17.74 47.17
C HIS E 650 -17.32 19.14 47.18
N PHE E 651 -18.11 20.18 46.93
CA PHE E 651 -17.62 21.59 46.87
C PHE E 651 -17.19 22.05 48.27
N ASP E 652 -17.89 21.62 49.32
CA ASP E 652 -17.51 21.89 50.73
C ASP E 652 -16.13 21.25 51.01
N GLU E 653 -15.93 20.01 50.55
CA GLU E 653 -14.64 19.29 50.67
C GLU E 653 -13.55 20.08 49.93
N ILE E 654 -13.85 20.57 48.72
CA ILE E 654 -12.89 21.38 47.90
C ILE E 654 -12.51 22.64 48.68
N THR E 655 -13.51 23.37 49.21
CA THR E 655 -13.31 24.67 49.90
C THR E 655 -12.48 24.46 51.17
N LYS E 656 -12.83 23.44 51.98
CA LYS E 656 -12.15 23.14 53.27
C LYS E 656 -10.71 22.72 52.98
N ALA E 657 -10.48 21.84 52.00
CA ALA E 657 -9.14 21.33 51.61
C ALA E 657 -8.33 22.46 50.96
N GLY E 658 -8.97 23.25 50.08
CA GLY E 658 -8.33 24.36 49.35
C GLY E 658 -8.07 25.56 50.25
N GLY F 1 25.92 -17.60 26.04
CA GLY F 1 27.02 -18.58 26.26
C GLY F 1 27.99 -18.62 25.10
N CYS F 2 29.28 -18.38 25.36
CA CYS F 2 30.38 -18.43 24.36
C CYS F 2 30.50 -19.85 23.77
N ASN F 3 30.38 -20.88 24.62
CA ASN F 3 30.51 -22.31 24.23
C ASN F 3 29.11 -22.92 24.07
N SER F 4 28.09 -22.12 23.76
CA SER F 4 26.69 -22.56 23.59
C SER F 4 26.54 -23.40 22.31
N ALA F 5 25.43 -24.12 22.18
CA ALA F 5 25.13 -24.99 21.02
C ALA F 5 24.95 -24.14 19.75
N LEU F 6 24.27 -22.99 19.86
CA LEU F 6 23.94 -22.12 18.69
C LEU F 6 25.08 -21.14 18.43
N LEU F 7 25.76 -20.63 19.47
CA LEU F 7 26.84 -19.63 19.33
C LEU F 7 28.19 -20.31 19.06
N ASP F 8 28.28 -21.64 19.22
CA ASP F 8 29.46 -22.45 18.80
C ASP F 8 28.95 -23.67 18.03
N PRO F 9 28.40 -23.49 16.81
CA PRO F 9 27.85 -24.60 16.04
C PRO F 9 28.95 -25.43 15.36
N LYS F 10 28.60 -26.62 14.90
CA LYS F 10 29.52 -27.55 14.19
C LYS F 10 29.08 -27.76 12.74
N GLY F 11 27.81 -27.51 12.41
CA GLY F 11 27.27 -27.57 11.03
C GLY F 11 27.39 -26.24 10.30
N GLN F 12 27.38 -26.29 8.97
CA GLN F 12 27.46 -25.09 8.09
C GLN F 12 26.22 -24.22 8.35
N ILE F 13 25.02 -24.79 8.18
CA ILE F 13 23.71 -24.06 8.31
C ILE F 13 23.70 -23.33 9.66
N GLY F 14 24.16 -24.00 10.72
CA GLY F 14 24.40 -23.39 12.04
C GLY F 14 25.29 -22.16 11.95
N LEU F 15 26.35 -22.22 11.13
CA LEU F 15 27.33 -21.11 11.00
C LEU F 15 26.66 -19.89 10.34
N GLU F 16 25.97 -20.05 9.21
CA GLU F 16 25.27 -18.90 8.55
C GLU F 16 24.19 -18.36 9.49
N GLN F 17 23.49 -19.23 10.23
CA GLN F 17 22.41 -18.82 11.15
C GLN F 17 23.00 -18.00 12.31
N ARG F 18 24.14 -18.43 12.86
CA ARG F 18 24.85 -17.69 13.94
C ARG F 18 25.29 -16.32 13.43
N SER F 19 25.87 -16.26 12.23
CA SER F 19 26.32 -15.00 11.56
C SER F 19 25.11 -14.06 11.42
N LEU F 20 23.97 -14.59 10.95
CA LEU F 20 22.72 -13.81 10.77
C LEU F 20 22.25 -13.28 12.11
N ILE F 21 22.24 -14.12 13.16
CA ILE F 21 21.81 -13.72 14.53
C ILE F 21 22.69 -12.55 14.99
N LEU F 22 24.01 -12.67 14.86
CA LEU F 22 24.98 -11.64 15.32
C LEU F 22 24.77 -10.33 14.54
N THR F 23 24.59 -10.40 13.21
CA THR F 23 24.38 -9.20 12.35
C THR F 23 23.10 -8.49 12.77
N ALA F 24 22.00 -9.24 12.97
CA ALA F 24 20.70 -8.72 13.41
C ALA F 24 20.86 -8.04 14.78
N PHE F 25 21.53 -8.71 15.72
CA PHE F 25 21.81 -8.21 17.09
C PHE F 25 22.51 -6.85 16.99
N GLY F 26 23.57 -6.78 16.18
CA GLY F 26 24.35 -5.55 15.94
C GLY F 26 23.49 -4.42 15.40
N LEU F 27 22.65 -4.71 14.40
CA LEU F 27 21.78 -3.70 13.73
C LEU F 27 20.76 -3.15 14.73
N MET F 28 20.14 -4.02 15.55
CA MET F 28 19.10 -3.59 16.52
C MET F 28 19.73 -2.83 17.70
N LEU F 29 20.98 -3.14 18.06
CA LEU F 29 21.67 -2.50 19.21
C LEU F 29 21.76 -0.98 18.97
N ILE F 30 22.06 -0.56 17.73
CA ILE F 30 22.35 0.85 17.35
C ILE F 30 21.15 1.73 17.74
N VAL F 31 19.94 1.17 17.82
CA VAL F 31 18.71 1.93 18.18
C VAL F 31 18.27 1.61 19.61
N VAL F 32 18.36 0.35 20.03
CA VAL F 32 17.86 -0.12 21.36
C VAL F 32 18.71 0.51 22.48
N ILE F 33 20.04 0.45 22.38
CA ILE F 33 20.97 0.94 23.44
C ILE F 33 20.70 2.43 23.70
N PRO F 34 20.65 3.32 22.68
CA PRO F 34 20.29 4.72 22.92
C PRO F 34 18.93 4.92 23.63
N ALA F 35 17.94 4.07 23.37
CA ALA F 35 16.59 4.17 23.99
C ALA F 35 16.73 4.03 25.52
N ILE F 36 17.42 2.97 25.97
CA ILE F 36 17.61 2.67 27.42
C ILE F 36 18.51 3.75 28.03
N LEU F 37 19.58 4.15 27.32
CA LEU F 37 20.54 5.18 27.80
C LEU F 37 19.79 6.51 28.01
N MET F 38 18.97 6.91 27.03
CA MET F 38 18.18 8.18 27.11
C MET F 38 17.13 8.07 28.22
N ALA F 39 16.52 6.89 28.40
CA ALA F 39 15.53 6.65 29.47
C ALA F 39 16.17 6.98 30.82
N VAL F 40 17.32 6.38 31.11
CA VAL F 40 18.07 6.54 32.39
C VAL F 40 18.55 8.00 32.49
N GLY F 41 19.11 8.54 31.40
CA GLY F 41 19.65 9.91 31.33
C GLY F 41 18.59 10.96 31.64
N PHE F 42 17.41 10.84 31.03
CA PHE F 42 16.30 11.81 31.21
C PHE F 42 15.66 11.61 32.58
N ALA F 43 15.62 10.38 33.10
CA ALA F 43 15.12 10.08 34.47
C ALA F 43 16.00 10.81 35.50
N TRP F 44 17.33 10.74 35.35
CA TRP F 44 18.29 11.29 36.34
C TRP F 44 18.45 12.80 36.16
N LYS F 45 18.82 13.25 34.96
CA LYS F 45 19.24 14.66 34.68
C LYS F 45 18.06 15.62 34.91
N TYR F 46 16.84 15.24 34.52
CA TYR F 46 15.66 16.13 34.52
C TYR F 46 14.67 15.71 35.61
N ARG F 47 15.17 15.30 36.79
CA ARG F 47 14.31 14.98 37.96
C ARG F 47 13.79 16.30 38.57
N ALA F 48 12.74 16.19 39.39
CA ALA F 48 12.09 17.32 40.10
C ALA F 48 13.10 18.04 41.02
N SER F 49 14.07 17.30 41.58
CA SER F 49 15.09 17.81 42.53
C SER F 49 16.01 18.84 41.86
N ASN F 50 16.38 18.63 40.60
CA ASN F 50 17.34 19.50 39.87
C ASN F 50 16.71 20.89 39.65
N LYS F 51 17.51 21.95 39.82
CA LYS F 51 17.07 23.36 39.65
C LYS F 51 17.66 23.95 38.36
N ASP F 52 18.85 23.52 37.95
CA ASP F 52 19.58 24.05 36.76
C ASP F 52 19.00 23.48 35.46
N ALA F 53 18.25 22.37 35.53
CA ALA F 53 17.66 21.67 34.36
C ALA F 53 16.63 22.59 33.68
N LYS F 54 16.66 22.66 32.35
CA LYS F 54 15.77 23.52 31.53
C LYS F 54 14.35 22.95 31.57
N TYR F 55 13.37 23.79 31.91
CA TYR F 55 11.94 23.43 32.04
C TYR F 55 11.17 23.99 30.83
N SER F 56 10.51 23.11 30.08
CA SER F 56 9.75 23.46 28.84
C SER F 56 8.35 22.87 28.90
N PRO F 57 7.40 23.47 29.68
CA PRO F 57 6.08 22.89 29.86
C PRO F 57 5.08 23.20 28.72
N ASN F 58 5.55 23.75 27.59
CA ASN F 58 4.70 24.08 26.42
C ASN F 58 5.33 23.55 25.11
N TRP F 59 6.59 23.11 25.12
CA TRP F 59 7.26 22.46 23.97
C TRP F 59 6.70 21.04 23.81
N SER F 60 5.68 20.88 22.97
CA SER F 60 4.84 19.65 22.86
C SER F 60 4.93 19.00 21.47
N HIS F 61 5.64 19.62 20.51
CA HIS F 61 5.86 19.07 19.15
C HIS F 61 7.17 19.61 18.57
N SER F 62 7.89 18.79 17.81
CA SER F 62 9.16 19.16 17.13
C SER F 62 9.30 18.35 15.83
N ASN F 63 9.39 19.05 14.71
CA ASN F 63 9.41 18.48 13.34
C ASN F 63 10.72 17.72 13.16
N LYS F 64 11.83 18.34 13.58
CA LYS F 64 13.19 17.74 13.59
C LYS F 64 13.19 16.45 14.40
N VAL F 65 12.69 16.50 15.64
CA VAL F 65 12.70 15.33 16.57
C VAL F 65 11.85 14.21 15.96
N GLU F 66 10.66 14.54 15.46
CA GLU F 66 9.72 13.56 14.87
C GLU F 66 10.37 12.89 13.64
N ALA F 67 11.02 13.68 12.78
CA ALA F 67 11.71 13.18 11.57
C ALA F 67 12.80 12.18 11.98
N VAL F 68 13.63 12.55 12.96
CA VAL F 68 14.74 11.71 13.49
C VAL F 68 14.14 10.41 14.06
N VAL F 69 13.05 10.53 14.85
CA VAL F 69 12.36 9.37 15.51
C VAL F 69 11.86 8.41 14.43
N TRP F 70 11.22 8.91 13.37
CA TRP F 70 10.58 8.06 12.33
C TRP F 70 11.65 7.41 11.44
N THR F 71 12.71 8.15 11.08
CA THR F 71 13.66 7.79 9.99
C THR F 71 14.48 6.55 10.37
N VAL F 72 15.13 6.57 11.55
CA VAL F 72 16.22 5.60 11.91
C VAL F 72 15.62 4.19 11.98
N PRO F 73 14.51 3.94 12.73
CA PRO F 73 13.83 2.64 12.68
C PRO F 73 13.51 2.14 11.26
N ILE F 74 13.00 3.03 10.40
CA ILE F 74 12.63 2.70 8.98
C ILE F 74 13.87 2.18 8.26
N LEU F 75 15.00 2.90 8.36
CA LEU F 75 16.27 2.53 7.68
C LEU F 75 16.78 1.18 8.22
N ILE F 76 16.78 1.00 9.55
CA ILE F 76 17.27 -0.25 10.20
C ILE F 76 16.40 -1.42 9.72
N ILE F 77 15.06 -1.25 9.71
CA ILE F 77 14.11 -2.31 9.25
C ILE F 77 14.35 -2.59 7.76
N ILE F 78 14.63 -1.57 6.94
CA ILE F 78 14.90 -1.74 5.47
C ILE F 78 16.13 -2.64 5.31
N PHE F 79 17.24 -2.31 5.96
CA PHE F 79 18.52 -3.06 5.84
C PHE F 79 18.30 -4.50 6.35
N LEU F 80 17.73 -4.67 7.54
CA LEU F 80 17.55 -6.00 8.17
C LEU F 80 16.52 -6.82 7.37
N ALA F 81 15.55 -6.17 6.70
CA ALA F 81 14.52 -6.85 5.88
C ALA F 81 15.16 -7.36 4.58
N VAL F 82 16.06 -6.58 3.97
CA VAL F 82 16.85 -7.02 2.78
C VAL F 82 17.67 -8.25 3.18
N LEU F 83 18.37 -8.17 4.31
CA LEU F 83 19.18 -9.30 4.87
C LEU F 83 18.26 -10.50 5.13
N THR F 84 17.07 -10.26 5.71
CA THR F 84 16.06 -11.30 6.03
C THR F 84 15.64 -12.02 4.74
N TRP F 85 15.29 -11.26 3.70
CA TRP F 85 14.86 -11.82 2.39
C TRP F 85 15.97 -12.72 1.84
N LYS F 86 17.21 -12.21 1.78
CA LYS F 86 18.38 -12.93 1.21
C LYS F 86 18.58 -14.24 1.97
N THR F 87 18.66 -14.17 3.31
CA THR F 87 18.96 -15.34 4.18
C THR F 87 17.82 -16.35 4.11
N THR F 88 16.56 -15.90 4.17
CA THR F 88 15.35 -16.77 4.15
C THR F 88 15.31 -17.55 2.84
N HIS F 89 15.59 -16.88 1.70
CA HIS F 89 15.64 -17.54 0.37
C HIS F 89 16.90 -18.41 0.26
N ALA F 90 17.91 -18.21 1.10
CA ALA F 90 19.20 -18.94 1.05
C ALA F 90 19.29 -20.00 2.17
N LEU F 91 18.36 -20.05 3.13
CA LEU F 91 18.43 -21.01 4.26
C LEU F 91 17.14 -21.84 4.36
N GLU F 92 16.41 -22.02 3.25
CA GLU F 92 15.19 -22.88 3.19
C GLU F 92 15.62 -24.32 3.44
N PRO F 93 15.12 -25.00 4.51
CA PRO F 93 15.38 -26.43 4.69
C PRO F 93 15.01 -27.30 3.47
N SER F 94 13.93 -26.95 2.76
CA SER F 94 13.50 -27.60 1.49
C SER F 94 14.35 -27.07 0.33
N LYS F 95 15.67 -27.19 0.42
CA LYS F 95 16.63 -26.73 -0.62
C LYS F 95 17.90 -27.57 -0.54
N PRO F 96 18.31 -28.26 -1.64
CA PRO F 96 19.51 -29.09 -1.61
C PRO F 96 20.79 -28.26 -1.40
N LEU F 97 21.71 -28.76 -0.58
CA LEU F 97 23.02 -28.13 -0.28
C LEU F 97 23.93 -28.23 -1.51
N ALA F 98 24.73 -27.19 -1.77
CA ALA F 98 25.75 -27.14 -2.85
C ALA F 98 27.06 -27.76 -2.32
N HIS F 99 27.36 -29.00 -2.71
CA HIS F 99 28.58 -29.75 -2.31
C HIS F 99 28.88 -30.86 -3.33
N ASP F 100 30.15 -31.24 -3.45
CA ASP F 100 30.64 -32.24 -4.42
C ASP F 100 30.08 -33.63 -4.08
N GLU F 101 30.14 -34.02 -2.80
CA GLU F 101 29.68 -35.34 -2.29
C GLU F 101 28.17 -35.47 -2.49
N LYS F 102 27.71 -36.65 -2.93
CA LYS F 102 26.26 -36.96 -3.13
C LYS F 102 25.59 -37.01 -1.77
N PRO F 103 24.37 -36.41 -1.61
CA PRO F 103 23.68 -36.42 -0.32
C PRO F 103 23.23 -37.83 0.09
N ILE F 104 23.22 -38.11 1.40
CA ILE F 104 22.76 -39.41 1.97
C ILE F 104 21.33 -39.22 2.47
N THR F 105 20.40 -40.03 1.98
CA THR F 105 18.95 -39.95 2.30
C THR F 105 18.67 -40.69 3.62
N ILE F 106 18.10 -39.99 4.59
CA ILE F 106 17.61 -40.57 5.88
C ILE F 106 16.11 -40.25 6.01
N GLU F 107 15.30 -41.26 6.30
CA GLU F 107 13.84 -41.11 6.53
C GLU F 107 13.59 -41.09 8.04
N VAL F 108 12.88 -40.09 8.54
CA VAL F 108 12.66 -39.88 10.00
C VAL F 108 11.16 -40.02 10.31
N VAL F 109 10.75 -41.21 10.75
CA VAL F 109 9.35 -41.46 11.23
C VAL F 109 9.33 -41.18 12.73
N SER F 110 8.38 -40.35 13.18
CA SER F 110 8.26 -39.90 14.59
C SER F 110 7.14 -40.67 15.30
N MET F 111 7.47 -41.82 15.89
CA MET F 111 6.53 -42.63 16.71
C MET F 111 6.26 -41.89 18.03
N ASP F 112 5.24 -42.34 18.77
CA ASP F 112 4.86 -41.80 20.10
C ASP F 112 6.04 -42.00 21.06
N TRP F 113 6.64 -40.89 21.51
CA TRP F 113 7.66 -40.83 22.60
C TRP F 113 8.92 -41.61 22.21
N LYS F 114 9.26 -41.65 20.92
CA LYS F 114 10.52 -42.26 20.41
C LYS F 114 10.78 -41.77 18.98
N TRP F 115 12.00 -41.96 18.49
CA TRP F 115 12.43 -41.57 17.12
C TRP F 115 12.79 -42.82 16.33
N PHE F 116 12.31 -42.91 15.08
CA PHE F 116 12.60 -44.03 14.14
C PHE F 116 13.27 -43.46 12.89
N PHE F 117 14.37 -44.09 12.46
CA PHE F 117 15.15 -43.67 11.27
C PHE F 117 15.34 -44.86 10.34
N ILE F 118 15.23 -44.60 9.03
CA ILE F 118 15.38 -45.63 7.96
C ILE F 118 16.43 -45.14 6.97
N TYR F 119 17.39 -46.00 6.64
CA TYR F 119 18.38 -45.80 5.55
C TYR F 119 17.95 -46.70 4.39
N PRO F 120 17.18 -46.18 3.40
CA PRO F 120 16.67 -47.02 2.32
C PRO F 120 17.77 -47.52 1.37
N GLU F 121 18.71 -46.65 1.00
CA GLU F 121 19.88 -46.98 0.14
C GLU F 121 20.71 -48.07 0.82
N GLN F 122 20.98 -47.93 2.12
CA GLN F 122 21.73 -48.93 2.93
C GLN F 122 20.78 -50.04 3.41
N GLY F 123 19.46 -49.78 3.39
CA GLY F 123 18.42 -50.76 3.76
C GLY F 123 18.54 -51.21 5.20
N ILE F 124 18.68 -50.27 6.14
CA ILE F 124 18.74 -50.53 7.61
C ILE F 124 17.74 -49.64 8.34
N ALA F 125 17.43 -49.96 9.59
CA ALA F 125 16.52 -49.17 10.46
C ALA F 125 17.15 -49.01 11.84
N THR F 126 16.93 -47.86 12.49
CA THR F 126 17.47 -47.54 13.83
C THR F 126 16.40 -46.84 14.68
N VAL F 127 16.53 -46.96 16.00
CA VAL F 127 15.65 -46.27 17.00
C VAL F 127 16.54 -45.45 17.92
N ASN F 128 16.38 -44.12 17.90
CA ASN F 128 17.05 -43.15 18.80
C ASN F 128 18.56 -43.08 18.51
N GLU F 129 18.96 -43.22 17.24
CA GLU F 129 20.38 -43.01 16.82
C GLU F 129 20.48 -42.90 15.29
N ILE F 130 21.35 -42.00 14.82
CA ILE F 130 21.71 -41.85 13.38
C ILE F 130 23.23 -41.76 13.27
N ALA F 131 23.76 -42.00 12.07
CA ALA F 131 25.19 -41.85 11.75
C ALA F 131 25.35 -41.44 10.28
N PHE F 132 26.32 -40.57 9.99
CA PHE F 132 26.63 -40.06 8.63
C PHE F 132 28.05 -39.51 8.61
N PRO F 133 28.83 -39.73 7.53
CA PRO F 133 30.20 -39.21 7.45
C PRO F 133 30.23 -37.67 7.48
N ALA F 134 31.26 -37.11 8.10
CA ALA F 134 31.50 -35.64 8.20
C ALA F 134 31.75 -35.06 6.80
N ASN F 135 31.42 -33.78 6.64
CA ASN F 135 31.61 -33.01 5.37
C ASN F 135 30.86 -33.71 4.23
N THR F 136 29.66 -34.23 4.51
CA THR F 136 28.76 -34.88 3.52
C THR F 136 27.33 -34.40 3.75
N PRO F 137 26.64 -33.85 2.72
CA PRO F 137 25.25 -33.44 2.86
C PRO F 137 24.34 -34.60 3.27
N VAL F 138 23.39 -34.33 4.17
CA VAL F 138 22.40 -35.33 4.67
C VAL F 138 21.00 -34.80 4.37
N TYR F 139 20.19 -35.60 3.69
CA TYR F 139 18.82 -35.24 3.21
C TYR F 139 17.81 -35.99 4.07
N PHE F 140 17.14 -35.27 4.98
CA PHE F 140 16.12 -35.83 5.90
C PHE F 140 14.74 -35.68 5.27
N LYS F 141 14.02 -36.80 5.11
CA LYS F 141 12.58 -36.84 4.77
C LYS F 141 11.82 -37.20 6.05
N VAL F 142 11.16 -36.22 6.66
CA VAL F 142 10.62 -36.33 8.05
C VAL F 142 9.09 -36.43 7.97
N THR F 143 8.52 -37.43 8.65
CA THR F 143 7.06 -37.58 8.86
C THR F 143 6.78 -38.07 10.28
N SER F 144 5.54 -37.95 10.72
CA SER F 144 5.05 -38.41 12.04
C SER F 144 4.11 -39.60 11.87
N ASN F 145 4.38 -40.70 12.57
CA ASN F 145 3.43 -41.84 12.69
C ASN F 145 2.21 -41.40 13.50
N SER F 146 2.32 -40.33 14.30
CA SER F 146 1.25 -39.91 15.26
C SER F 146 1.23 -38.38 15.38
N VAL F 147 0.82 -37.88 16.55
CA VAL F 147 0.77 -36.44 16.95
C VAL F 147 2.02 -35.70 16.45
N MET F 148 1.82 -34.43 16.05
CA MET F 148 2.87 -33.50 15.56
C MET F 148 4.11 -33.57 16.46
N ASN F 149 5.30 -33.60 15.86
CA ASN F 149 6.60 -33.49 16.56
C ASN F 149 7.47 -32.48 15.80
N SER F 150 8.70 -32.26 16.28
CA SER F 150 9.66 -31.32 15.65
C SER F 150 11.07 -31.91 15.67
N PHE F 151 11.56 -32.37 14.52
CA PHE F 151 12.95 -32.87 14.33
C PHE F 151 13.90 -31.68 14.48
N PHE F 152 14.90 -31.82 15.36
CA PHE F 152 15.84 -30.71 15.70
C PHE F 152 17.16 -31.24 16.21
N ILE F 153 18.26 -30.83 15.56
CA ILE F 153 19.66 -31.04 16.04
C ILE F 153 20.29 -29.66 16.21
N PRO F 154 20.33 -29.10 17.44
CA PRO F 154 20.69 -27.71 17.67
C PRO F 154 22.05 -27.28 17.06
N ARG F 155 23.07 -28.13 17.21
CA ARG F 155 24.46 -27.83 16.77
C ARG F 155 24.54 -27.83 15.24
N LEU F 156 23.84 -28.77 14.57
CA LEU F 156 23.94 -28.95 13.10
C LEU F 156 23.24 -27.78 12.38
N GLY F 157 22.03 -27.40 12.81
CA GLY F 157 21.30 -26.25 12.24
C GLY F 157 19.80 -26.33 12.42
N SER F 158 19.05 -26.01 11.36
CA SER F 158 17.59 -25.70 11.36
C SER F 158 16.77 -26.92 11.81
N GLN F 159 15.60 -26.66 12.40
CA GLN F 159 14.62 -27.69 12.81
C GLN F 159 13.50 -27.76 11.78
N ILE F 160 12.60 -28.74 11.91
CA ILE F 160 11.39 -28.89 11.05
C ILE F 160 10.29 -29.60 11.84
N TYR F 161 9.05 -29.53 11.35
CA TYR F 161 7.90 -30.28 11.93
C TYR F 161 7.77 -31.65 11.26
N ALA F 162 7.28 -32.62 12.04
CA ALA F 162 6.82 -33.95 11.58
C ALA F 162 5.30 -34.04 11.82
N MET F 163 4.54 -34.20 10.74
CA MET F 163 3.05 -34.26 10.78
C MET F 163 2.59 -35.55 10.09
N ALA F 164 1.47 -36.11 10.54
CA ALA F 164 0.93 -37.40 10.05
C ALA F 164 0.57 -37.27 8.57
N GLY F 165 1.04 -38.23 7.77
CA GLY F 165 0.72 -38.37 6.33
C GLY F 165 1.33 -37.28 5.47
N MET F 166 2.35 -36.57 5.97
CA MET F 166 3.02 -35.47 5.23
C MET F 166 4.53 -35.65 5.34
N GLN F 167 5.23 -35.69 4.18
CA GLN F 167 6.71 -35.72 4.09
C GLN F 167 7.21 -34.28 4.04
N THR F 168 8.16 -33.92 4.92
CA THR F 168 8.82 -32.59 4.93
C THR F 168 10.33 -32.79 4.72
N ARG F 169 10.94 -31.94 3.90
CA ARG F 169 12.35 -32.06 3.48
C ARG F 169 13.23 -31.15 4.35
N LEU F 170 14.44 -31.62 4.66
CA LEU F 170 15.47 -30.87 5.41
C LEU F 170 16.86 -31.31 4.93
N HIS F 171 17.84 -30.41 5.00
CA HIS F 171 19.24 -30.66 4.63
C HIS F 171 20.17 -30.20 5.75
N LEU F 172 21.14 -31.04 6.13
CA LEU F 172 22.16 -30.72 7.17
C LEU F 172 23.51 -31.34 6.81
N ILE F 173 24.58 -30.59 7.01
CA ILE F 173 25.99 -31.04 6.78
C ILE F 173 26.80 -30.71 8.04
N ALA F 174 27.66 -31.64 8.46
CA ALA F 174 28.52 -31.52 9.66
C ALA F 174 29.96 -31.25 9.20
N ASN F 175 30.55 -30.14 9.67
CA ASN F 175 31.93 -29.73 9.32
C ASN F 175 32.94 -30.45 10.22
N GLU F 176 32.56 -30.78 11.45
CA GLU F 176 33.47 -31.39 12.46
C GLU F 176 32.91 -32.75 12.88
N PRO F 177 33.71 -33.84 12.82
CA PRO F 177 33.25 -35.15 13.30
C PRO F 177 33.04 -35.16 14.83
N GLY F 178 32.05 -35.92 15.29
CA GLY F 178 31.75 -36.10 16.73
C GLY F 178 30.30 -36.49 16.98
N THR F 179 29.90 -36.49 18.26
CA THR F 179 28.53 -36.85 18.71
C THR F 179 27.77 -35.57 19.06
N TYR F 180 26.57 -35.40 18.50
CA TYR F 180 25.69 -34.23 18.74
C TYR F 180 24.34 -34.71 19.27
N ASP F 181 23.72 -33.92 20.16
CA ASP F 181 22.41 -34.22 20.78
C ASP F 181 21.31 -33.78 19.83
N GLY F 182 20.21 -34.54 19.78
CA GLY F 182 19.00 -34.26 18.99
C GLY F 182 17.76 -34.47 19.83
N ILE F 183 16.83 -33.49 19.81
CA ILE F 183 15.60 -33.50 20.65
C ILE F 183 14.38 -33.28 19.77
N SER F 184 13.19 -33.28 20.38
CA SER F 184 11.92 -32.85 19.78
C SER F 184 11.58 -31.45 20.30
N ALA F 185 11.23 -30.53 19.40
CA ALA F 185 10.92 -29.12 19.73
C ALA F 185 9.40 -28.87 19.67
N SER F 186 8.58 -29.93 19.73
CA SER F 186 7.09 -29.83 19.77
C SER F 186 6.54 -30.83 20.78
N TYR F 187 5.82 -30.35 21.80
CA TYR F 187 5.28 -31.16 22.91
C TYR F 187 4.25 -32.16 22.34
N SER F 188 4.55 -33.46 22.46
CA SER F 188 3.75 -34.57 21.89
C SER F 188 2.98 -35.35 22.98
N GLY F 189 3.25 -35.11 24.27
CA GLY F 189 2.53 -35.78 25.37
C GLY F 189 3.42 -36.11 26.56
N PRO F 190 2.99 -37.02 27.46
CA PRO F 190 3.74 -37.34 28.69
C PRO F 190 5.20 -37.75 28.45
N GLY F 191 5.45 -38.54 27.39
CA GLY F 191 6.79 -39.07 27.06
C GLY F 191 7.61 -38.14 26.17
N PHE F 192 7.18 -36.88 25.98
CA PHE F 192 7.82 -35.90 25.08
C PHE F 192 9.27 -35.64 25.53
N SER F 193 9.49 -35.56 26.84
CA SER F 193 10.83 -35.42 27.48
C SER F 193 11.74 -36.59 27.05
N GLY F 194 11.15 -37.78 26.88
CA GLY F 194 11.87 -39.01 26.48
C GLY F 194 12.58 -38.89 25.15
N MET F 195 11.97 -38.21 24.17
CA MET F 195 12.49 -38.09 22.78
C MET F 195 13.87 -37.44 22.80
N LYS F 196 14.92 -38.25 22.70
CA LYS F 196 16.34 -37.83 22.68
C LYS F 196 17.15 -38.84 21.85
N PHE F 197 17.97 -38.37 20.92
CA PHE F 197 18.82 -39.22 20.05
C PHE F 197 20.20 -38.59 19.88
N LYS F 198 21.13 -39.35 19.30
CA LYS F 198 22.54 -38.93 19.08
C LYS F 198 22.84 -39.02 17.58
N ALA F 199 23.40 -37.94 17.02
CA ALA F 199 23.91 -37.89 15.62
C ALA F 199 25.43 -38.06 15.65
N ILE F 200 25.93 -39.14 15.06
CA ILE F 200 27.39 -39.45 15.02
C ILE F 200 27.94 -39.08 13.63
N ALA F 201 28.65 -37.96 13.55
CA ALA F 201 29.40 -37.54 12.34
C ALA F 201 30.76 -38.26 12.36
N THR F 202 30.88 -39.36 11.62
CA THR F 202 32.10 -40.20 11.62
C THR F 202 33.23 -39.42 10.94
N PRO F 203 34.50 -39.55 11.39
CA PRO F 203 35.63 -38.89 10.74
C PRO F 203 35.78 -39.20 9.24
N ASP F 204 35.47 -40.45 8.83
CA ASP F 204 35.61 -40.90 7.43
C ASP F 204 34.44 -41.81 7.04
N ARG F 205 34.38 -42.19 5.76
CA ARG F 205 33.32 -43.08 5.21
C ARG F 205 33.42 -44.46 5.87
N ALA F 206 34.64 -44.98 6.03
CA ALA F 206 34.91 -46.37 6.49
C ALA F 206 34.22 -46.63 7.82
N ALA F 207 34.27 -45.67 8.76
CA ALA F 207 33.60 -45.75 10.07
C ALA F 207 32.08 -45.85 9.87
N PHE F 208 31.53 -45.10 8.91
CA PHE F 208 30.07 -45.13 8.58
C PHE F 208 29.70 -46.52 8.05
N ASP F 209 30.53 -47.11 7.18
CA ASP F 209 30.28 -48.47 6.62
C ASP F 209 30.36 -49.50 7.76
N GLN F 210 31.30 -49.33 8.70
CA GLN F 210 31.45 -50.23 9.88
C GLN F 210 30.18 -50.16 10.73
N TRP F 211 29.66 -48.95 10.97
CA TRP F 211 28.40 -48.72 11.74
C TRP F 211 27.23 -49.38 11.02
N VAL F 212 27.15 -49.22 9.70
CA VAL F 212 26.07 -49.81 8.84
C VAL F 212 26.14 -51.34 8.95
N ALA F 213 27.34 -51.91 8.85
CA ALA F 213 27.58 -53.37 8.95
C ALA F 213 27.16 -53.86 10.35
N LYS F 214 27.48 -53.12 11.40
CA LYS F 214 27.11 -53.46 12.80
C LYS F 214 25.58 -53.49 12.91
N ALA F 215 24.89 -52.49 12.34
CA ALA F 215 23.41 -52.43 12.31
C ALA F 215 22.87 -53.63 11.50
N LYS F 216 23.56 -54.03 10.43
CA LYS F 216 23.15 -55.18 9.57
C LYS F 216 23.21 -56.49 10.37
N GLN F 217 24.01 -56.57 11.45
CA GLN F 217 24.18 -57.80 12.27
C GLN F 217 23.05 -57.94 13.30
N SER F 218 22.12 -56.96 13.41
CA SER F 218 20.97 -57.01 14.35
C SER F 218 20.11 -58.23 14.05
N PRO F 219 19.75 -59.07 15.05
CA PRO F 219 18.84 -60.20 14.84
C PRO F 219 17.43 -59.79 14.39
N ASN F 220 17.01 -58.57 14.72
CA ASN F 220 15.63 -58.06 14.47
C ASN F 220 15.53 -57.54 13.03
N THR F 221 14.37 -57.73 12.41
CA THR F 221 14.07 -57.32 11.02
C THR F 221 12.74 -56.54 11.00
N MET F 222 12.66 -55.55 10.12
CA MET F 222 11.44 -54.72 9.89
C MET F 222 11.01 -54.91 8.43
N SER F 223 10.32 -56.01 8.15
CA SER F 223 9.94 -56.45 6.78
C SER F 223 8.44 -56.23 6.50
N ASP F 224 7.61 -56.09 7.54
CA ASP F 224 6.13 -55.99 7.38
C ASP F 224 5.58 -54.89 8.28
N MET F 225 4.39 -54.40 7.95
CA MET F 225 3.66 -53.35 8.70
C MET F 225 3.30 -53.86 10.10
N ALA F 226 3.10 -55.17 10.28
CA ALA F 226 2.75 -55.77 11.59
C ALA F 226 3.89 -55.53 12.59
N ALA F 227 5.14 -55.75 12.17
CA ALA F 227 6.36 -55.51 13.00
C ALA F 227 6.47 -54.00 13.31
N PHE F 228 6.20 -53.15 12.32
CA PHE F 228 6.23 -51.67 12.47
C PHE F 228 5.22 -51.24 13.54
N GLU F 229 3.98 -51.76 13.47
CA GLU F 229 2.89 -51.45 14.42
C GLU F 229 3.25 -51.99 15.81
N LYS F 230 3.88 -53.16 15.88
CA LYS F 230 4.33 -53.77 17.17
C LYS F 230 5.35 -52.84 17.82
N LEU F 231 6.29 -52.30 17.05
CA LEU F 231 7.29 -51.32 17.54
C LEU F 231 6.57 -50.01 17.90
N ALA F 232 5.53 -49.63 17.15
CA ALA F 232 4.82 -48.33 17.28
C ALA F 232 3.93 -48.30 18.53
N ALA F 233 3.89 -49.36 19.33
CA ALA F 233 3.16 -49.41 20.62
C ALA F 233 3.64 -48.27 21.52
N PRO F 234 2.74 -47.57 22.25
CA PRO F 234 3.14 -46.49 23.17
C PRO F 234 4.16 -46.97 24.21
N SER F 235 5.39 -46.45 24.13
CA SER F 235 6.52 -46.75 25.04
C SER F 235 7.29 -45.47 25.35
N GLU F 236 8.03 -45.45 26.46
CA GLU F 236 8.70 -44.23 27.00
C GLU F 236 10.18 -44.53 27.27
N TYR F 237 11.05 -43.58 26.94
CA TYR F 237 12.53 -43.65 27.13
C TYR F 237 13.08 -44.90 26.44
N ASN F 238 12.70 -45.10 25.17
CA ASN F 238 13.14 -46.26 24.35
C ASN F 238 14.66 -46.19 24.16
N GLN F 239 15.33 -47.33 24.33
CA GLN F 239 16.80 -47.47 24.13
C GLN F 239 17.11 -47.49 22.63
N VAL F 240 18.40 -47.32 22.28
CA VAL F 240 18.88 -47.38 20.87
C VAL F 240 18.66 -48.81 20.36
N GLU F 241 17.98 -48.96 19.21
CA GLU F 241 17.71 -50.30 18.60
C GLU F 241 18.14 -50.29 17.13
N TYR F 242 18.40 -51.48 16.59
CA TYR F 242 18.84 -51.72 15.19
C TYR F 242 17.93 -52.76 14.53
N PHE F 243 17.74 -52.66 13.22
CA PHE F 243 16.95 -53.61 12.39
C PHE F 243 17.65 -53.79 11.05
N SER F 244 17.95 -55.04 10.69
CA SER F 244 18.79 -55.41 9.52
C SER F 244 17.98 -55.26 8.22
N ASN F 245 16.89 -56.01 8.10
CA ASN F 245 16.07 -56.11 6.86
C ASN F 245 14.93 -55.09 6.95
N VAL F 246 14.82 -54.24 5.92
CA VAL F 246 13.77 -53.16 5.84
C VAL F 246 12.99 -53.33 4.53
N LYS F 247 11.68 -53.16 4.60
CA LYS F 247 10.78 -53.17 3.40
C LYS F 247 11.26 -52.05 2.47
N PRO F 248 11.40 -52.32 1.15
CA PRO F 248 11.88 -51.30 0.19
C PRO F 248 11.15 -49.96 0.27
N ASP F 249 9.82 -49.99 0.39
CA ASP F 249 8.95 -48.78 0.52
C ASP F 249 8.19 -48.88 1.84
N LEU F 250 8.82 -48.45 2.94
CA LEU F 250 8.21 -48.41 4.30
C LEU F 250 7.70 -47.00 4.58
N PHE F 251 8.48 -45.96 4.24
CA PHE F 251 8.14 -44.53 4.43
C PHE F 251 6.85 -44.21 3.68
N ALA F 252 6.77 -44.65 2.42
CA ALA F 252 5.58 -44.51 1.53
C ALA F 252 4.35 -45.13 2.20
N ASP F 253 4.48 -46.35 2.73
CA ASP F 253 3.38 -47.09 3.40
C ASP F 253 2.97 -46.33 4.67
N VAL F 254 3.94 -45.80 5.43
CA VAL F 254 3.67 -45.04 6.69
C VAL F 254 2.84 -43.80 6.32
N ILE F 255 3.20 -43.07 5.26
CA ILE F 255 2.44 -41.87 4.80
C ILE F 255 1.06 -42.32 4.31
N ASN F 256 0.99 -43.38 3.51
CA ASN F 256 -0.27 -43.85 2.86
C ASN F 256 -1.21 -44.46 3.91
N LYS F 257 -0.73 -44.76 5.12
CA LYS F 257 -1.58 -45.17 6.28
C LYS F 257 -2.72 -44.16 6.47
N PHE F 258 -2.46 -42.87 6.26
CA PHE F 258 -3.44 -41.77 6.43
C PHE F 258 -4.07 -41.37 5.08
N MET F 259 -3.77 -42.12 4.01
CA MET F 259 -4.29 -41.89 2.63
C MET F 259 -4.02 -40.43 2.23
N ALA F 260 -2.74 -40.08 2.08
CA ALA F 260 -2.26 -38.74 1.66
C ALA F 260 -0.95 -38.88 0.89
N ALA G 1 -31.23 7.33 21.21
CA ALA G 1 -31.13 6.04 21.97
C ALA G 1 -31.13 4.85 21.00
N GLY G 2 -32.09 4.81 20.07
CA GLY G 2 -32.21 3.77 19.03
C GLY G 2 -30.96 3.71 18.16
N GLY G 3 -30.38 4.86 17.83
CA GLY G 3 -29.16 4.99 16.99
C GLY G 3 -28.02 4.16 17.53
N THR G 4 -27.71 4.30 18.83
CA THR G 4 -26.60 3.59 19.51
C THR G 4 -26.82 2.07 19.42
N LYS G 5 -28.04 1.61 19.71
CA LYS G 5 -28.40 0.16 19.69
C LYS G 5 -28.25 -0.40 18.27
N ILE G 6 -28.74 0.34 17.26
CA ILE G 6 -28.68 -0.08 15.82
C ILE G 6 -27.20 -0.15 15.41
N PHE G 7 -26.40 0.84 15.78
CA PHE G 7 -24.94 0.91 15.46
C PHE G 7 -24.23 -0.28 16.11
N GLY G 8 -24.56 -0.59 17.36
CA GLY G 8 -24.02 -1.75 18.11
C GLY G 8 -24.33 -3.06 17.41
N PHE G 9 -25.58 -3.21 16.95
CA PHE G 9 -26.03 -4.43 16.24
C PHE G 9 -25.31 -4.53 14.89
N TRP G 10 -25.07 -3.39 14.24
CA TRP G 10 -24.31 -3.32 12.96
C TRP G 10 -22.87 -3.83 13.19
N ILE G 11 -22.24 -3.40 14.28
CA ILE G 11 -20.85 -3.83 14.63
C ILE G 11 -20.87 -5.33 14.95
N TYR G 12 -21.90 -5.82 15.64
CA TYR G 12 -22.08 -7.27 15.92
C TYR G 12 -22.20 -8.04 14.60
N LEU G 13 -22.94 -7.50 13.62
CA LEU G 13 -23.09 -8.15 12.28
C LEU G 13 -21.73 -8.17 11.56
N MET G 14 -20.89 -7.14 11.76
CA MET G 14 -19.55 -7.09 11.15
C MET G 14 -18.68 -8.20 11.78
N SER G 15 -18.77 -8.36 13.11
CA SER G 15 -18.13 -9.48 13.85
C SER G 15 -18.60 -10.82 13.28
N ASP G 16 -19.90 -10.94 13.01
CA ASP G 16 -20.54 -12.17 12.46
C ASP G 16 -20.04 -12.39 11.01
N CYS G 17 -19.82 -11.32 10.25
CA CYS G 17 -19.21 -11.39 8.89
C CYS G 17 -17.84 -12.06 8.99
N ILE G 18 -17.02 -11.66 9.98
CA ILE G 18 -15.69 -12.27 10.24
C ILE G 18 -15.90 -13.74 10.57
N LEU G 19 -16.88 -14.04 11.45
CA LEU G 19 -17.21 -15.41 11.91
C LEU G 19 -17.49 -16.31 10.69
N PHE G 20 -18.31 -15.84 9.74
CA PHE G 20 -18.72 -16.63 8.54
C PHE G 20 -17.55 -16.72 7.55
N SER G 21 -16.72 -15.67 7.45
CA SER G 21 -15.55 -15.66 6.53
C SER G 21 -14.56 -16.76 6.94
N ILE G 22 -14.39 -16.98 8.24
CA ILE G 22 -13.49 -18.05 8.77
C ILE G 22 -14.02 -19.41 8.32
N LEU G 23 -15.33 -19.65 8.45
CA LEU G 23 -15.98 -20.93 8.02
C LEU G 23 -15.83 -21.09 6.50
N PHE G 24 -15.98 -20.01 5.74
CA PHE G 24 -15.82 -20.00 4.26
C PHE G 24 -14.39 -20.44 3.89
N ALA G 25 -13.38 -19.88 4.55
CA ALA G 25 -11.96 -20.22 4.34
C ALA G 25 -11.73 -21.70 4.67
N THR G 26 -12.28 -22.17 5.80
CA THR G 26 -12.16 -23.58 6.26
C THR G 26 -12.75 -24.51 5.19
N TYR G 27 -13.94 -24.19 4.67
CA TYR G 27 -14.63 -24.99 3.63
C TYR G 27 -13.78 -24.99 2.34
N ALA G 28 -13.25 -23.83 1.95
CA ALA G 28 -12.45 -23.65 0.71
C ALA G 28 -11.20 -24.53 0.78
N VAL G 29 -10.57 -24.62 1.94
CA VAL G 29 -9.34 -25.46 2.16
C VAL G 29 -9.74 -26.94 2.07
N LEU G 30 -10.87 -27.33 2.67
CA LEU G 30 -11.30 -28.75 2.80
C LEU G 30 -12.33 -29.13 1.72
N VAL G 31 -12.42 -28.37 0.62
CA VAL G 31 -13.40 -28.64 -0.48
C VAL G 31 -13.06 -29.99 -1.15
N ASN G 32 -11.78 -30.31 -1.29
CA ASN G 32 -11.30 -31.58 -1.93
C ASN G 32 -10.93 -32.61 -0.84
N GLY G 33 -11.30 -32.35 0.42
CA GLY G 33 -10.93 -33.18 1.58
C GLY G 33 -11.44 -34.61 1.45
N THR G 34 -12.64 -34.80 0.87
CA THR G 34 -13.33 -36.12 0.78
C THR G 34 -12.40 -37.16 0.12
N ALA G 35 -12.26 -38.32 0.76
CA ALA G 35 -11.46 -39.46 0.28
C ALA G 35 -12.33 -40.73 0.32
N GLY G 36 -12.52 -41.37 -0.84
CA GLY G 36 -13.42 -42.52 -1.03
C GLY G 36 -14.82 -42.24 -0.51
N GLY G 37 -15.37 -41.07 -0.84
CA GLY G 37 -16.69 -40.60 -0.39
C GLY G 37 -17.37 -39.70 -1.41
N PRO G 38 -18.62 -39.26 -1.16
CA PRO G 38 -19.34 -38.39 -2.09
C PRO G 38 -18.65 -37.03 -2.26
N THR G 39 -18.69 -36.49 -3.49
CA THR G 39 -18.13 -35.17 -3.86
C THR G 39 -19.28 -34.16 -4.00
N GLY G 40 -18.95 -32.91 -4.34
CA GLY G 40 -19.93 -31.84 -4.59
C GLY G 40 -20.92 -32.22 -5.68
N LYS G 41 -20.41 -32.78 -6.78
CA LYS G 41 -21.21 -33.14 -8.00
C LYS G 41 -22.19 -34.27 -7.67
N ASP G 42 -21.87 -35.16 -6.72
CA ASP G 42 -22.61 -36.42 -6.49
C ASP G 42 -23.88 -36.19 -5.66
N ILE G 43 -23.90 -35.21 -4.75
CA ILE G 43 -24.98 -35.07 -3.73
C ILE G 43 -25.77 -33.76 -3.89
N PHE G 44 -25.21 -32.71 -4.49
CA PHE G 44 -25.86 -31.38 -4.57
C PHE G 44 -26.94 -31.41 -5.64
N GLU G 45 -28.21 -31.29 -5.21
CA GLU G 45 -29.40 -31.13 -6.07
C GLU G 45 -29.66 -29.63 -6.24
N LEU G 46 -29.49 -29.11 -7.46
CA LEU G 46 -29.58 -27.65 -7.77
C LEU G 46 -31.02 -27.15 -7.67
N PRO G 47 -32.06 -27.86 -8.18
CA PRO G 47 -33.45 -27.43 -7.99
C PRO G 47 -33.84 -27.15 -6.52
N PHE G 48 -33.40 -28.02 -5.60
CA PHE G 48 -33.67 -27.90 -4.14
C PHE G 48 -33.07 -26.58 -3.62
N VAL G 49 -31.83 -26.29 -4.02
CA VAL G 49 -31.09 -25.06 -3.60
C VAL G 49 -31.78 -23.85 -4.21
N LEU G 50 -32.26 -23.94 -5.45
CA LEU G 50 -32.99 -22.85 -6.15
C LEU G 50 -34.27 -22.53 -5.38
N VAL G 51 -35.02 -23.56 -4.95
CA VAL G 51 -36.29 -23.40 -4.18
C VAL G 51 -35.96 -22.74 -2.84
N GLU G 52 -34.91 -23.20 -2.16
CA GLU G 52 -34.43 -22.64 -0.86
C GLU G 52 -34.14 -21.15 -1.05
N THR G 53 -33.38 -20.79 -2.09
CA THR G 53 -32.94 -19.39 -2.37
C THR G 53 -34.16 -18.51 -2.61
N PHE G 54 -35.10 -18.96 -3.44
CA PHE G 54 -36.33 -18.18 -3.76
C PHE G 54 -37.18 -17.98 -2.50
N LEU G 55 -37.32 -19.00 -1.66
CA LEU G 55 -38.16 -18.90 -0.44
C LEU G 55 -37.49 -17.94 0.56
N LEU G 56 -36.17 -17.98 0.72
CA LEU G 56 -35.45 -17.06 1.64
C LEU G 56 -35.55 -15.62 1.09
N LEU G 57 -35.46 -15.44 -0.23
CA LEU G 57 -35.59 -14.12 -0.89
C LEU G 57 -37.02 -13.59 -0.66
N PHE G 58 -38.03 -14.45 -0.76
CA PHE G 58 -39.45 -14.09 -0.47
C PHE G 58 -39.56 -13.64 0.99
N SER G 59 -38.89 -14.35 1.90
CA SER G 59 -38.82 -14.01 3.34
C SER G 59 -38.27 -12.58 3.49
N SER G 60 -37.15 -12.28 2.83
CA SER G 60 -36.48 -10.95 2.88
C SER G 60 -37.44 -9.87 2.39
N ILE G 61 -38.10 -10.09 1.26
CA ILE G 61 -39.03 -9.09 0.62
C ILE G 61 -40.21 -8.85 1.57
N THR G 62 -40.79 -9.92 2.13
CA THR G 62 -41.96 -9.82 3.06
C THR G 62 -41.54 -9.03 4.29
N TYR G 63 -40.34 -9.27 4.83
CA TYR G 63 -39.86 -8.55 6.04
C TYR G 63 -39.65 -7.06 5.70
N GLY G 64 -39.13 -6.77 4.51
CA GLY G 64 -38.99 -5.40 3.97
C GLY G 64 -40.34 -4.68 3.94
N MET G 65 -41.37 -5.38 3.46
CA MET G 65 -42.77 -4.86 3.41
C MET G 65 -43.24 -4.61 4.85
N ALA G 66 -42.87 -5.48 5.80
CA ALA G 66 -43.18 -5.32 7.25
C ALA G 66 -42.55 -4.02 7.76
N ALA G 67 -41.29 -3.74 7.41
CA ALA G 67 -40.55 -2.52 7.82
C ALA G 67 -41.26 -1.28 7.25
N ILE G 68 -41.67 -1.34 5.97
CA ILE G 68 -42.41 -0.23 5.30
C ILE G 68 -43.72 0.01 6.06
N ALA G 69 -44.47 -1.04 6.37
CA ALA G 69 -45.75 -0.99 7.11
C ALA G 69 -45.54 -0.37 8.49
N MET G 70 -44.42 -0.69 9.15
CA MET G 70 -44.06 -0.15 10.49
C MET G 70 -43.82 1.36 10.35
N TYR G 71 -43.13 1.78 9.29
CA TYR G 71 -42.97 3.22 8.92
C TYR G 71 -44.35 3.84 8.65
N LYS G 72 -45.34 3.04 8.23
CA LYS G 72 -46.73 3.52 7.93
C LYS G 72 -47.59 3.52 9.20
N ASN G 73 -47.03 3.15 10.36
CA ASN G 73 -47.68 3.20 11.70
C ASN G 73 -48.94 2.33 11.70
N ASN G 74 -48.87 1.15 11.07
CA ASN G 74 -49.97 0.14 11.07
C ASN G 74 -49.48 -1.12 11.80
N LYS G 75 -50.31 -1.69 12.68
CA LYS G 75 -49.99 -2.88 13.51
C LYS G 75 -50.33 -4.16 12.75
N SER G 76 -51.55 -4.26 12.22
CA SER G 76 -52.11 -5.48 11.58
C SER G 76 -51.23 -5.88 10.38
N GLN G 77 -50.86 -4.90 9.55
CA GLN G 77 -50.03 -5.10 8.33
C GLN G 77 -48.67 -5.68 8.75
N VAL G 78 -48.04 -5.09 9.78
CA VAL G 78 -46.71 -5.54 10.30
C VAL G 78 -46.85 -6.98 10.80
N ILE G 79 -47.90 -7.29 11.56
CA ILE G 79 -48.16 -8.65 12.12
C ILE G 79 -48.28 -9.64 10.97
N SER G 80 -49.08 -9.34 9.94
CA SER G 80 -49.35 -10.22 8.78
C SER G 80 -48.05 -10.47 8.01
N TRP G 81 -47.29 -9.41 7.71
CA TRP G 81 -46.00 -9.50 6.97
C TRP G 81 -44.99 -10.32 7.77
N LEU G 82 -44.91 -10.10 9.09
CA LEU G 82 -43.99 -10.87 9.99
C LEU G 82 -44.39 -12.35 9.99
N ALA G 83 -45.69 -12.66 10.02
CA ALA G 83 -46.22 -14.04 9.99
C ALA G 83 -45.79 -14.71 8.68
N LEU G 84 -45.93 -14.02 7.56
CA LEU G 84 -45.58 -14.55 6.21
C LEU G 84 -44.06 -14.78 6.15
N THR G 85 -43.26 -13.84 6.66
CA THR G 85 -41.78 -13.94 6.72
C THR G 85 -41.40 -15.17 7.55
N TRP G 86 -42.00 -15.33 8.72
CA TRP G 86 -41.71 -16.47 9.64
C TRP G 86 -42.07 -17.79 8.95
N LEU G 87 -43.19 -17.82 8.21
CA LEU G 87 -43.64 -19.03 7.47
C LEU G 87 -42.59 -19.41 6.42
N PHE G 88 -42.10 -18.42 5.65
CA PHE G 88 -41.05 -18.64 4.61
C PHE G 88 -39.77 -19.17 5.27
N GLY G 89 -39.34 -18.55 6.37
CA GLY G 89 -38.16 -18.97 7.14
C GLY G 89 -38.29 -20.39 7.66
N ALA G 90 -39.48 -20.73 8.18
CA ALA G 90 -39.80 -22.09 8.70
C ALA G 90 -39.69 -23.11 7.56
N GLY G 91 -40.21 -22.78 6.38
CA GLY G 91 -40.11 -23.60 5.16
C GLY G 91 -38.66 -23.86 4.78
N PHE G 92 -37.84 -22.81 4.79
CA PHE G 92 -36.38 -22.86 4.45
C PHE G 92 -35.69 -23.81 5.44
N ILE G 93 -35.94 -23.63 6.74
CA ILE G 93 -35.34 -24.44 7.83
C ILE G 93 -35.80 -25.90 7.67
N GLY G 94 -37.08 -26.11 7.34
CA GLY G 94 -37.66 -27.45 7.08
C GLY G 94 -36.89 -28.17 5.99
N MET G 95 -36.66 -27.50 4.86
CA MET G 95 -35.92 -28.06 3.69
C MET G 95 -34.48 -28.39 4.11
N GLU G 96 -33.82 -27.50 4.85
CA GLU G 96 -32.42 -27.71 5.32
C GLU G 96 -32.37 -28.95 6.23
N ILE G 97 -33.31 -29.07 7.18
CA ILE G 97 -33.38 -30.22 8.13
C ILE G 97 -33.63 -31.50 7.33
N TYR G 98 -34.53 -31.47 6.34
CA TYR G 98 -34.85 -32.63 5.48
C TYR G 98 -33.59 -33.07 4.73
N GLU G 99 -32.84 -32.12 4.17
CA GLU G 99 -31.59 -32.40 3.40
C GLU G 99 -30.57 -33.05 4.34
N PHE G 100 -30.38 -32.50 5.54
CA PHE G 100 -29.43 -33.03 6.55
C PHE G 100 -29.84 -34.45 6.95
N HIS G 101 -31.13 -34.68 7.20
CA HIS G 101 -31.67 -36.01 7.58
C HIS G 101 -31.40 -37.02 6.46
N HIS G 102 -31.69 -36.64 5.21
CA HIS G 102 -31.46 -37.49 4.01
C HIS G 102 -29.98 -37.85 3.90
N LEU G 103 -29.09 -36.88 4.09
CA LEU G 103 -27.62 -37.08 4.02
C LEU G 103 -27.17 -38.04 5.12
N ILE G 104 -27.65 -37.86 6.35
CA ILE G 104 -27.21 -38.64 7.54
C ILE G 104 -27.69 -40.09 7.40
N VAL G 105 -28.97 -40.29 7.05
CA VAL G 105 -29.60 -41.64 6.93
C VAL G 105 -28.86 -42.45 5.86
N ASN G 106 -28.44 -41.81 4.76
CA ASN G 106 -27.78 -42.47 3.60
C ASN G 106 -26.28 -42.72 3.89
N GLY G 107 -25.83 -42.58 5.15
CA GLY G 107 -24.43 -42.79 5.56
C GLY G 107 -23.49 -41.80 4.88
N MET G 108 -23.88 -40.52 4.84
CA MET G 108 -23.05 -39.42 4.27
C MET G 108 -23.02 -38.26 5.28
N GLY G 109 -22.92 -38.60 6.57
CA GLY G 109 -22.97 -37.63 7.69
C GLY G 109 -21.67 -36.83 7.80
N PRO G 110 -21.54 -35.93 8.82
CA PRO G 110 -20.33 -35.13 9.00
C PRO G 110 -19.10 -35.94 9.46
N ASP G 111 -19.29 -37.22 9.83
CA ASP G 111 -18.21 -38.11 10.34
C ASP G 111 -17.62 -38.95 9.20
N ARG G 112 -18.02 -38.70 7.93
CA ARG G 112 -17.62 -39.52 6.76
C ARG G 112 -16.35 -38.94 6.13
N SER G 113 -16.24 -37.62 5.97
CA SER G 113 -15.10 -36.95 5.30
C SER G 113 -14.95 -35.50 5.74
N GLY G 114 -13.77 -34.92 5.50
CA GLY G 114 -13.44 -33.50 5.75
C GLY G 114 -14.38 -32.57 4.98
N PHE G 115 -14.62 -32.89 3.71
CA PHE G 115 -15.50 -32.09 2.81
C PHE G 115 -16.92 -32.06 3.41
N LEU G 116 -17.47 -33.22 3.77
CA LEU G 116 -18.84 -33.34 4.33
C LEU G 116 -18.89 -32.59 5.68
N SER G 117 -17.84 -32.70 6.50
CA SER G 117 -17.76 -32.03 7.82
C SER G 117 -17.83 -30.51 7.63
N ALA G 118 -17.04 -29.96 6.69
CA ALA G 118 -16.97 -28.51 6.40
C ALA G 118 -18.31 -28.03 5.85
N PHE G 119 -18.90 -28.79 4.92
CA PHE G 119 -20.23 -28.49 4.32
C PHE G 119 -21.27 -28.40 5.43
N PHE G 120 -21.32 -29.41 6.30
CA PHE G 120 -22.27 -29.49 7.45
C PHE G 120 -22.06 -28.29 8.37
N ALA G 121 -20.80 -27.97 8.69
CA ALA G 121 -20.43 -26.86 9.60
C ALA G 121 -21.00 -25.54 9.05
N LEU G 122 -20.71 -25.22 7.79
CA LEU G 122 -21.10 -23.92 7.18
C LEU G 122 -22.62 -23.83 7.09
N VAL G 123 -23.27 -24.82 6.51
CA VAL G 123 -24.75 -24.79 6.25
C VAL G 123 -25.47 -24.85 7.61
N GLY G 124 -24.96 -25.63 8.56
CA GLY G 124 -25.48 -25.74 9.94
C GLY G 124 -25.40 -24.42 10.68
N THR G 125 -24.27 -23.72 10.58
CA THR G 125 -24.07 -22.38 11.21
C THR G 125 -25.12 -21.42 10.65
N HIS G 126 -25.32 -21.41 9.33
CA HIS G 126 -26.36 -20.60 8.65
C HIS G 126 -27.74 -21.00 9.17
N GLY G 127 -27.99 -22.30 9.34
CA GLY G 127 -29.28 -22.84 9.83
C GLY G 127 -29.60 -22.36 11.23
N LEU G 128 -28.63 -22.45 12.14
CA LEU G 128 -28.78 -21.97 13.54
C LEU G 128 -29.01 -20.45 13.55
N HIS G 129 -28.31 -19.71 12.68
CA HIS G 129 -28.49 -18.25 12.52
C HIS G 129 -29.94 -17.96 12.11
N VAL G 130 -30.46 -18.69 11.11
CA VAL G 130 -31.83 -18.47 10.57
C VAL G 130 -32.86 -18.83 11.65
N THR G 131 -32.64 -19.92 12.40
CA THR G 131 -33.60 -20.39 13.44
C THR G 131 -33.58 -19.41 14.61
N SER G 132 -32.43 -18.80 14.91
CA SER G 132 -32.31 -17.71 15.93
C SER G 132 -33.14 -16.51 15.47
N GLY G 133 -33.03 -16.15 14.19
CA GLY G 133 -33.88 -15.11 13.55
C GLY G 133 -35.36 -15.43 13.68
N LEU G 134 -35.73 -16.70 13.51
CA LEU G 134 -37.15 -17.16 13.59
C LEU G 134 -37.65 -17.03 15.03
N ILE G 135 -36.86 -17.44 16.02
CA ILE G 135 -37.22 -17.33 17.47
C ILE G 135 -37.36 -15.85 17.80
N TRP G 136 -36.47 -15.00 17.27
CA TRP G 136 -36.49 -13.53 17.48
C TRP G 136 -37.79 -12.96 16.89
N MET G 137 -38.20 -13.41 15.70
CA MET G 137 -39.47 -12.99 15.06
C MET G 137 -40.65 -13.39 15.95
N ALA G 138 -40.65 -14.62 16.48
CA ALA G 138 -41.72 -15.16 17.34
C ALA G 138 -41.88 -14.27 18.58
N VAL G 139 -40.78 -13.99 19.28
CA VAL G 139 -40.80 -13.18 20.53
C VAL G 139 -41.21 -11.74 20.18
N LEU G 140 -40.74 -11.22 19.03
CA LEU G 140 -41.04 -9.82 18.61
C LEU G 140 -42.53 -9.69 18.28
N MET G 141 -43.12 -10.68 17.60
CA MET G 141 -44.56 -10.67 17.23
C MET G 141 -45.42 -10.74 18.49
N VAL G 142 -45.08 -11.63 19.44
CA VAL G 142 -45.87 -11.81 20.69
C VAL G 142 -45.72 -10.55 21.55
N GLN G 143 -44.59 -9.83 21.44
CA GLN G 143 -44.37 -8.53 22.14
C GLN G 143 -45.23 -7.44 21.47
N ILE G 144 -45.26 -7.39 20.13
CA ILE G 144 -46.04 -6.36 19.37
C ILE G 144 -47.53 -6.54 19.71
N ALA G 145 -48.03 -7.77 19.71
CA ALA G 145 -49.46 -8.09 19.93
C ALA G 145 -49.94 -7.56 21.30
N ARG G 146 -49.05 -7.46 22.29
CA ARG G 146 -49.42 -7.09 23.69
C ARG G 146 -48.85 -5.72 24.10
N ARG G 147 -47.98 -5.09 23.31
CA ARG G 147 -47.34 -3.80 23.69
C ARG G 147 -47.61 -2.70 22.66
N GLY G 148 -47.81 -3.06 21.38
CA GLY G 148 -47.98 -2.10 20.28
C GLY G 148 -46.64 -1.63 19.73
N LEU G 149 -46.66 -0.71 18.77
CA LEU G 149 -45.44 -0.16 18.10
C LEU G 149 -44.85 0.94 18.98
N THR G 150 -43.96 0.58 19.91
CA THR G 150 -43.21 1.52 20.78
C THR G 150 -41.81 1.76 20.19
N SER G 151 -41.06 2.70 20.76
CA SER G 151 -39.68 3.07 20.33
C SER G 151 -38.78 1.84 20.42
N THR G 152 -38.84 1.11 21.55
CA THR G 152 -38.07 -0.15 21.78
C THR G 152 -38.41 -1.17 20.70
N ASN G 153 -39.71 -1.33 20.39
CA ASN G 153 -40.21 -2.28 19.37
C ASN G 153 -39.66 -1.88 17.99
N ARG G 154 -39.67 -0.57 17.67
CA ARG G 154 -39.15 -0.05 16.38
C ARG G 154 -37.65 -0.36 16.27
N THR G 155 -36.89 -0.12 17.34
CA THR G 155 -35.43 -0.39 17.41
C THR G 155 -35.19 -1.89 17.17
N ARG G 156 -35.96 -2.76 17.84
CA ARG G 156 -35.85 -4.24 17.70
C ARG G 156 -36.15 -4.64 16.25
N ILE G 157 -37.18 -4.05 15.64
CA ILE G 157 -37.58 -4.35 14.23
C ILE G 157 -36.42 -3.95 13.30
N MET G 158 -35.81 -2.79 13.50
CA MET G 158 -34.65 -2.31 12.69
C MET G 158 -33.48 -3.29 12.83
N CYS G 159 -33.16 -3.71 14.06
CA CYS G 159 -32.06 -4.66 14.36
C CYS G 159 -32.33 -5.99 13.65
N LEU G 160 -33.57 -6.50 13.72
CA LEU G 160 -33.97 -7.78 13.09
C LEU G 160 -33.92 -7.64 11.56
N SER G 161 -34.26 -6.46 11.02
CA SER G 161 -34.13 -6.14 9.57
C SER G 161 -32.67 -6.32 9.14
N LEU G 162 -31.75 -5.67 9.86
CA LEU G 162 -30.29 -5.75 9.59
C LEU G 162 -29.85 -7.22 9.62
N PHE G 163 -30.26 -7.95 10.67
CA PHE G 163 -29.89 -9.38 10.89
C PHE G 163 -30.37 -10.23 9.72
N TRP G 164 -31.64 -10.08 9.32
CA TRP G 164 -32.29 -10.95 8.31
C TRP G 164 -31.67 -10.71 6.93
N HIS G 165 -31.48 -9.44 6.54
CA HIS G 165 -30.88 -9.06 5.24
C HIS G 165 -29.43 -9.55 5.20
N PHE G 166 -28.70 -9.44 6.31
CA PHE G 166 -27.32 -9.96 6.45
C PHE G 166 -27.32 -11.47 6.20
N LEU G 167 -28.27 -12.19 6.79
CA LEU G 167 -28.38 -13.68 6.63
C LEU G 167 -28.63 -13.99 5.15
N ASP G 168 -29.48 -13.21 4.47
CA ASP G 168 -29.80 -13.45 3.03
C ASP G 168 -28.54 -13.24 2.20
N VAL G 169 -27.75 -12.20 2.50
CA VAL G 169 -26.45 -11.91 1.82
C VAL G 169 -25.50 -13.10 2.02
N VAL G 170 -25.40 -13.59 3.26
CA VAL G 170 -24.51 -14.74 3.61
C VAL G 170 -24.97 -15.97 2.80
N TRP G 171 -26.28 -16.20 2.70
CA TRP G 171 -26.84 -17.34 1.93
C TRP G 171 -26.51 -17.20 0.44
N ILE G 172 -26.52 -15.97 -0.09
CA ILE G 172 -26.13 -15.70 -1.51
C ILE G 172 -24.69 -16.20 -1.68
N CYS G 173 -23.78 -15.76 -0.81
CA CYS G 173 -22.36 -16.17 -0.82
C CYS G 173 -22.26 -17.69 -0.68
N VAL G 174 -23.08 -18.30 0.19
CA VAL G 174 -23.04 -19.76 0.49
C VAL G 174 -23.38 -20.54 -0.79
N PHE G 175 -24.51 -20.24 -1.43
CA PHE G 175 -25.00 -21.01 -2.61
C PHE G 175 -24.06 -20.76 -3.79
N THR G 176 -23.45 -19.56 -3.87
CA THR G 176 -22.45 -19.23 -4.93
C THR G 176 -21.22 -20.11 -4.76
N VAL G 177 -20.68 -20.19 -3.54
CA VAL G 177 -19.36 -20.83 -3.26
C VAL G 177 -19.56 -22.35 -3.12
N VAL G 178 -20.50 -22.79 -2.28
CA VAL G 178 -20.64 -24.21 -1.88
C VAL G 178 -21.44 -24.97 -2.95
N TYR G 179 -22.71 -24.60 -3.15
CA TYR G 179 -23.69 -25.41 -3.92
C TYR G 179 -23.41 -25.25 -5.42
N LEU G 180 -23.52 -24.02 -5.94
CA LEU G 180 -23.49 -23.75 -7.40
C LEU G 180 -22.10 -24.07 -7.98
N MET G 181 -21.04 -23.59 -7.32
CA MET G 181 -19.64 -23.79 -7.79
C MET G 181 -19.27 -25.27 -7.69
N GLY G 182 -19.70 -25.96 -6.62
CA GLY G 182 -19.43 -27.40 -6.40
C GLY G 182 -20.01 -28.25 -7.52
N ALA G 183 -21.25 -27.99 -7.92
CA ALA G 183 -22.01 -28.78 -8.91
C ALA G 183 -21.53 -28.47 -10.35
N MET G 184 -20.69 -27.43 -10.53
CA MET G 184 -20.13 -27.01 -11.84
C MET G 184 -19.36 -28.17 -12.47
N SER H 1 -38.54 3.49 -0.01
CA SER H 1 -39.90 3.33 -0.61
C SER H 1 -40.13 1.88 -1.06
N VAL H 2 -41.36 1.54 -1.43
CA VAL H 2 -41.75 0.23 -2.02
C VAL H 2 -41.01 0.04 -3.36
N LYS H 3 -40.83 1.14 -4.12
CA LYS H 3 -40.25 1.13 -5.49
C LYS H 3 -38.84 0.51 -5.45
N THR H 4 -37.97 0.99 -4.55
CA THR H 4 -36.56 0.53 -4.44
C THR H 4 -36.53 -0.96 -4.06
N TYR H 5 -37.41 -1.38 -3.14
CA TYR H 5 -37.51 -2.80 -2.68
C TYR H 5 -37.94 -3.68 -3.86
N MET H 6 -38.94 -3.25 -4.64
CA MET H 6 -39.42 -4.00 -5.83
C MET H 6 -38.29 -4.09 -6.87
N THR H 7 -37.55 -3.00 -7.10
CA THR H 7 -36.43 -2.96 -8.06
C THR H 7 -35.36 -3.96 -7.62
N GLY H 8 -34.96 -3.92 -6.34
CA GLY H 8 -34.03 -4.88 -5.73
C GLY H 8 -34.50 -6.31 -5.90
N PHE H 9 -35.79 -6.57 -5.67
CA PHE H 9 -36.41 -7.91 -5.79
C PHE H 9 -36.25 -8.41 -7.23
N ILE H 10 -36.55 -7.57 -8.22
CA ILE H 10 -36.48 -7.93 -9.66
C ILE H 10 -35.03 -8.24 -10.03
N LEU H 11 -34.09 -7.36 -9.64
CA LEU H 11 -32.63 -7.54 -9.93
C LEU H 11 -32.14 -8.84 -9.27
N SER H 12 -32.58 -9.12 -8.03
CA SER H 12 -32.21 -10.35 -7.29
C SER H 12 -32.73 -11.58 -8.03
N ILE H 13 -33.97 -11.54 -8.52
CA ILE H 13 -34.59 -12.66 -9.29
C ILE H 13 -33.71 -12.94 -10.52
N ILE H 14 -33.32 -11.89 -11.26
CA ILE H 14 -32.53 -12.00 -12.51
C ILE H 14 -31.15 -12.59 -12.17
N LEU H 15 -30.48 -12.01 -11.16
CA LEU H 15 -29.09 -12.38 -10.77
C LEU H 15 -29.05 -13.74 -10.07
N THR H 16 -30.19 -14.31 -9.69
CA THR H 16 -30.28 -15.69 -9.13
C THR H 16 -30.62 -16.68 -10.26
N VAL H 17 -31.56 -16.33 -11.14
CA VAL H 17 -32.05 -17.21 -12.23
C VAL H 17 -30.90 -17.49 -13.22
N ILE H 18 -30.19 -16.45 -13.66
CA ILE H 18 -29.19 -16.53 -14.77
C ILE H 18 -28.09 -17.52 -14.38
N PRO H 19 -27.38 -17.37 -13.24
CA PRO H 19 -26.32 -18.33 -12.86
C PRO H 19 -26.80 -19.78 -12.77
N PHE H 20 -27.96 -20.01 -12.17
CA PHE H 20 -28.56 -21.36 -12.00
C PHE H 20 -28.78 -22.00 -13.38
N TRP H 21 -29.47 -21.29 -14.28
CA TRP H 21 -29.75 -21.77 -15.65
C TRP H 21 -28.44 -22.03 -16.41
N MET H 22 -27.45 -21.16 -16.25
CA MET H 22 -26.15 -21.25 -16.96
C MET H 22 -25.41 -22.50 -16.50
N VAL H 23 -25.40 -22.79 -15.20
CA VAL H 23 -24.63 -23.93 -14.61
C VAL H 23 -25.28 -25.25 -15.01
N MET H 24 -26.61 -25.35 -14.88
CA MET H 24 -27.40 -26.59 -15.12
C MET H 24 -27.33 -27.02 -16.60
N THR H 25 -26.96 -26.12 -17.52
CA THR H 25 -26.97 -26.38 -18.99
C THR H 25 -25.56 -26.43 -19.57
N GLY H 26 -24.53 -25.97 -18.85
CA GLY H 26 -23.14 -25.90 -19.34
C GLY H 26 -23.04 -25.09 -20.62
N ALA H 27 -23.59 -23.87 -20.61
CA ALA H 27 -23.80 -23.02 -21.80
C ALA H 27 -22.51 -22.30 -22.24
N ALA H 28 -21.38 -22.50 -21.54
CA ALA H 28 -20.10 -21.79 -21.82
C ALA H 28 -18.91 -22.61 -21.32
N SER H 29 -17.70 -22.05 -21.44
CA SER H 29 -16.45 -22.63 -20.88
C SER H 29 -16.51 -22.54 -19.35
N PRO H 30 -15.94 -23.52 -18.61
CA PRO H 30 -16.00 -23.52 -17.14
C PRO H 30 -15.43 -22.24 -16.50
N ALA H 31 -14.35 -21.70 -17.07
CA ALA H 31 -13.72 -20.42 -16.65
C ALA H 31 -14.76 -19.30 -16.65
N VAL H 32 -15.51 -19.16 -17.75
CA VAL H 32 -16.59 -18.14 -17.90
C VAL H 32 -17.70 -18.45 -16.90
N ILE H 33 -18.10 -19.72 -16.80
CA ILE H 33 -19.23 -20.18 -15.92
C ILE H 33 -18.86 -19.92 -14.45
N LEU H 34 -17.56 -19.79 -14.12
CA LEU H 34 -17.09 -19.45 -12.75
C LEU H 34 -17.04 -17.92 -12.57
N GLY H 35 -16.31 -17.23 -13.45
CA GLY H 35 -16.09 -15.77 -13.38
C GLY H 35 -17.41 -15.01 -13.34
N THR H 36 -18.32 -15.33 -14.26
CA THR H 36 -19.62 -14.63 -14.45
C THR H 36 -20.50 -14.84 -13.22
N ILE H 37 -20.56 -16.06 -12.67
CA ILE H 37 -21.44 -16.35 -11.49
C ILE H 37 -20.86 -15.63 -10.26
N LEU H 38 -19.54 -15.57 -10.11
CA LEU H 38 -18.89 -14.82 -9.00
C LEU H 38 -19.23 -13.33 -9.13
N ALA H 39 -19.12 -12.77 -10.35
CA ALA H 39 -19.42 -11.35 -10.65
C ALA H 39 -20.89 -11.06 -10.30
N MET H 40 -21.81 -11.91 -10.76
CA MET H 40 -23.27 -11.74 -10.53
C MET H 40 -23.57 -11.86 -9.04
N ALA H 41 -22.87 -12.76 -8.33
CA ALA H 41 -23.04 -12.98 -6.88
C ALA H 41 -22.66 -11.70 -6.12
N VAL H 42 -21.51 -11.11 -6.44
CA VAL H 42 -21.00 -9.90 -5.71
C VAL H 42 -21.89 -8.70 -6.08
N VAL H 43 -22.33 -8.61 -7.34
CA VAL H 43 -23.29 -7.57 -7.80
C VAL H 43 -24.60 -7.80 -7.03
N GLN H 44 -25.07 -9.05 -7.05
CA GLN H 44 -26.28 -9.49 -6.34
C GLN H 44 -26.06 -9.23 -4.84
N VAL H 45 -24.85 -9.44 -4.34
CA VAL H 45 -24.55 -9.08 -2.92
C VAL H 45 -24.82 -7.58 -2.78
N LEU H 46 -24.21 -6.78 -3.66
CA LEU H 46 -24.39 -5.30 -3.67
C LEU H 46 -25.87 -4.96 -3.87
N VAL H 47 -26.58 -5.70 -4.73
CA VAL H 47 -28.00 -5.41 -5.03
C VAL H 47 -28.79 -5.41 -3.72
N HIS H 48 -28.69 -6.47 -2.93
CA HIS H 48 -29.47 -6.61 -1.67
C HIS H 48 -29.11 -5.46 -0.72
N LEU H 49 -27.81 -5.16 -0.60
CA LEU H 49 -27.31 -4.09 0.31
C LEU H 49 -27.82 -2.73 -0.19
N VAL H 50 -27.78 -2.50 -1.51
CA VAL H 50 -28.14 -1.17 -2.11
C VAL H 50 -29.63 -0.91 -1.89
N CYS H 51 -30.50 -1.90 -2.11
CA CYS H 51 -31.98 -1.71 -2.11
C CYS H 51 -32.58 -2.12 -0.76
N PHE H 52 -32.59 -3.41 -0.45
CA PHE H 52 -33.29 -3.95 0.74
C PHE H 52 -32.73 -3.28 2.00
N LEU H 53 -31.41 -3.24 2.16
CA LEU H 53 -30.77 -2.70 3.38
C LEU H 53 -31.06 -1.21 3.52
N HIS H 54 -31.37 -0.75 4.74
CA HIS H 54 -31.64 0.68 5.07
C HIS H 54 -31.28 0.97 6.52
N MET H 55 -30.63 2.11 6.76
CA MET H 55 -30.23 2.55 8.12
C MET H 55 -31.08 3.76 8.49
N ASN H 56 -31.83 3.69 9.60
CA ASN H 56 -32.92 4.64 9.95
C ASN H 56 -32.41 6.08 10.11
N THR H 57 -31.44 6.29 10.99
CA THR H 57 -30.90 7.64 11.27
C THR H 57 -30.30 8.16 9.96
N LYS H 58 -29.52 7.31 9.28
CA LYS H 58 -28.65 7.72 8.14
C LYS H 58 -27.59 8.67 8.70
N SER H 59 -27.52 8.83 10.03
CA SER H 59 -26.82 9.96 10.69
C SER H 59 -25.31 9.82 10.46
N ASP H 60 -24.74 8.66 10.76
CA ASP H 60 -23.31 8.36 10.50
C ASP H 60 -23.24 7.73 9.10
N GLU H 61 -23.67 8.46 8.07
CA GLU H 61 -23.57 7.90 6.71
C GLU H 61 -22.09 7.69 6.35
N GLY H 62 -21.22 8.63 6.73
CA GLY H 62 -19.76 8.45 6.67
C GLY H 62 -19.31 7.24 7.48
N TRP H 63 -19.77 7.15 8.73
CA TRP H 63 -19.27 6.13 9.70
C TRP H 63 -19.74 4.74 9.25
N ASN H 64 -21.00 4.39 9.48
CA ASN H 64 -21.47 3.00 9.25
C ASN H 64 -20.81 2.43 7.98
N MET H 65 -20.74 3.20 6.89
CA MET H 65 -20.08 2.76 5.63
C MET H 65 -18.58 2.45 5.86
N THR H 66 -17.88 3.27 6.65
CA THR H 66 -16.44 3.05 6.97
C THR H 66 -16.29 1.72 7.71
N ALA H 67 -17.15 1.46 8.70
CA ALA H 67 -17.17 0.17 9.42
C ALA H 67 -17.32 -0.95 8.39
N PHE H 68 -18.27 -0.82 7.46
CA PHE H 68 -18.52 -1.90 6.46
C PHE H 68 -17.25 -2.11 5.64
N VAL H 69 -16.61 -1.04 5.18
CA VAL H 69 -15.41 -1.13 4.30
C VAL H 69 -14.30 -1.86 5.08
N PHE H 70 -14.06 -1.48 6.34
CA PHE H 70 -12.98 -2.09 7.16
C PHE H 70 -13.28 -3.58 7.32
N THR H 71 -14.53 -3.96 7.59
CA THR H 71 -14.92 -5.39 7.83
C THR H 71 -14.53 -6.21 6.61
N VAL H 72 -14.48 -5.61 5.42
CA VAL H 72 -14.12 -6.30 4.15
C VAL H 72 -12.60 -6.53 4.14
N LEU H 73 -11.80 -5.46 4.23
CA LEU H 73 -10.31 -5.54 4.15
C LEU H 73 -9.80 -6.70 5.01
N ILE H 74 -10.32 -6.84 6.24
CA ILE H 74 -9.93 -7.93 7.19
C ILE H 74 -10.28 -9.29 6.56
N ILE H 75 -11.47 -9.42 5.96
CA ILE H 75 -11.93 -10.68 5.30
C ILE H 75 -11.00 -10.99 4.14
N ALA H 76 -10.71 -9.99 3.29
CA ALA H 76 -9.84 -10.12 2.10
C ALA H 76 -8.43 -10.51 2.54
N ILE H 77 -7.98 -10.07 3.72
CA ILE H 77 -6.68 -10.50 4.33
C ILE H 77 -6.80 -11.97 4.74
N LEU H 78 -7.77 -12.29 5.61
CA LEU H 78 -7.84 -13.60 6.32
C LEU H 78 -8.08 -14.74 5.31
N VAL H 79 -9.12 -14.63 4.48
CA VAL H 79 -9.54 -15.71 3.53
C VAL H 79 -8.41 -15.96 2.53
N VAL H 80 -7.93 -14.89 1.87
CA VAL H 80 -6.89 -14.99 0.79
C VAL H 80 -5.60 -15.55 1.42
N GLY H 81 -5.20 -15.00 2.58
CA GLY H 81 -4.03 -15.47 3.35
C GLY H 81 -4.10 -16.96 3.64
N SER H 82 -5.21 -17.41 4.22
CA SER H 82 -5.45 -18.83 4.60
C SER H 82 -5.35 -19.71 3.36
N ILE H 83 -6.05 -19.35 2.29
CA ILE H 83 -6.08 -20.13 1.01
C ILE H 83 -4.66 -20.23 0.45
N TRP H 84 -3.94 -19.11 0.37
CA TRP H 84 -2.56 -19.03 -0.20
C TRP H 84 -1.61 -19.89 0.65
N ILE H 85 -1.64 -19.71 1.98
CA ILE H 85 -0.75 -20.43 2.94
C ILE H 85 -1.00 -21.93 2.81
N MET H 86 -2.26 -22.37 2.78
CA MET H 86 -2.62 -23.81 2.72
C MET H 86 -2.27 -24.38 1.34
N TRP H 87 -2.43 -23.61 0.26
CA TRP H 87 -2.02 -24.03 -1.11
C TRP H 87 -0.51 -24.33 -1.08
N ASN H 88 0.29 -23.41 -0.55
CA ASN H 88 1.76 -23.54 -0.44
C ASN H 88 2.11 -24.73 0.47
N LEU H 89 1.43 -24.85 1.62
CA LEU H 89 1.71 -25.91 2.63
C LEU H 89 1.32 -27.29 2.09
N ASN H 90 0.35 -27.37 1.16
CA ASN H 90 -0.08 -28.66 0.55
C ASN H 90 0.85 -29.01 -0.62
N TYR H 91 1.33 -28.01 -1.36
CA TYR H 91 2.25 -28.20 -2.51
C TYR H 91 3.63 -28.69 -2.01
N ASN H 92 4.01 -28.37 -0.77
CA ASN H 92 5.37 -28.65 -0.23
C ASN H 92 5.42 -29.97 0.54
N MET H 93 4.30 -30.70 0.66
CA MET H 93 4.25 -31.99 1.39
C MET H 93 3.84 -33.15 0.48
N MET H 94 3.62 -32.91 -0.82
CA MET H 94 3.28 -33.98 -1.80
C MET H 94 4.51 -34.90 -1.98
N MET H 95 4.27 -36.20 -2.17
CA MET H 95 5.34 -37.23 -2.32
C MET H 95 6.06 -37.00 -3.65
N HIS H 96 7.02 -36.08 -3.68
CA HIS H 96 7.88 -35.75 -4.84
C HIS H 96 9.33 -35.56 -4.38
#